data_6OLJ
#
_entry.id   6OLJ
#
_entity_poly.entity_id   1
_entity_poly.type   'polypeptide(L)'
_entity_poly.pdbx_seq_one_letter_code
;MGSSHHHHHHSSGLVPRGSHMQASRLGELLVRNNVITKEQLAKALEEQKSADGQQRLGSILIKNGLISEPDLTSFLSKQY
GVPSINLSEFEAEQAVVKIIPADVAQKYQIVPVNRAGSTLIIAMADPSNIFAIDDIKFMTGYNVEVVVASESAIKAAIDK
YYDQSASLADVMGDLEMDDLEVIDTDDEVDVSSLERATEDAPVVKLVNLILTDAIKRKASDIHIEPYERSFRVRYRIDGV
LYEVMKPPLKLKNAITSRIKIMAELDIAERRLPQDGRIKIKLGGGQDMDYRVSVLPTLFGEKVVLRLLDKSNLQLDMTKL
GYEPDALHYFKEAIHKPFGMVLVTGPTGSGKTVSLYSALGELNKTTENISTAEDPVEFNFAGINQVQMHEDIGLNFAAAL
RSFLRQDPDIIMIGEIRDFETAEIAIKAALTGHLVLSTLHTNDAPATINRLLNMGVEPFLVASAVNLITAQRLARRVCSE
CKQPEEIPIQALIDAGVSPDEAPSYVCYKGTGCVKCNNTGYKGRVGFYQVMPMLEEIRELILNGANTAEIKRESMRLGIK
TMRQSGLTKLKEGVTSFEEVLRVTVADD
;
_entity_poly.pdbx_strand_id   C,A,B,D,E,F
#
# COMPACT_ATOMS: atom_id res chain seq x y z
N PRO A 202 -30.79 -51.19 19.29
CA PRO A 202 -31.24 -49.85 19.70
C PRO A 202 -30.68 -48.70 18.87
N VAL A 203 -29.37 -48.57 18.66
CA VAL A 203 -28.94 -47.38 17.94
C VAL A 203 -29.40 -47.43 16.48
N VAL A 204 -29.33 -48.58 15.81
CA VAL A 204 -29.84 -48.66 14.44
C VAL A 204 -31.32 -48.34 14.35
N LYS A 205 -32.13 -48.93 15.24
CA LYS A 205 -33.57 -48.60 15.26
C LYS A 205 -33.78 -47.17 15.65
N LEU A 206 -33.00 -46.69 16.61
CA LEU A 206 -33.17 -45.32 17.07
C LEU A 206 -32.86 -44.36 15.94
N VAL A 207 -31.81 -44.64 15.18
CA VAL A 207 -31.47 -43.80 14.03
C VAL A 207 -32.60 -43.85 13.03
N ASN A 208 -33.21 -45.02 12.87
CA ASN A 208 -34.34 -45.10 11.98
C ASN A 208 -35.51 -44.27 12.52
N LEU A 209 -35.66 -44.22 13.84
CA LEU A 209 -36.70 -43.39 14.44
C LEU A 209 -36.41 -41.94 14.14
N ILE A 210 -35.14 -41.57 14.23
CA ILE A 210 -34.69 -40.22 13.96
C ILE A 210 -34.98 -39.86 12.51
N LEU A 211 -34.77 -40.80 11.60
CA LEU A 211 -34.98 -40.56 10.18
C LEU A 211 -36.45 -40.48 9.83
N THR A 212 -37.24 -41.37 10.40
CA THR A 212 -38.66 -41.45 10.10
C THR A 212 -39.48 -40.37 10.79
N ASP A 213 -39.14 -40.02 12.03
CA ASP A 213 -39.87 -38.98 12.73
C ASP A 213 -39.76 -37.66 12.00
N ALA A 214 -38.64 -37.44 11.33
CA ALA A 214 -38.50 -36.21 10.55
C ALA A 214 -39.51 -36.19 9.45
N ILE A 215 -39.73 -37.35 8.83
CA ILE A 215 -40.77 -37.45 7.82
C ILE A 215 -42.12 -37.24 8.48
N LYS A 216 -42.31 -37.85 9.65
CA LYS A 216 -43.57 -37.73 10.35
C LYS A 216 -43.78 -36.30 10.80
N ARG A 217 -42.70 -35.65 11.24
CA ARG A 217 -42.76 -34.29 11.73
C ARG A 217 -42.56 -33.26 10.64
N LYS A 218 -42.38 -33.67 9.39
CA LYS A 218 -42.16 -32.71 8.30
C LYS A 218 -40.88 -31.91 8.53
N ALA A 219 -39.84 -32.57 9.03
CA ALA A 219 -38.57 -31.89 9.22
C ALA A 219 -37.79 -31.79 7.91
N SER A 220 -37.00 -30.72 7.81
CA SER A 220 -36.14 -30.49 6.65
C SER A 220 -34.69 -30.91 6.90
N ASP A 221 -34.26 -30.92 8.16
CA ASP A 221 -32.90 -31.24 8.52
C ASP A 221 -32.94 -31.99 9.83
N ILE A 222 -31.99 -32.91 9.98
CA ILE A 222 -31.81 -33.70 11.19
C ILE A 222 -30.40 -33.44 11.72
N HIS A 223 -30.32 -33.13 13.02
CA HIS A 223 -29.05 -32.88 13.70
C HIS A 223 -28.94 -33.90 14.82
N ILE A 224 -27.88 -34.70 14.80
CA ILE A 224 -27.62 -35.72 15.83
C ILE A 224 -26.34 -35.33 16.54
N GLU A 225 -26.49 -34.92 17.79
CA GLU A 225 -25.48 -34.14 18.50
C GLU A 225 -25.04 -34.82 19.78
N PRO A 226 -23.80 -35.32 19.86
CA PRO A 226 -23.27 -35.79 21.13
C PRO A 226 -22.62 -34.64 21.88
N TYR A 227 -22.84 -34.62 23.19
CA TYR A 227 -22.18 -33.65 24.06
C TYR A 227 -21.46 -34.29 25.23
N GLU A 228 -20.98 -33.44 26.14
CA GLU A 228 -20.21 -33.94 27.27
C GLU A 228 -21.13 -34.70 28.19
N ARG A 229 -22.29 -34.11 28.42
CA ARG A 229 -23.30 -34.57 29.34
C ARG A 229 -24.64 -34.81 28.68
N SER A 230 -24.72 -34.71 27.35
CA SER A 230 -26.00 -34.89 26.68
C SER A 230 -25.82 -35.44 25.27
N PHE A 231 -26.94 -35.90 24.72
CA PHE A 231 -27.06 -36.43 23.37
C PHE A 231 -28.47 -36.13 22.89
N ARG A 232 -28.60 -35.50 21.73
CA ARG A 232 -29.91 -35.03 21.30
C ARG A 232 -30.08 -35.14 19.79
N VAL A 233 -31.35 -35.19 19.39
CA VAL A 233 -31.74 -35.11 17.98
C VAL A 233 -32.62 -33.87 17.80
N ARG A 234 -32.30 -33.05 16.80
CA ARG A 234 -33.06 -31.84 16.51
C ARG A 234 -33.57 -31.87 15.07
N TYR A 235 -34.86 -31.53 14.89
CA TYR A 235 -35.48 -31.35 13.58
C TYR A 235 -35.70 -29.89 13.24
N ARG A 236 -35.42 -29.52 11.98
CA ARG A 236 -35.83 -28.20 11.48
C ARG A 236 -37.21 -28.28 10.81
N ILE A 237 -38.20 -27.62 11.43
CA ILE A 237 -39.60 -27.63 10.98
C ILE A 237 -40.01 -26.19 10.68
N ASP A 238 -40.33 -25.92 9.42
CA ASP A 238 -40.71 -24.58 8.94
C ASP A 238 -39.65 -23.54 9.27
N GLY A 239 -38.39 -23.92 9.13
CA GLY A 239 -37.30 -23.00 9.31
C GLY A 239 -36.87 -22.82 10.75
N VAL A 240 -37.56 -23.45 11.69
CA VAL A 240 -37.25 -23.27 13.11
C VAL A 240 -36.90 -24.64 13.68
N LEU A 241 -35.84 -24.70 14.48
CA LEU A 241 -35.39 -25.94 15.08
C LEU A 241 -36.13 -26.26 16.37
N TYR A 242 -36.44 -27.54 16.56
CA TYR A 242 -37.06 -28.08 17.77
C TYR A 242 -36.39 -29.40 18.12
N GLU A 243 -36.11 -29.60 19.40
CA GLU A 243 -35.60 -30.88 19.90
C GLU A 243 -36.69 -31.95 19.84
N VAL A 244 -36.43 -33.02 19.10
CA VAL A 244 -37.42 -34.08 18.91
C VAL A 244 -37.04 -35.38 19.61
N MET A 245 -35.76 -35.61 19.90
CA MET A 245 -35.35 -36.81 20.58
C MET A 245 -34.16 -36.47 21.47
N LYS A 246 -34.06 -37.21 22.57
CA LYS A 246 -32.92 -37.15 23.49
C LYS A 246 -32.49 -38.60 23.68
N PRO A 247 -31.92 -39.21 22.65
CA PRO A 247 -31.52 -40.59 22.74
C PRO A 247 -30.39 -40.75 23.75
N PRO A 248 -30.22 -41.96 24.29
CA PRO A 248 -29.19 -42.15 25.31
C PRO A 248 -27.78 -41.89 24.82
N LEU A 249 -27.04 -41.22 25.68
CA LEU A 249 -25.68 -40.80 25.39
C LEU A 249 -24.73 -41.96 25.13
N LYS A 250 -25.03 -43.16 25.64
CA LYS A 250 -24.13 -44.27 25.34
C LYS A 250 -24.10 -44.50 23.84
N LEU A 251 -25.20 -44.21 23.17
CA LEU A 251 -25.33 -44.44 21.75
C LEU A 251 -24.84 -43.24 20.98
N LYS A 252 -24.29 -42.23 21.67
CA LYS A 252 -24.00 -40.98 20.98
C LYS A 252 -22.98 -41.22 19.89
N ASN A 253 -22.00 -42.03 20.19
CA ASN A 253 -20.97 -42.35 19.24
C ASN A 253 -21.49 -43.41 18.28
N ALA A 254 -22.37 -44.29 18.80
CA ALA A 254 -22.94 -45.35 17.98
C ALA A 254 -23.87 -44.78 16.93
N ILE A 255 -24.71 -43.83 17.31
CA ILE A 255 -25.57 -43.21 16.32
C ILE A 255 -24.71 -42.47 15.30
N THR A 256 -23.73 -41.71 15.79
CA THR A 256 -22.88 -40.99 14.85
C THR A 256 -22.16 -41.96 13.93
N SER A 257 -21.55 -43.00 14.51
CA SER A 257 -20.86 -44.01 13.71
C SER A 257 -21.82 -44.65 12.74
N ARG A 258 -23.07 -44.85 13.18
CA ARG A 258 -24.07 -45.50 12.36
C ARG A 258 -24.34 -44.68 11.11
N ILE A 259 -24.45 -43.36 11.25
CA ILE A 259 -24.71 -42.55 10.06
C ILE A 259 -23.55 -42.64 9.08
N LYS A 260 -22.32 -42.66 9.59
CA LYS A 260 -21.19 -42.74 8.68
C LYS A 260 -21.18 -44.08 7.98
N ILE A 261 -21.67 -45.12 8.65
CA ILE A 261 -21.84 -46.40 7.97
C ILE A 261 -22.87 -46.23 6.87
N MET A 262 -24.00 -45.61 7.23
CA MET A 262 -25.06 -45.36 6.26
C MET A 262 -24.60 -44.41 5.16
N ALA A 263 -23.67 -43.51 5.45
CA ALA A 263 -23.16 -42.54 4.49
C ALA A 263 -21.98 -43.00 3.64
N GLU A 264 -21.50 -44.23 3.80
CA GLU A 264 -20.35 -44.73 3.06
C GLU A 264 -19.10 -43.91 3.35
N LEU A 265 -19.00 -43.43 4.59
CA LEU A 265 -17.86 -42.67 5.08
C LEU A 265 -16.88 -43.57 5.81
N ASP A 266 -15.69 -43.03 6.05
CA ASP A 266 -14.59 -43.78 6.64
C ASP A 266 -14.74 -43.78 8.16
N ILE A 267 -14.93 -44.97 8.73
CA ILE A 267 -15.08 -45.13 10.18
C ILE A 267 -13.76 -44.98 10.92
N ALA A 268 -12.63 -45.30 10.28
CA ALA A 268 -11.35 -45.19 10.99
C ALA A 268 -11.04 -43.76 11.36
N GLU A 269 -11.46 -42.79 10.55
CA GLU A 269 -11.19 -41.40 10.82
C GLU A 269 -12.36 -40.84 11.62
N ARG A 270 -12.07 -40.42 12.85
CA ARG A 270 -13.06 -39.88 13.77
C ARG A 270 -12.66 -38.49 14.27
N ARG A 271 -11.58 -37.94 13.72
CA ARG A 271 -10.98 -36.68 14.15
C ARG A 271 -11.13 -35.56 13.15
N LEU A 272 -11.70 -35.82 11.97
CA LEU A 272 -11.75 -34.86 10.87
C LEU A 272 -13.16 -34.69 10.34
N PRO A 273 -13.47 -33.54 9.73
CA PRO A 273 -14.78 -33.40 9.12
C PRO A 273 -14.84 -34.33 7.93
N GLN A 274 -15.98 -34.96 7.75
CA GLN A 274 -16.20 -35.84 6.62
C GLN A 274 -17.55 -35.53 6.00
N ASP A 275 -17.68 -35.80 4.71
CA ASP A 275 -18.92 -35.52 4.02
C ASP A 275 -19.22 -36.63 3.05
N GLY A 276 -20.50 -36.91 2.91
CA GLY A 276 -20.95 -37.96 2.02
C GLY A 276 -22.44 -37.90 1.82
N ARG A 277 -22.97 -38.95 1.24
CA ARG A 277 -24.40 -39.03 0.97
C ARG A 277 -24.98 -40.31 1.54
N ILE A 278 -26.30 -40.26 1.73
CA ILE A 278 -27.12 -41.39 2.13
C ILE A 278 -28.36 -41.34 1.27
N LYS A 279 -28.74 -42.47 0.69
CA LYS A 279 -30.00 -42.54 -0.03
C LYS A 279 -30.92 -43.48 0.72
N ILE A 280 -32.13 -43.00 0.98
CA ILE A 280 -33.14 -43.73 1.71
C ILE A 280 -34.36 -43.70 0.82
N LYS A 281 -35.00 -44.86 0.69
CA LYS A 281 -36.17 -44.98 -0.17
C LYS A 281 -37.40 -44.84 0.74
N LEU A 282 -37.65 -43.59 1.18
CA LEU A 282 -38.73 -43.27 2.11
C LEU A 282 -39.76 -42.32 1.50
N GLY A 283 -39.54 -41.84 0.28
CA GLY A 283 -40.60 -41.22 -0.49
C GLY A 283 -40.55 -39.70 -0.55
N GLY A 284 -41.73 -39.14 -0.84
CA GLY A 284 -41.89 -37.73 -1.08
C GLY A 284 -42.03 -37.43 -2.56
N GLY A 285 -41.40 -36.35 -3.01
CA GLY A 285 -41.34 -36.00 -4.42
C GLY A 285 -40.09 -36.57 -5.05
N GLN A 286 -38.97 -36.47 -4.35
CA GLN A 286 -37.74 -37.17 -4.67
C GLN A 286 -37.50 -38.25 -3.62
N ASP A 287 -36.56 -39.14 -3.91
CA ASP A 287 -36.14 -40.10 -2.92
C ASP A 287 -35.62 -39.36 -1.70
N MET A 288 -35.73 -40.01 -0.55
CA MET A 288 -35.26 -39.38 0.68
C MET A 288 -33.74 -39.52 0.69
N ASP A 289 -33.10 -38.71 -0.14
CA ASP A 289 -31.67 -38.56 -0.07
C ASP A 289 -31.33 -37.64 1.08
N TYR A 290 -30.19 -37.90 1.69
CA TYR A 290 -29.69 -37.13 2.80
C TYR A 290 -28.26 -36.76 2.47
N ARG A 291 -27.95 -35.48 2.56
CA ARG A 291 -26.57 -35.03 2.49
C ARG A 291 -26.01 -35.05 3.91
N VAL A 292 -24.97 -35.84 4.12
CA VAL A 292 -24.44 -36.13 5.45
C VAL A 292 -23.11 -35.41 5.63
N SER A 293 -23.00 -34.71 6.76
CA SER A 293 -21.77 -34.04 7.18
C SER A 293 -21.47 -34.46 8.60
N VAL A 294 -20.26 -34.92 8.83
CA VAL A 294 -19.80 -35.33 10.14
C VAL A 294 -18.76 -34.32 10.57
N LEU A 295 -18.84 -33.92 11.85
CA LEU A 295 -18.02 -32.89 12.44
C LEU A 295 -17.48 -33.37 13.78
N PRO A 296 -16.15 -33.29 14.04
CA PRO A 296 -15.65 -33.78 15.32
C PRO A 296 -15.71 -32.71 16.40
N THR A 297 -16.76 -32.70 17.21
CA THR A 297 -16.80 -31.78 18.32
C THR A 297 -16.00 -32.38 19.47
N LEU A 298 -15.87 -31.59 20.53
CA LEU A 298 -15.06 -32.01 21.67
C LEU A 298 -15.57 -33.31 22.27
N PHE A 299 -16.89 -33.43 22.41
CA PHE A 299 -17.45 -34.58 23.11
C PHE A 299 -18.02 -35.61 22.15
N GLY A 300 -17.53 -35.65 20.92
CA GLY A 300 -17.92 -36.66 19.96
C GLY A 300 -18.23 -36.03 18.63
N GLU A 301 -18.55 -36.89 17.68
CA GLU A 301 -18.88 -36.43 16.34
C GLU A 301 -20.38 -36.14 16.22
N LYS A 302 -20.70 -34.94 15.76
CA LYS A 302 -22.06 -34.58 15.40
C LYS A 302 -22.27 -34.81 13.92
N VAL A 303 -23.42 -35.39 13.57
CA VAL A 303 -23.74 -35.68 12.18
C VAL A 303 -24.99 -34.90 11.84
N VAL A 304 -24.96 -34.21 10.70
CA VAL A 304 -26.12 -33.50 10.19
C VAL A 304 -26.49 -34.11 8.85
N LEU A 305 -27.77 -34.43 8.72
CA LEU A 305 -28.35 -34.98 7.51
C LEU A 305 -29.38 -34.01 6.96
N ARG A 306 -29.28 -33.73 5.67
CA ARG A 306 -30.13 -32.77 5.00
C ARG A 306 -31.02 -33.55 4.06
N LEU A 307 -32.32 -33.51 4.34
CA LEU A 307 -33.32 -34.21 3.55
C LEU A 307 -33.48 -33.47 2.23
N LEU A 308 -33.46 -34.24 1.15
CA LEU A 308 -33.59 -33.71 -0.20
C LEU A 308 -34.86 -34.23 -0.84
N ASP A 309 -35.64 -33.32 -1.42
CA ASP A 309 -36.96 -33.67 -1.93
C ASP A 309 -37.51 -32.51 -2.76
N LYS A 310 -38.16 -32.83 -3.87
CA LYS A 310 -38.80 -31.85 -4.73
C LYS A 310 -40.32 -31.80 -4.53
N SER A 311 -40.82 -32.30 -3.41
CA SER A 311 -42.22 -32.14 -3.05
C SER A 311 -42.44 -30.91 -2.18
N ASN A 312 -41.56 -30.67 -1.23
CA ASN A 312 -41.49 -29.34 -0.63
C ASN A 312 -41.22 -28.29 -1.69
N LEU A 313 -40.51 -28.68 -2.75
CA LEU A 313 -40.39 -27.84 -3.94
C LEU A 313 -41.70 -27.90 -4.71
N GLN A 314 -42.49 -26.83 -4.61
CA GLN A 314 -43.70 -26.69 -5.42
C GLN A 314 -43.27 -26.17 -6.78
N LEU A 315 -42.90 -27.10 -7.67
CA LEU A 315 -42.24 -26.79 -8.93
C LEU A 315 -43.00 -25.73 -9.74
N ASP A 316 -44.32 -25.71 -9.68
CA ASP A 316 -45.09 -24.77 -10.49
C ASP A 316 -44.96 -23.36 -9.91
N MET A 317 -44.77 -22.38 -10.79
CA MET A 317 -44.60 -21.00 -10.34
C MET A 317 -45.88 -20.32 -9.86
N THR A 318 -47.04 -20.72 -10.37
CA THR A 318 -48.27 -20.05 -9.94
C THR A 318 -48.63 -20.36 -8.50
N LYS A 319 -48.09 -21.45 -7.97
CA LYS A 319 -48.37 -21.93 -6.63
C LYS A 319 -47.35 -21.46 -5.63
N LEU A 320 -46.46 -20.58 -6.05
CA LEU A 320 -45.38 -20.13 -5.19
C LEU A 320 -45.79 -18.89 -4.42
N GLY A 321 -46.82 -18.20 -4.87
CA GLY A 321 -47.32 -17.02 -4.18
C GLY A 321 -47.26 -15.77 -5.00
N TYR A 322 -46.86 -15.85 -6.25
CA TYR A 322 -46.81 -14.66 -7.09
C TYR A 322 -48.21 -14.13 -7.31
N GLU A 323 -48.37 -12.82 -7.15
CA GLU A 323 -49.61 -12.18 -7.53
C GLU A 323 -49.72 -12.23 -9.05
N PRO A 324 -50.94 -12.10 -9.58
CA PRO A 324 -51.09 -12.20 -11.05
C PRO A 324 -50.22 -11.22 -11.80
N ASP A 325 -50.08 -9.99 -11.29
CA ASP A 325 -49.21 -9.04 -11.96
C ASP A 325 -47.76 -9.49 -11.82
N ALA A 326 -47.36 -9.84 -10.60
CA ALA A 326 -45.99 -10.30 -10.38
C ALA A 326 -45.69 -11.59 -11.15
N LEU A 327 -46.62 -12.54 -11.14
CA LEU A 327 -46.40 -13.79 -11.87
C LEU A 327 -46.27 -13.49 -13.36
N HIS A 328 -47.09 -12.56 -13.86
CA HIS A 328 -47.08 -12.16 -15.25
C HIS A 328 -45.77 -11.50 -15.61
N TYR A 329 -45.32 -10.62 -14.74
CA TYR A 329 -44.07 -9.93 -14.93
C TYR A 329 -42.95 -10.95 -14.95
N PHE A 330 -43.05 -11.96 -14.09
CA PHE A 330 -42.02 -12.97 -14.01
C PHE A 330 -41.98 -13.77 -15.30
N LYS A 331 -43.15 -14.10 -15.82
CA LYS A 331 -43.18 -14.90 -17.04
C LYS A 331 -42.64 -14.10 -18.22
N GLU A 332 -43.02 -12.83 -18.28
CA GLU A 332 -42.58 -11.99 -19.38
C GLU A 332 -41.10 -11.71 -19.22
N ALA A 333 -40.62 -11.76 -17.98
CA ALA A 333 -39.23 -11.54 -17.70
C ALA A 333 -38.42 -12.74 -18.15
N ILE A 334 -38.93 -13.95 -17.91
CA ILE A 334 -38.17 -15.12 -18.30
C ILE A 334 -38.28 -15.39 -19.78
N HIS A 335 -39.25 -14.78 -20.48
CA HIS A 335 -39.35 -14.99 -21.92
C HIS A 335 -38.70 -13.96 -22.81
N LYS A 336 -38.11 -12.87 -22.30
CA LYS A 336 -37.37 -12.06 -23.24
C LYS A 336 -36.09 -12.79 -23.67
N PRO A 337 -35.61 -12.56 -24.90
CA PRO A 337 -34.41 -13.26 -25.37
C PRO A 337 -33.15 -12.81 -24.67
N PHE A 338 -33.16 -11.63 -24.06
CA PHE A 338 -31.98 -11.09 -23.39
C PHE A 338 -32.42 -10.33 -22.17
N GLY A 339 -31.42 -9.94 -21.39
CA GLY A 339 -31.61 -9.14 -20.20
C GLY A 339 -31.22 -9.92 -18.97
N MET A 340 -31.17 -9.20 -17.86
CA MET A 340 -30.78 -9.78 -16.60
C MET A 340 -31.97 -9.79 -15.67
N VAL A 341 -32.18 -10.94 -15.04
CA VAL A 341 -33.20 -11.12 -14.02
C VAL A 341 -32.48 -11.57 -12.75
N LEU A 342 -32.63 -10.82 -11.68
CA LEU A 342 -31.95 -11.15 -10.44
C LEU A 342 -32.97 -11.65 -9.44
N VAL A 343 -32.74 -12.86 -8.94
CA VAL A 343 -33.56 -13.45 -7.89
C VAL A 343 -32.78 -13.50 -6.59
N THR A 344 -33.26 -12.78 -5.57
CA THR A 344 -32.52 -12.69 -4.32
C THR A 344 -33.41 -13.27 -3.24
N GLY A 345 -32.79 -13.72 -2.16
CA GLY A 345 -33.50 -14.29 -1.04
C GLY A 345 -32.59 -15.29 -0.37
N PRO A 346 -32.87 -15.67 0.86
CA PRO A 346 -32.04 -16.68 1.51
C PRO A 346 -32.30 -18.04 0.87
N THR A 347 -31.47 -19.00 1.21
CA THR A 347 -31.66 -20.35 0.73
C THR A 347 -32.99 -20.86 1.25
N GLY A 348 -33.75 -21.51 0.38
CA GLY A 348 -35.05 -22.00 0.79
C GLY A 348 -36.16 -20.99 0.75
N SER A 349 -35.96 -19.89 0.05
CA SER A 349 -36.94 -18.82 -0.07
C SER A 349 -37.75 -19.02 -1.34
N GLY A 350 -37.48 -20.10 -2.07
CA GLY A 350 -38.16 -20.50 -3.27
C GLY A 350 -37.43 -20.06 -4.52
N LYS A 351 -36.16 -19.73 -4.39
CA LYS A 351 -35.41 -19.21 -5.52
C LYS A 351 -35.20 -20.27 -6.58
N THR A 352 -34.80 -21.45 -6.13
CA THR A 352 -34.51 -22.54 -7.05
C THR A 352 -35.78 -23.04 -7.73
N VAL A 353 -36.87 -23.16 -6.98
CA VAL A 353 -38.13 -23.59 -7.57
C VAL A 353 -38.65 -22.59 -8.59
N SER A 354 -38.56 -21.29 -8.29
CA SER A 354 -39.04 -20.29 -9.24
C SER A 354 -38.22 -20.30 -10.51
N LEU A 355 -36.91 -20.49 -10.38
CA LEU A 355 -36.08 -20.51 -11.57
C LEU A 355 -36.28 -21.81 -12.33
N TYR A 356 -36.40 -22.92 -11.62
CA TYR A 356 -36.72 -24.19 -12.25
C TYR A 356 -38.04 -24.10 -12.99
N SER A 357 -39.00 -23.39 -12.42
CA SER A 357 -40.28 -23.23 -13.09
C SER A 357 -40.09 -22.41 -14.35
N ALA A 358 -39.19 -21.43 -14.29
CA ALA A 358 -38.89 -20.66 -15.47
C ALA A 358 -38.15 -21.51 -16.48
N LEU A 359 -37.23 -22.36 -16.05
CA LEU A 359 -36.53 -23.24 -16.96
C LEU A 359 -37.48 -24.19 -17.63
N GLY A 360 -38.45 -24.67 -16.88
CA GLY A 360 -39.40 -25.58 -17.46
C GLY A 360 -40.17 -24.86 -18.53
N GLU A 361 -40.53 -23.59 -18.26
CA GLU A 361 -41.19 -22.82 -19.30
C GLU A 361 -40.24 -22.52 -20.43
N LEU A 362 -38.95 -22.45 -20.14
CA LEU A 362 -37.93 -22.17 -21.11
C LEU A 362 -37.21 -23.41 -21.61
N ASN A 363 -37.45 -24.58 -21.01
CA ASN A 363 -36.71 -25.75 -21.45
C ASN A 363 -37.29 -26.13 -22.78
N LYS A 364 -36.79 -25.47 -23.81
CA LYS A 364 -37.20 -25.74 -25.17
C LYS A 364 -36.01 -26.19 -25.98
N THR A 365 -36.30 -26.94 -27.01
CA THR A 365 -35.25 -27.39 -27.89
C THR A 365 -34.65 -26.23 -28.67
N THR A 366 -35.35 -25.08 -28.76
CA THR A 366 -34.94 -23.91 -29.52
C THR A 366 -33.93 -23.00 -28.83
N GLU A 367 -33.64 -23.22 -27.56
CA GLU A 367 -32.74 -22.36 -26.81
C GLU A 367 -31.59 -23.19 -26.28
N ASN A 368 -30.43 -22.55 -26.12
CA ASN A 368 -29.28 -23.20 -25.51
C ASN A 368 -29.29 -22.62 -24.10
N ILE A 369 -29.54 -23.49 -23.13
CA ILE A 369 -29.62 -23.12 -21.74
C ILE A 369 -28.42 -23.72 -21.05
N SER A 370 -27.66 -22.89 -20.34
CA SER A 370 -26.48 -23.36 -19.63
C SER A 370 -26.58 -22.77 -18.23
N THR A 371 -26.36 -23.59 -17.21
CA THR A 371 -26.52 -23.13 -15.84
C THR A 371 -25.29 -23.45 -15.04
N ALA A 372 -24.95 -22.55 -14.14
CA ALA A 372 -23.92 -22.76 -13.15
C ALA A 372 -24.68 -22.79 -11.84
N GLU A 373 -24.70 -23.96 -11.21
CA GLU A 373 -25.54 -24.21 -10.06
C GLU A 373 -24.72 -24.74 -8.91
N ASP A 374 -25.21 -24.48 -7.69
CA ASP A 374 -24.56 -24.94 -6.47
C ASP A 374 -25.63 -25.32 -5.46
N PRO A 375 -26.10 -26.59 -5.48
CA PRO A 375 -25.83 -27.65 -6.46
C PRO A 375 -26.91 -27.60 -7.53
N VAL A 376 -26.87 -28.48 -8.52
CA VAL A 376 -28.01 -28.63 -9.42
C VAL A 376 -29.09 -29.32 -8.60
N GLU A 377 -30.28 -28.71 -8.53
CA GLU A 377 -31.33 -29.21 -7.65
C GLU A 377 -32.39 -30.01 -8.40
N PHE A 378 -32.48 -29.87 -9.73
CA PHE A 378 -33.34 -30.69 -10.56
C PHE A 378 -32.78 -30.60 -11.97
N ASN A 379 -32.80 -31.74 -12.67
CA ASN A 379 -32.18 -31.87 -13.98
C ASN A 379 -33.20 -31.71 -15.09
N PHE A 380 -32.93 -30.78 -16.01
CA PHE A 380 -33.77 -30.58 -17.19
C PHE A 380 -33.00 -31.03 -18.43
N ALA A 381 -33.61 -31.95 -19.19
CA ALA A 381 -33.10 -32.29 -20.50
C ALA A 381 -33.20 -31.05 -21.38
N GLY A 382 -32.18 -30.82 -22.15
CA GLY A 382 -32.10 -29.67 -23.00
C GLY A 382 -31.40 -28.51 -22.35
N ILE A 383 -31.27 -28.54 -21.02
CA ILE A 383 -30.60 -27.50 -20.27
C ILE A 383 -29.27 -28.06 -19.82
N ASN A 384 -28.20 -27.30 -20.05
CA ASN A 384 -26.84 -27.72 -19.76
C ASN A 384 -26.46 -27.26 -18.36
N GLN A 385 -26.49 -28.16 -17.40
CA GLN A 385 -26.32 -27.76 -16.01
C GLN A 385 -24.91 -28.09 -15.55
N VAL A 386 -24.24 -27.06 -15.04
CA VAL A 386 -22.89 -27.14 -14.53
C VAL A 386 -22.81 -26.89 -13.03
N GLN A 387 -22.09 -27.76 -12.34
CA GLN A 387 -21.87 -27.65 -10.91
C GLN A 387 -20.50 -27.02 -10.71
N MET A 388 -20.39 -26.05 -9.81
CA MET A 388 -19.11 -25.36 -9.69
C MET A 388 -18.13 -26.29 -8.98
N HIS A 389 -16.88 -26.26 -9.45
CA HIS A 389 -15.83 -27.11 -8.89
C HIS A 389 -14.57 -26.24 -8.90
N GLU A 390 -14.43 -25.43 -7.87
CA GLU A 390 -13.40 -24.40 -7.86
C GLU A 390 -11.99 -25.01 -7.82
N ASP A 391 -11.85 -26.20 -7.23
CA ASP A 391 -10.53 -26.81 -7.08
C ASP A 391 -9.88 -27.09 -8.42
N ILE A 392 -10.67 -27.29 -9.47
CA ILE A 392 -10.18 -27.52 -10.83
C ILE A 392 -10.26 -26.24 -11.65
N GLY A 393 -10.62 -25.11 -11.03
CA GLY A 393 -10.68 -23.83 -11.67
C GLY A 393 -12.08 -23.42 -12.09
N LEU A 394 -13.08 -24.21 -11.73
CA LEU A 394 -14.47 -23.93 -12.08
C LEU A 394 -15.16 -23.17 -10.95
N ASN A 395 -15.07 -21.85 -11.01
CA ASN A 395 -15.74 -20.97 -10.07
C ASN A 395 -16.82 -20.25 -10.86
N PHE A 396 -17.57 -19.38 -10.18
CA PHE A 396 -18.67 -18.69 -10.86
C PHE A 396 -18.16 -17.87 -12.04
N ALA A 397 -17.03 -17.18 -11.87
CA ALA A 397 -16.50 -16.33 -12.92
C ALA A 397 -16.08 -17.17 -14.12
N ALA A 398 -15.38 -18.27 -13.86
CA ALA A 398 -14.93 -19.17 -14.92
C ALA A 398 -16.10 -19.82 -15.61
N ALA A 399 -17.15 -20.15 -14.85
CA ALA A 399 -18.31 -20.75 -15.46
C ALA A 399 -19.03 -19.78 -16.38
N LEU A 400 -19.16 -18.50 -16.01
CA LEU A 400 -19.82 -17.60 -16.95
C LEU A 400 -19.00 -17.43 -18.21
N ARG A 401 -17.69 -17.25 -18.05
CA ARG A 401 -16.89 -17.11 -19.26
C ARG A 401 -16.99 -18.35 -20.12
N SER A 402 -17.07 -19.52 -19.50
CA SER A 402 -17.19 -20.73 -20.28
C SER A 402 -18.56 -20.86 -20.95
N PHE A 403 -19.63 -20.43 -20.29
CA PHE A 403 -20.94 -20.47 -20.95
C PHE A 403 -20.89 -19.57 -22.16
N LEU A 404 -20.22 -18.44 -22.03
CA LEU A 404 -20.09 -17.49 -23.12
C LEU A 404 -19.25 -18.11 -24.23
N ARG A 405 -18.43 -19.13 -23.91
CA ARG A 405 -17.73 -19.87 -24.95
C ARG A 405 -18.57 -21.04 -25.45
N GLN A 406 -19.80 -21.20 -24.94
CA GLN A 406 -20.62 -22.35 -25.27
C GLN A 406 -21.80 -21.96 -26.12
N ASP A 407 -21.67 -20.84 -26.85
CA ASP A 407 -22.71 -20.34 -27.73
C ASP A 407 -24.05 -20.28 -26.97
N PRO A 408 -24.13 -19.50 -25.89
CA PRO A 408 -25.30 -19.57 -25.04
C PRO A 408 -26.42 -18.68 -25.56
N ASP A 409 -27.63 -19.00 -25.10
CA ASP A 409 -28.80 -18.15 -25.28
C ASP A 409 -29.33 -17.67 -23.94
N ILE A 410 -29.49 -18.60 -23.00
CA ILE A 410 -30.02 -18.28 -21.69
C ILE A 410 -29.01 -18.87 -20.72
N ILE A 411 -28.55 -18.06 -19.78
CA ILE A 411 -27.53 -18.47 -18.81
C ILE A 411 -28.00 -18.23 -17.39
N MET A 412 -27.84 -19.23 -16.51
CA MET A 412 -28.12 -19.06 -15.09
C MET A 412 -26.83 -19.26 -14.32
N ILE A 413 -26.44 -18.25 -13.55
CA ILE A 413 -25.25 -18.36 -12.71
C ILE A 413 -25.63 -18.36 -11.23
N GLY A 414 -25.15 -19.35 -10.51
CA GLY A 414 -25.45 -19.58 -9.11
C GLY A 414 -25.34 -18.39 -8.15
N GLU A 415 -24.18 -17.74 -8.07
CA GLU A 415 -24.01 -16.55 -7.24
C GLU A 415 -22.95 -15.60 -7.77
N ILE A 416 -23.11 -14.33 -7.42
CA ILE A 416 -22.20 -13.23 -7.72
C ILE A 416 -21.30 -12.96 -6.53
N ARG A 417 -20.02 -13.28 -6.68
CA ARG A 417 -19.09 -13.16 -5.57
C ARG A 417 -18.06 -12.06 -5.80
N ASP A 418 -18.06 -11.38 -6.95
CA ASP A 418 -17.13 -10.29 -7.14
C ASP A 418 -17.65 -9.36 -8.23
N PHE A 419 -16.96 -8.23 -8.37
CA PHE A 419 -17.36 -7.25 -9.36
C PHE A 419 -17.05 -7.81 -10.73
N GLU A 420 -15.96 -8.57 -10.83
CA GLU A 420 -15.54 -9.17 -12.09
C GLU A 420 -16.66 -10.02 -12.64
N THR A 421 -17.25 -10.85 -11.78
CA THR A 421 -18.35 -11.68 -12.20
C THR A 421 -19.53 -10.80 -12.54
N ALA A 422 -19.70 -9.72 -11.79
CA ALA A 422 -20.81 -8.81 -12.05
C ALA A 422 -20.71 -8.22 -13.46
N GLU A 423 -19.51 -7.80 -13.85
CA GLU A 423 -19.30 -7.19 -15.16
C GLU A 423 -19.49 -8.22 -16.27
N ILE A 424 -18.97 -9.43 -16.08
CA ILE A 424 -19.17 -10.48 -17.07
C ILE A 424 -20.67 -10.71 -17.23
N ALA A 425 -21.39 -10.71 -16.13
CA ALA A 425 -22.81 -11.00 -16.20
C ALA A 425 -23.57 -9.88 -16.89
N ILE A 426 -23.25 -8.62 -16.59
CA ILE A 426 -24.00 -7.52 -17.20
C ILE A 426 -23.68 -7.44 -18.67
N LYS A 427 -22.44 -7.77 -19.04
CA LYS A 427 -22.12 -7.72 -20.45
C LYS A 427 -22.76 -8.91 -21.15
N ALA A 428 -22.82 -10.06 -20.49
CA ALA A 428 -23.48 -11.21 -21.08
C ALA A 428 -24.98 -10.97 -21.25
N ALA A 429 -25.60 -10.26 -20.31
CA ALA A 429 -27.02 -9.96 -20.50
C ALA A 429 -27.24 -8.99 -21.66
N LEU A 430 -26.43 -7.94 -21.75
CA LEU A 430 -26.61 -6.98 -22.84
C LEU A 430 -26.10 -7.45 -24.20
N THR A 431 -25.04 -8.27 -24.22
CA THR A 431 -24.52 -8.84 -25.47
C THR A 431 -25.58 -9.62 -26.22
N GLY A 432 -26.51 -10.25 -25.51
CA GLY A 432 -27.57 -10.98 -26.16
C GLY A 432 -27.85 -12.34 -25.56
N HIS A 433 -27.85 -12.40 -24.22
CA HIS A 433 -28.20 -13.62 -23.53
C HIS A 433 -29.20 -13.24 -22.46
N LEU A 434 -30.03 -14.20 -22.12
CA LEU A 434 -30.94 -14.07 -21.00
C LEU A 434 -30.16 -14.56 -19.79
N VAL A 435 -30.03 -13.72 -18.77
CA VAL A 435 -29.18 -14.07 -17.65
C VAL A 435 -29.94 -14.01 -16.35
N LEU A 436 -29.89 -15.11 -15.63
CA LEU A 436 -30.41 -15.24 -14.28
C LEU A 436 -29.28 -15.47 -13.30
N SER A 437 -29.34 -14.83 -12.16
CA SER A 437 -28.33 -15.08 -11.15
C SER A 437 -28.91 -14.64 -9.82
N THR A 438 -28.12 -14.82 -8.75
CA THR A 438 -28.59 -14.48 -7.43
C THR A 438 -27.62 -13.60 -6.68
N LEU A 439 -28.19 -12.88 -5.72
CA LEU A 439 -27.48 -12.16 -4.69
C LEU A 439 -28.21 -12.31 -3.39
N HIS A 440 -27.47 -12.22 -2.29
CA HIS A 440 -28.08 -12.17 -0.97
C HIS A 440 -28.17 -10.68 -0.63
N THR A 441 -29.24 -10.04 -1.07
CA THR A 441 -29.54 -8.67 -0.67
C THR A 441 -30.95 -8.64 -0.10
N ASN A 442 -31.34 -7.47 0.42
CA ASN A 442 -32.56 -7.38 1.22
C ASN A 442 -33.67 -6.60 0.56
N ASP A 443 -33.39 -5.88 -0.52
CA ASP A 443 -34.43 -5.33 -1.37
C ASP A 443 -33.81 -4.96 -2.70
N ALA A 444 -34.66 -4.58 -3.65
CA ALA A 444 -34.15 -4.25 -4.97
C ALA A 444 -33.36 -2.95 -4.91
N PRO A 445 -33.86 -1.87 -4.27
CA PRO A 445 -33.06 -0.64 -4.17
C PRO A 445 -31.77 -0.81 -3.39
N ALA A 446 -31.76 -1.58 -2.31
CA ALA A 446 -30.49 -1.70 -1.62
C ALA A 446 -29.53 -2.46 -2.50
N THR A 447 -30.07 -3.36 -3.33
CA THR A 447 -29.25 -4.05 -4.30
C THR A 447 -28.74 -3.06 -5.31
N ILE A 448 -29.57 -2.06 -5.63
CA ILE A 448 -29.19 -1.01 -6.56
C ILE A 448 -27.98 -0.30 -6.05
N ASN A 449 -28.02 0.13 -4.81
CA ASN A 449 -26.88 0.87 -4.32
C ASN A 449 -25.67 -0.05 -4.19
N ARG A 450 -25.88 -1.34 -3.94
CA ARG A 450 -24.75 -2.26 -3.93
C ARG A 450 -24.11 -2.30 -5.31
N LEU A 451 -24.96 -2.35 -6.32
CA LEU A 451 -24.56 -2.35 -7.72
C LEU A 451 -23.85 -1.08 -8.10
N LEU A 452 -24.37 0.04 -7.63
CA LEU A 452 -23.72 1.30 -7.93
C LEU A 452 -22.35 1.30 -7.31
N ASN A 453 -22.28 0.79 -6.08
CA ASN A 453 -21.01 0.75 -5.38
C ASN A 453 -20.01 -0.19 -6.02
N MET A 454 -20.44 -1.27 -6.71
CA MET A 454 -19.42 -2.07 -7.39
C MET A 454 -18.85 -1.40 -8.64
N GLY A 455 -19.51 -0.38 -9.19
CA GLY A 455 -19.01 0.29 -10.38
C GLY A 455 -19.76 0.05 -11.67
N VAL A 456 -20.89 -0.64 -11.67
CA VAL A 456 -21.64 -0.82 -12.91
C VAL A 456 -22.29 0.49 -13.33
N GLU A 457 -22.07 0.85 -14.59
CA GLU A 457 -22.55 2.12 -15.11
C GLU A 457 -24.08 2.11 -15.13
N PRO A 458 -24.74 3.24 -14.84
CA PRO A 458 -26.20 3.18 -14.64
C PRO A 458 -26.95 2.67 -15.86
N PHE A 459 -26.53 3.03 -17.07
CA PHE A 459 -27.28 2.56 -18.24
C PHE A 459 -27.22 1.06 -18.37
N LEU A 460 -26.12 0.44 -17.94
CA LEU A 460 -26.06 -1.01 -17.98
C LEU A 460 -27.10 -1.59 -17.06
N VAL A 461 -27.22 -1.00 -15.89
CA VAL A 461 -28.18 -1.43 -14.90
C VAL A 461 -29.59 -1.21 -15.42
N ALA A 462 -29.80 -0.07 -16.07
CA ALA A 462 -31.10 0.35 -16.55
C ALA A 462 -31.55 -0.50 -17.73
N SER A 463 -30.60 -0.90 -18.57
CA SER A 463 -30.88 -1.51 -19.85
C SER A 463 -30.75 -3.02 -19.86
N ALA A 464 -29.99 -3.60 -18.93
CA ALA A 464 -29.79 -5.03 -19.00
C ALA A 464 -30.70 -5.75 -18.04
N VAL A 465 -31.21 -5.05 -17.04
CA VAL A 465 -32.07 -5.66 -16.05
C VAL A 465 -33.52 -5.47 -16.45
N ASN A 466 -34.20 -6.58 -16.62
CA ASN A 466 -35.63 -6.54 -16.87
C ASN A 466 -36.41 -6.39 -15.55
N LEU A 467 -35.94 -7.06 -14.49
CA LEU A 467 -36.68 -7.26 -13.26
C LEU A 467 -35.78 -7.73 -12.14
N ILE A 468 -36.11 -7.34 -10.91
CA ILE A 468 -35.38 -7.80 -9.73
C ILE A 468 -36.41 -8.31 -8.74
N THR A 469 -36.20 -9.51 -8.18
CA THR A 469 -37.05 -10.03 -7.13
C THR A 469 -36.24 -10.28 -5.86
N ALA A 470 -36.88 -10.05 -4.72
CA ALA A 470 -36.41 -10.48 -3.41
C ALA A 470 -37.49 -11.38 -2.87
N GLN A 471 -37.10 -12.43 -2.14
CA GLN A 471 -38.13 -13.36 -1.70
C GLN A 471 -37.75 -14.07 -0.43
N ARG A 472 -38.78 -14.44 0.31
CA ARG A 472 -38.67 -15.19 1.55
C ARG A 472 -39.73 -16.28 1.51
N LEU A 473 -39.60 -17.27 2.38
CA LEU A 473 -40.72 -18.10 2.80
C LEU A 473 -41.08 -17.76 4.24
N ALA A 474 -42.36 -17.49 4.46
CA ALA A 474 -42.91 -17.21 5.78
C ALA A 474 -44.03 -18.19 6.08
N ARG A 475 -44.20 -18.49 7.36
CA ARG A 475 -45.18 -19.49 7.74
C ARG A 475 -46.61 -18.97 7.70
N ARG A 476 -47.50 -19.90 7.34
CA ARG A 476 -48.92 -19.66 7.27
C ARG A 476 -49.50 -20.01 8.64
N VAL A 477 -50.48 -19.23 9.12
CA VAL A 477 -51.18 -19.61 10.35
C VAL A 477 -52.00 -20.86 10.15
N CYS A 478 -51.95 -21.77 11.11
CA CYS A 478 -52.75 -22.98 10.99
C CYS A 478 -54.24 -22.68 11.08
N SER A 479 -54.98 -23.17 10.10
CA SER A 479 -56.42 -22.97 10.02
C SER A 479 -57.18 -23.60 11.18
N GLU A 480 -56.72 -24.75 11.68
CA GLU A 480 -57.44 -25.34 12.80
C GLU A 480 -57.24 -24.54 14.06
N CYS A 481 -56.03 -24.06 14.32
CA CYS A 481 -55.86 -23.44 15.60
C CYS A 481 -56.45 -22.05 15.54
N LYS A 482 -56.36 -21.44 14.35
CA LYS A 482 -56.38 -20.00 14.22
C LYS A 482 -57.67 -19.41 14.72
N GLN A 483 -57.54 -18.25 15.35
CA GLN A 483 -58.72 -17.50 15.72
C GLN A 483 -58.41 -16.08 15.30
N PRO A 484 -59.42 -15.30 14.91
CA PRO A 484 -59.15 -13.91 14.53
C PRO A 484 -58.66 -13.11 15.71
N GLU A 485 -57.71 -12.24 15.41
CA GLU A 485 -57.15 -11.34 16.38
C GLU A 485 -57.52 -9.91 16.03
N GLU A 486 -58.03 -9.18 17.01
CA GLU A 486 -58.49 -7.81 16.81
C GLU A 486 -57.24 -6.96 16.99
N ILE A 487 -56.53 -6.73 15.88
CA ILE A 487 -55.34 -5.88 15.91
C ILE A 487 -55.75 -4.44 15.57
N PRO A 488 -55.37 -3.46 16.39
CA PRO A 488 -55.73 -2.07 16.06
C PRO A 488 -55.16 -1.68 14.71
N ILE A 489 -55.99 -0.98 13.92
CA ILE A 489 -55.62 -0.59 12.56
C ILE A 489 -54.34 0.22 12.56
N GLN A 490 -54.11 0.98 13.63
CA GLN A 490 -52.88 1.77 13.73
C GLN A 490 -51.67 0.86 13.81
N ALA A 491 -51.79 -0.29 14.47
CA ALA A 491 -50.66 -1.23 14.52
C ALA A 491 -50.33 -1.73 13.13
N LEU A 492 -51.36 -1.95 12.31
CA LEU A 492 -51.14 -2.34 10.93
C LEU A 492 -50.44 -1.23 10.15
N ILE A 493 -50.85 0.04 10.35
CA ILE A 493 -50.22 1.15 9.65
C ILE A 493 -48.77 1.24 10.07
N ASP A 494 -48.51 0.96 11.34
CA ASP A 494 -47.16 0.96 11.89
C ASP A 494 -46.34 -0.10 11.19
N ALA A 495 -46.99 -1.17 10.75
CA ALA A 495 -46.26 -2.21 10.05
C ALA A 495 -45.86 -1.79 8.64
N GLY A 496 -46.41 -0.67 8.14
CA GLY A 496 -46.00 -0.10 6.87
C GLY A 496 -47.00 0.00 5.74
N VAL A 497 -48.25 -0.25 6.03
CA VAL A 497 -49.31 -0.13 5.05
C VAL A 497 -49.75 1.32 5.00
N SER A 498 -50.05 1.78 3.80
CA SER A 498 -50.48 3.14 3.64
C SER A 498 -51.81 3.30 4.39
N PRO A 499 -52.16 4.53 4.77
CA PRO A 499 -53.41 4.77 5.52
C PRO A 499 -54.68 4.38 4.81
N ASP A 500 -54.74 4.46 3.49
CA ASP A 500 -55.96 4.16 2.76
C ASP A 500 -56.44 2.72 2.96
N GLU A 501 -55.53 1.78 3.10
CA GLU A 501 -55.89 0.35 3.16
C GLU A 501 -56.24 -0.14 4.56
N ALA A 502 -55.90 0.62 5.60
CA ALA A 502 -56.01 0.21 6.99
C ALA A 502 -57.34 -0.37 7.47
N PRO A 503 -58.43 0.37 7.34
CA PRO A 503 -59.72 -0.09 7.89
C PRO A 503 -60.23 -1.41 7.32
N SER A 504 -59.78 -1.82 6.15
CA SER A 504 -60.24 -3.05 5.51
C SER A 504 -59.64 -4.32 6.11
N TYR A 505 -58.63 -4.21 6.96
CA TYR A 505 -57.89 -5.37 7.45
C TYR A 505 -58.63 -6.24 8.46
N VAL A 506 -58.51 -7.54 8.23
CA VAL A 506 -59.01 -8.60 9.11
C VAL A 506 -57.78 -9.37 9.54
N CYS A 507 -57.38 -9.21 10.80
CA CYS A 507 -56.17 -9.82 11.32
C CYS A 507 -56.49 -11.13 12.03
N TYR A 508 -55.64 -12.12 11.76
CA TYR A 508 -55.75 -13.50 12.20
C TYR A 508 -54.59 -13.88 13.10
N LYS A 509 -54.85 -14.87 13.96
CA LYS A 509 -53.84 -15.40 14.86
C LYS A 509 -53.99 -16.88 15.10
N GLY A 510 -52.85 -17.58 15.10
CA GLY A 510 -52.89 -19.00 15.33
C GLY A 510 -52.91 -19.21 16.81
N THR A 511 -53.80 -20.07 17.28
CA THR A 511 -53.83 -20.36 18.71
C THR A 511 -52.77 -21.38 19.12
N GLY A 512 -52.27 -22.19 18.20
CA GLY A 512 -51.29 -23.23 18.48
C GLY A 512 -51.89 -24.63 18.48
N CYS A 513 -51.39 -25.51 17.63
CA CYS A 513 -51.83 -26.91 17.60
C CYS A 513 -50.65 -27.80 17.23
N VAL A 514 -50.85 -29.12 17.37
CA VAL A 514 -49.77 -30.07 17.08
C VAL A 514 -49.38 -29.99 15.62
N LYS A 515 -50.35 -29.70 14.75
CA LYS A 515 -50.05 -29.63 13.34
C LYS A 515 -49.12 -28.48 13.08
N CYS A 516 -49.21 -27.43 13.88
CA CYS A 516 -48.36 -26.27 13.75
C CYS A 516 -47.31 -26.23 14.87
N ASN A 517 -47.04 -27.38 15.48
CA ASN A 517 -46.03 -27.50 16.53
C ASN A 517 -46.34 -26.55 17.69
N ASN A 518 -47.62 -26.30 17.92
CA ASN A 518 -48.07 -25.44 19.00
C ASN A 518 -47.50 -24.04 18.83
N THR A 519 -47.32 -23.64 17.58
CA THR A 519 -46.80 -22.34 17.21
C THR A 519 -47.88 -21.45 16.65
N GLY A 520 -48.97 -22.06 16.17
CA GLY A 520 -49.99 -21.37 15.45
C GLY A 520 -49.71 -21.23 13.98
N TYR A 521 -48.55 -21.72 13.49
CA TYR A 521 -48.20 -21.55 12.09
C TYR A 521 -47.75 -22.92 11.58
N LYS A 522 -48.15 -23.27 10.35
CA LYS A 522 -47.80 -24.56 9.78
C LYS A 522 -47.50 -24.49 8.30
N GLY A 523 -46.27 -24.82 7.94
CA GLY A 523 -45.84 -24.74 6.55
C GLY A 523 -45.50 -23.33 6.22
N ARG A 524 -45.12 -23.10 4.96
CA ARG A 524 -44.75 -21.77 4.52
C ARG A 524 -45.32 -21.46 3.14
N VAL A 525 -45.25 -20.17 2.83
CA VAL A 525 -45.66 -19.55 1.59
C VAL A 525 -44.63 -18.48 1.32
N GLY A 526 -44.42 -18.11 0.06
CA GLY A 526 -43.37 -17.16 -0.25
C GLY A 526 -43.88 -15.74 -0.32
N PHE A 527 -43.15 -14.84 0.35
CA PHE A 527 -43.32 -13.39 0.26
C PHE A 527 -42.29 -12.74 -0.65
N TYR A 528 -42.76 -12.12 -1.73
CA TYR A 528 -41.92 -11.58 -2.80
C TYR A 528 -42.04 -10.06 -2.84
N GLN A 529 -40.88 -9.38 -2.99
CA GLN A 529 -40.79 -7.97 -3.35
C GLN A 529 -40.20 -7.91 -4.75
N VAL A 530 -41.05 -7.60 -5.72
CA VAL A 530 -40.74 -7.63 -7.15
C VAL A 530 -40.66 -6.22 -7.76
N MET A 531 -39.46 -5.74 -8.08
CA MET A 531 -39.27 -4.38 -8.58
C MET A 531 -38.88 -4.54 -10.04
N PRO A 532 -39.81 -4.39 -10.98
CA PRO A 532 -39.46 -4.38 -12.39
C PRO A 532 -38.72 -3.12 -12.79
N MET A 533 -37.89 -3.30 -13.80
CA MET A 533 -37.12 -2.19 -14.30
C MET A 533 -38.06 -1.35 -15.14
N LEU A 534 -38.88 -0.58 -14.44
CA LEU A 534 -39.82 0.28 -15.13
C LEU A 534 -39.04 1.40 -15.77
N GLU A 535 -39.57 1.99 -16.83
CA GLU A 535 -38.82 3.04 -17.51
C GLU A 535 -38.51 4.16 -16.54
N GLU A 536 -39.47 4.43 -15.64
CA GLU A 536 -39.24 5.43 -14.61
C GLU A 536 -38.07 4.98 -13.75
N ILE A 537 -37.98 3.67 -13.52
CA ILE A 537 -36.88 3.15 -12.73
C ILE A 537 -35.58 3.29 -13.52
N ARG A 538 -35.62 3.06 -14.84
CA ARG A 538 -34.40 3.21 -15.65
C ARG A 538 -33.91 4.64 -15.63
N GLU A 539 -34.84 5.59 -15.79
CA GLU A 539 -34.48 6.99 -15.77
C GLU A 539 -33.90 7.37 -14.42
N LEU A 540 -34.39 6.72 -13.36
CA LEU A 540 -33.90 6.99 -12.02
C LEU A 540 -32.48 6.48 -11.86
N ILE A 541 -32.20 5.29 -12.42
CA ILE A 541 -30.83 4.76 -12.41
C ILE A 541 -29.91 5.73 -13.08
N LEU A 542 -30.36 6.24 -14.21
CA LEU A 542 -29.58 7.15 -15.01
C LEU A 542 -29.45 8.51 -14.35
N ASN A 543 -30.35 8.85 -13.44
CA ASN A 543 -30.29 10.13 -12.77
C ASN A 543 -29.60 10.02 -11.40
N GLY A 544 -29.16 8.83 -11.02
CA GLY A 544 -28.31 8.65 -9.85
C GLY A 544 -28.99 8.62 -8.51
N ALA A 545 -30.24 8.20 -8.45
CA ALA A 545 -30.92 8.16 -7.16
C ALA A 545 -30.39 7.05 -6.26
N ASN A 546 -30.57 7.28 -4.96
CA ASN A 546 -30.17 6.36 -3.92
C ASN A 546 -31.37 5.48 -3.58
N THR A 547 -31.19 4.54 -2.67
CA THR A 547 -32.22 3.58 -2.34
C THR A 547 -33.50 4.23 -1.84
N ALA A 548 -33.41 5.27 -1.01
CA ALA A 548 -34.61 5.90 -0.48
C ALA A 548 -35.46 6.54 -1.56
N GLU A 549 -34.83 7.23 -2.51
CA GLU A 549 -35.56 7.83 -3.62
C GLU A 549 -36.21 6.76 -4.45
N ILE A 550 -35.45 5.69 -4.68
CA ILE A 550 -35.92 4.56 -5.46
C ILE A 550 -37.12 3.94 -4.77
N LYS A 551 -37.07 3.87 -3.45
CA LYS A 551 -38.17 3.31 -2.69
C LYS A 551 -39.39 4.21 -2.79
N ARG A 552 -39.22 5.52 -2.62
CA ARG A 552 -40.34 6.43 -2.70
C ARG A 552 -40.98 6.39 -4.08
N GLU A 553 -40.16 6.31 -5.11
CA GLU A 553 -40.68 6.30 -6.48
C GLU A 553 -41.33 4.98 -6.80
N SER A 554 -40.74 3.89 -6.33
CA SER A 554 -41.31 2.57 -6.54
C SER A 554 -42.64 2.42 -5.85
N MET A 555 -42.76 2.94 -4.62
CA MET A 555 -44.07 2.91 -3.97
C MET A 555 -45.03 3.80 -4.73
N ARG A 556 -44.53 4.93 -5.21
CA ARG A 556 -45.37 5.82 -5.99
C ARG A 556 -45.86 5.08 -7.22
N LEU A 557 -44.97 4.29 -7.80
CA LEU A 557 -45.28 3.51 -8.98
C LEU A 557 -45.94 2.18 -8.66
N GLY A 558 -46.17 1.86 -7.39
CA GLY A 558 -46.91 0.66 -7.07
C GLY A 558 -46.07 -0.57 -6.78
N ILE A 559 -44.78 -0.43 -6.51
CA ILE A 559 -43.93 -1.59 -6.23
C ILE A 559 -44.15 -2.08 -4.80
N LYS A 560 -44.76 -3.27 -4.67
CA LYS A 560 -45.09 -3.88 -3.38
C LYS A 560 -43.87 -4.44 -2.66
N THR A 561 -43.72 -4.12 -1.38
CA THR A 561 -42.69 -4.75 -0.57
C THR A 561 -43.13 -6.14 -0.10
N MET A 562 -42.20 -6.89 0.49
CA MET A 562 -42.58 -8.19 1.03
C MET A 562 -43.51 -8.01 2.23
N ARG A 563 -43.28 -6.95 3.02
CA ARG A 563 -44.14 -6.63 4.16
C ARG A 563 -45.57 -6.27 3.74
N GLN A 564 -45.74 -5.43 2.72
CA GLN A 564 -47.11 -5.14 2.30
C GLN A 564 -47.79 -6.40 1.81
N SER A 565 -47.06 -7.25 1.09
CA SER A 565 -47.63 -8.53 0.68
C SER A 565 -47.99 -9.39 1.87
N GLY A 566 -47.16 -9.36 2.92
CA GLY A 566 -47.50 -10.11 4.12
C GLY A 566 -48.73 -9.57 4.82
N LEU A 567 -48.87 -8.26 4.91
CA LEU A 567 -50.08 -7.68 5.48
C LEU A 567 -51.28 -8.01 4.62
N THR A 568 -51.10 -8.10 3.31
CA THR A 568 -52.20 -8.51 2.46
C THR A 568 -52.60 -9.94 2.80
N LYS A 569 -51.60 -10.77 3.03
CA LYS A 569 -51.86 -12.14 3.45
C LYS A 569 -52.51 -12.18 4.81
N LEU A 570 -52.20 -11.22 5.67
CA LEU A 570 -52.88 -11.15 6.94
C LEU A 570 -54.33 -10.84 6.71
N LYS A 571 -54.59 -9.87 5.84
CA LYS A 571 -55.94 -9.52 5.50
C LYS A 571 -56.61 -10.73 4.87
N GLU A 572 -55.86 -11.46 4.02
CA GLU A 572 -56.44 -12.64 3.39
C GLU A 572 -56.51 -13.82 4.36
N GLY A 573 -55.99 -13.66 5.58
CA GLY A 573 -56.06 -14.69 6.57
C GLY A 573 -55.16 -15.89 6.43
N VAL A 574 -54.12 -15.83 5.59
CA VAL A 574 -53.28 -17.02 5.49
C VAL A 574 -52.30 -17.03 6.64
N THR A 575 -51.79 -15.86 7.00
CA THR A 575 -50.79 -15.73 8.05
C THR A 575 -51.23 -14.66 9.02
N SER A 576 -50.54 -14.61 10.16
CA SER A 576 -50.84 -13.65 11.20
C SER A 576 -49.91 -12.44 11.13
N PHE A 577 -50.34 -11.37 11.83
CA PHE A 577 -49.59 -10.13 11.87
C PHE A 577 -48.31 -10.26 12.67
N GLU A 578 -48.34 -11.07 13.72
CA GLU A 578 -47.15 -11.28 14.54
C GLU A 578 -46.03 -11.95 13.76
N GLU A 579 -46.35 -12.82 12.80
CA GLU A 579 -45.28 -13.46 12.06
C GLU A 579 -44.66 -12.43 11.13
N VAL A 580 -45.54 -11.60 10.57
CA VAL A 580 -45.13 -10.50 9.71
C VAL A 580 -44.23 -9.56 10.49
N LEU A 581 -44.60 -9.32 11.74
CA LEU A 581 -43.84 -8.45 12.59
C LEU A 581 -42.54 -9.11 13.02
N ARG A 582 -42.52 -10.45 13.05
CA ARG A 582 -41.35 -11.17 13.54
C ARG A 582 -40.26 -11.27 12.49
N VAL A 583 -40.68 -11.46 11.25
CA VAL A 583 -39.74 -11.79 10.17
C VAL A 583 -39.52 -10.64 9.21
N THR A 584 -40.32 -9.58 9.28
CA THR A 584 -40.22 -8.44 8.40
C THR A 584 -40.12 -7.15 9.20
N VAL A 585 -39.49 -6.15 8.59
CA VAL A 585 -39.41 -4.83 9.19
C VAL A 585 -40.54 -4.04 8.55
N ALA A 586 -41.02 -3.01 9.23
CA ALA A 586 -42.11 -2.23 8.67
C ALA A 586 -41.70 -1.32 7.51
N ASP A 587 -42.70 -1.03 6.68
CA ASP A 587 -42.58 -0.12 5.53
C ASP A 587 -43.11 1.26 5.90
N ASP A 588 -42.65 1.79 7.02
CA ASP A 588 -43.14 3.07 7.49
C ASP A 588 -42.41 4.21 6.77
N PRO B 202 54.85 -11.82 24.52
CA PRO B 202 55.54 -10.53 24.59
C PRO B 202 54.60 -9.34 24.45
N VAL B 203 53.95 -9.25 23.29
CA VAL B 203 52.96 -8.20 23.08
C VAL B 203 51.70 -8.53 23.86
N VAL B 204 51.35 -9.82 23.94
CA VAL B 204 50.19 -10.26 24.71
C VAL B 204 50.39 -9.89 26.17
N LYS B 205 51.61 -10.12 26.68
CA LYS B 205 51.90 -9.81 28.07
C LYS B 205 51.79 -8.31 28.26
N LEU B 206 52.25 -7.55 27.27
CA LEU B 206 52.21 -6.10 27.37
C LEU B 206 50.77 -5.66 27.47
N VAL B 207 49.90 -6.30 26.69
CA VAL B 207 48.48 -5.97 26.70
C VAL B 207 47.91 -6.26 28.08
N ASN B 208 48.36 -7.36 28.67
CA ASN B 208 47.86 -7.72 29.99
C ASN B 208 48.27 -6.65 30.96
N LEU B 209 49.48 -6.14 30.81
CA LEU B 209 49.95 -5.07 31.68
C LEU B 209 49.11 -3.82 31.49
N ILE B 210 48.75 -3.50 30.25
CA ILE B 210 47.93 -2.32 29.98
C ILE B 210 46.60 -2.44 30.72
N LEU B 211 45.99 -3.60 30.66
CA LEU B 211 44.70 -3.76 31.29
C LEU B 211 44.82 -3.81 32.81
N THR B 212 45.89 -4.38 33.33
CA THR B 212 46.10 -4.34 34.77
C THR B 212 46.37 -2.92 35.26
N ASP B 213 47.20 -2.18 34.52
CA ASP B 213 47.52 -0.81 34.87
C ASP B 213 46.31 0.12 34.86
N ALA B 214 45.33 -0.14 34.00
CA ALA B 214 44.16 0.74 34.04
C ALA B 214 43.46 0.58 35.37
N ILE B 215 43.40 -0.65 35.87
CA ILE B 215 42.76 -0.93 37.15
C ILE B 215 43.60 -0.34 38.28
N LYS B 216 44.92 -0.49 38.19
CA LYS B 216 45.84 -0.02 39.23
C LYS B 216 45.81 1.50 39.33
N ARG B 217 45.72 2.18 38.20
CA ARG B 217 45.68 3.63 38.13
C ARG B 217 44.28 4.15 38.36
N LYS B 218 43.32 3.26 38.61
CA LYS B 218 41.93 3.64 38.84
C LYS B 218 41.39 4.32 37.60
N ALA B 219 41.78 3.76 36.46
CA ALA B 219 41.23 4.24 35.21
C ALA B 219 39.87 3.62 35.05
N SER B 220 38.99 4.37 34.42
CA SER B 220 37.65 3.93 34.14
C SER B 220 37.49 3.41 32.72
N ASP B 221 38.39 3.78 31.82
CA ASP B 221 38.28 3.38 30.42
C ASP B 221 39.65 3.17 29.82
N ILE B 222 39.73 2.23 28.86
CA ILE B 222 40.97 2.01 28.12
C ILE B 222 40.61 2.21 26.65
N HIS B 223 41.45 2.97 25.96
CA HIS B 223 41.28 3.31 24.55
C HIS B 223 42.48 2.85 23.77
N ILE B 224 42.27 1.96 22.82
CA ILE B 224 43.27 1.44 21.91
C ILE B 224 42.94 2.12 20.60
N GLU B 225 43.75 3.10 20.23
CA GLU B 225 43.40 4.04 19.17
C GLU B 225 44.35 4.04 17.98
N PRO B 226 43.91 3.55 16.81
CA PRO B 226 44.66 3.69 15.57
C PRO B 226 44.21 4.95 14.86
N TYR B 227 45.18 5.60 14.26
CA TYR B 227 44.91 6.77 13.46
C TYR B 227 45.47 6.45 12.09
N GLU B 228 45.46 7.43 11.19
CA GLU B 228 45.92 7.13 9.86
C GLU B 228 47.40 6.81 9.91
N ARG B 229 48.15 7.68 10.58
CA ARG B 229 49.59 7.61 10.66
C ARG B 229 50.09 7.44 12.10
N SER B 230 49.20 7.19 13.06
CA SER B 230 49.65 7.03 14.44
C SER B 230 48.74 6.06 15.17
N PHE B 231 49.25 5.62 16.31
CA PHE B 231 48.57 4.67 17.18
C PHE B 231 48.92 4.97 18.63
N ARG B 232 47.91 5.10 19.48
CA ARG B 232 48.18 5.51 20.85
C ARG B 232 47.17 4.78 21.73
N VAL B 233 47.53 4.66 23.00
CA VAL B 233 46.63 4.15 24.01
C VAL B 233 46.39 5.27 25.02
N ARG B 234 45.11 5.45 25.36
CA ARG B 234 44.64 6.45 26.30
C ARG B 234 43.78 5.80 27.37
N TYR B 235 44.03 6.17 28.63
CA TYR B 235 43.20 5.78 29.74
C TYR B 235 42.38 6.97 30.17
N ARG B 236 41.12 6.72 30.47
CA ARG B 236 40.30 7.74 31.13
C ARG B 236 40.47 7.45 32.60
N ILE B 237 41.09 8.38 33.31
CA ILE B 237 41.39 8.22 34.72
C ILE B 237 40.69 9.32 35.46
N ASP B 238 39.77 8.93 36.32
CA ASP B 238 38.93 9.87 37.05
C ASP B 238 38.16 10.76 36.08
N GLY B 239 37.68 10.14 35.01
CA GLY B 239 36.84 10.78 34.03
C GLY B 239 37.55 11.57 32.96
N VAL B 240 38.88 11.64 33.00
CA VAL B 240 39.64 12.42 32.04
C VAL B 240 40.65 11.51 31.37
N LEU B 241 40.81 11.66 30.05
CA LEU B 241 41.71 10.84 29.24
C LEU B 241 43.14 11.38 29.22
N TYR B 242 44.10 10.46 29.18
CA TYR B 242 45.50 10.85 29.11
C TYR B 242 46.21 9.94 28.12
N GLU B 243 47.06 10.50 27.26
CA GLU B 243 47.86 9.67 26.37
C GLU B 243 48.88 8.92 27.20
N VAL B 244 48.80 7.59 27.13
CA VAL B 244 49.68 6.73 27.92
C VAL B 244 50.61 5.86 27.08
N MET B 245 50.29 5.56 25.83
CA MET B 245 51.15 4.71 25.02
C MET B 245 51.09 5.10 23.55
N LYS B 246 52.16 4.81 22.82
CA LYS B 246 52.17 4.96 21.35
C LYS B 246 52.75 3.69 20.73
N PRO B 247 52.00 2.58 20.76
CA PRO B 247 52.55 1.31 20.23
C PRO B 247 52.76 1.35 18.72
N PRO B 248 53.64 0.49 18.17
CA PRO B 248 53.83 0.50 16.72
C PRO B 248 52.58 0.01 16.00
N LEU B 249 52.24 0.70 14.92
CA LEU B 249 51.02 0.37 14.20
C LEU B 249 51.01 -1.01 13.55
N LYS B 250 52.19 -1.56 13.23
CA LYS B 250 52.20 -2.86 12.56
C LYS B 250 51.64 -4.02 13.37
N LEU B 251 51.90 -4.07 14.66
CA LEU B 251 51.42 -5.23 15.42
C LEU B 251 50.00 -5.07 15.94
N LYS B 252 49.34 -3.90 15.78
CA LYS B 252 48.10 -3.69 16.52
C LYS B 252 46.98 -4.65 16.12
N ASN B 253 46.84 -4.95 14.84
CA ASN B 253 45.76 -5.83 14.42
C ASN B 253 45.97 -7.26 14.90
N ALA B 254 47.22 -7.72 15.04
CA ALA B 254 47.36 -9.09 15.52
C ALA B 254 46.92 -9.10 16.96
N ILE B 255 47.31 -8.06 17.68
CA ILE B 255 46.93 -7.93 19.08
C ILE B 255 45.42 -7.91 19.15
N THR B 256 44.80 -7.13 18.27
CA THR B 256 43.35 -7.05 18.25
C THR B 256 42.79 -8.43 18.01
N SER B 257 43.36 -9.16 17.04
CA SER B 257 42.92 -10.51 16.73
C SER B 257 42.96 -11.37 17.99
N ARG B 258 43.99 -11.16 18.82
CA ARG B 258 44.15 -11.90 20.06
C ARG B 258 42.99 -11.61 21.00
N ILE B 259 42.56 -10.35 21.08
CA ILE B 259 41.47 -9.98 21.97
C ILE B 259 40.24 -10.79 21.62
N LYS B 260 40.01 -11.03 20.32
CA LYS B 260 38.82 -11.77 19.95
C LYS B 260 38.85 -13.20 20.47
N ILE B 261 40.03 -13.80 20.60
CA ILE B 261 40.07 -15.13 21.21
C ILE B 261 39.64 -15.04 22.67
N MET B 262 40.16 -14.05 23.39
CA MET B 262 39.77 -13.91 24.80
C MET B 262 38.27 -13.64 24.93
N ALA B 263 37.68 -13.00 23.93
CA ALA B 263 36.24 -12.76 23.93
C ALA B 263 35.48 -13.93 23.31
N GLU B 264 36.20 -15.00 22.93
CA GLU B 264 35.66 -16.12 22.20
C GLU B 264 35.09 -15.70 20.86
N LEU B 265 35.56 -14.56 20.37
CA LEU B 265 35.28 -13.96 19.09
C LEU B 265 36.19 -14.55 18.02
N ASP B 266 35.75 -14.37 16.79
CA ASP B 266 36.40 -14.95 15.63
C ASP B 266 37.47 -13.98 15.17
N ILE B 267 38.71 -14.49 15.06
CA ILE B 267 39.83 -13.69 14.63
C ILE B 267 39.75 -13.41 13.14
N ALA B 268 39.05 -14.27 12.41
CA ALA B 268 39.01 -14.17 10.96
C ALA B 268 38.37 -12.88 10.47
N GLU B 269 37.35 -12.38 11.19
CA GLU B 269 36.67 -11.16 10.79
C GLU B 269 37.24 -9.90 11.41
N ARG B 270 37.76 -9.02 10.54
CA ARG B 270 38.35 -7.73 10.87
C ARG B 270 37.66 -6.60 10.12
N ARG B 271 36.51 -6.86 9.46
CA ARG B 271 35.82 -5.92 8.60
C ARG B 271 34.46 -5.38 9.08
N LEU B 272 33.93 -5.81 10.22
CA LEU B 272 32.61 -5.35 10.66
C LEU B 272 32.74 -4.84 12.09
N PRO B 273 31.86 -3.93 12.53
CA PRO B 273 31.96 -3.54 13.93
C PRO B 273 31.54 -4.71 14.78
N GLN B 274 32.20 -4.86 15.91
CA GLN B 274 31.86 -5.93 16.81
C GLN B 274 31.85 -5.37 18.21
N ASP B 275 31.02 -5.99 19.03
CA ASP B 275 30.84 -5.58 20.41
C ASP B 275 30.69 -6.89 21.15
N GLY B 276 31.24 -6.95 22.36
CA GLY B 276 31.10 -8.16 23.11
C GLY B 276 31.56 -7.97 24.53
N ARG B 277 31.76 -9.10 25.17
CA ARG B 277 32.22 -9.16 26.53
C ARG B 277 33.42 -10.08 26.56
N ILE B 278 34.27 -9.88 27.56
CA ILE B 278 35.42 -10.74 27.77
C ILE B 278 35.46 -11.05 29.23
N LYS B 279 35.60 -12.33 29.54
CA LYS B 279 35.80 -12.76 30.91
C LYS B 279 37.24 -13.24 30.96
N ILE B 280 37.98 -12.76 31.95
CA ILE B 280 39.37 -13.14 32.10
C ILE B 280 39.54 -13.69 33.50
N LYS B 281 40.16 -14.86 33.58
CA LYS B 281 40.30 -15.59 34.83
C LYS B 281 41.67 -15.25 35.41
N LEU B 282 41.67 -14.36 36.40
CA LEU B 282 42.90 -13.84 36.97
C LEU B 282 43.28 -14.53 38.28
N GLY B 283 42.67 -15.68 38.57
CA GLY B 283 43.05 -16.50 39.70
C GLY B 283 42.04 -16.49 40.83
N GLY B 284 41.55 -17.67 41.20
CA GLY B 284 40.56 -17.75 42.27
C GLY B 284 39.31 -17.01 41.88
N GLY B 285 38.74 -16.28 42.83
CA GLY B 285 37.66 -15.36 42.54
C GLY B 285 38.09 -14.15 41.76
N GLN B 286 39.40 -13.93 41.60
CA GLN B 286 39.86 -12.80 40.80
C GLN B 286 39.59 -13.09 39.34
N ASP B 287 38.43 -12.65 38.88
CA ASP B 287 38.06 -12.69 37.47
C ASP B 287 37.50 -11.32 37.12
N MET B 288 37.62 -10.97 35.85
CA MET B 288 37.40 -9.60 35.40
C MET B 288 36.60 -9.63 34.11
N ASP B 289 35.46 -8.94 34.11
CA ASP B 289 34.67 -8.80 32.89
C ASP B 289 34.93 -7.45 32.24
N TYR B 290 34.92 -7.46 30.92
CA TYR B 290 35.22 -6.28 30.13
C TYR B 290 34.13 -6.11 29.09
N ARG B 291 33.53 -4.92 28.96
CA ARG B 291 32.66 -4.71 27.81
C ARG B 291 33.56 -4.12 26.74
N VAL B 292 33.68 -4.85 25.65
CA VAL B 292 34.64 -4.57 24.59
C VAL B 292 33.91 -4.10 23.35
N SER B 293 34.34 -3.01 22.74
CA SER B 293 33.76 -2.71 21.43
C SER B 293 34.95 -2.45 20.52
N VAL B 294 35.01 -3.18 19.42
CA VAL B 294 36.05 -3.06 18.41
C VAL B 294 35.42 -2.57 17.12
N LEU B 295 36.11 -1.65 16.42
CA LEU B 295 35.55 -1.11 15.18
C LEU B 295 36.69 -1.09 14.17
N PRO B 296 36.54 -1.69 12.97
CA PRO B 296 37.66 -1.70 12.01
C PRO B 296 37.73 -0.51 11.07
N THR B 297 38.55 0.48 11.36
CA THR B 297 38.75 1.56 10.41
C THR B 297 39.72 1.06 9.35
N LEU B 298 39.98 1.93 8.37
CA LEU B 298 40.86 1.56 7.26
C LEU B 298 42.23 1.18 7.77
N PHE B 299 42.77 1.96 8.70
CA PHE B 299 44.16 1.76 9.09
C PHE B 299 44.26 0.97 10.40
N GLY B 300 43.25 0.15 10.69
CA GLY B 300 43.25 -0.72 11.85
C GLY B 300 41.98 -0.64 12.67
N GLU B 301 41.93 -1.51 13.67
CA GLU B 301 40.82 -1.62 14.60
C GLU B 301 41.00 -0.73 15.83
N LYS B 302 39.99 0.07 16.17
CA LYS B 302 40.00 0.78 17.45
C LYS B 302 39.25 -0.10 18.45
N VAL B 303 39.82 -0.28 19.64
CA VAL B 303 39.21 -1.11 20.67
C VAL B 303 38.98 -0.26 21.93
N VAL B 304 37.77 -0.35 22.50
CA VAL B 304 37.44 0.31 23.77
C VAL B 304 37.08 -0.74 24.83
N LEU B 305 37.72 -0.65 26.00
CA LEU B 305 37.44 -1.53 27.14
C LEU B 305 36.85 -0.81 28.36
N ARG B 306 35.72 -1.36 28.84
CA ARG B 306 34.91 -0.86 29.94
C ARG B 306 35.00 -1.88 31.08
N LEU B 307 35.60 -1.49 32.20
CA LEU B 307 35.80 -2.42 33.30
C LEU B 307 34.47 -2.72 33.97
N LEU B 308 34.21 -4.00 34.23
CA LEU B 308 33.01 -4.46 34.92
C LEU B 308 33.39 -5.16 36.22
N ASP B 309 33.56 -4.40 37.30
CA ASP B 309 33.88 -5.02 38.59
C ASP B 309 33.34 -4.15 39.70
N LYS B 310 32.33 -4.66 40.39
CA LYS B 310 31.84 -4.04 41.61
C LYS B 310 32.92 -3.91 42.67
N SER B 311 33.97 -4.74 42.62
CA SER B 311 35.09 -4.56 43.54
C SER B 311 35.68 -3.17 43.39
N ASN B 312 35.86 -2.72 42.15
CA ASN B 312 36.29 -1.36 41.91
C ASN B 312 35.23 -0.36 42.37
N LEU B 313 33.96 -0.75 42.31
CA LEU B 313 32.88 0.12 42.72
C LEU B 313 32.74 0.13 44.24
N GLN B 314 32.20 1.25 44.74
CA GLN B 314 31.83 1.39 46.14
C GLN B 314 30.31 1.25 46.23
N LEU B 315 29.87 0.56 47.28
CA LEU B 315 28.50 0.08 47.36
C LEU B 315 27.74 0.66 48.54
N ASP B 316 28.42 1.26 49.48
CA ASP B 316 27.81 1.86 50.65
C ASP B 316 27.20 3.16 50.17
N MET B 317 25.91 3.38 50.41
CA MET B 317 25.30 4.57 49.82
C MET B 317 25.85 5.81 50.48
N THR B 318 26.29 5.70 51.72
CA THR B 318 26.89 6.85 52.33
C THR B 318 28.22 7.15 51.64
N LYS B 319 28.79 6.14 50.97
CA LYS B 319 30.08 6.27 50.32
C LYS B 319 29.96 6.62 48.85
N LEU B 320 28.75 6.83 48.38
CA LEU B 320 28.50 7.11 46.98
C LEU B 320 28.60 8.60 46.74
N GLY B 321 28.44 9.38 47.80
CA GLY B 321 28.45 10.81 47.76
C GLY B 321 27.15 11.40 48.21
N TYR B 322 26.18 10.59 48.64
CA TYR B 322 24.93 11.17 49.11
C TYR B 322 25.20 11.96 50.37
N GLU B 323 24.71 13.19 50.35
CA GLU B 323 24.66 14.01 51.51
C GLU B 323 23.70 13.36 52.51
N PRO B 324 23.86 13.63 53.81
CA PRO B 324 22.90 13.02 54.74
C PRO B 324 21.47 13.42 54.39
N ASP B 325 21.25 14.65 53.91
CA ASP B 325 19.92 15.05 53.49
C ASP B 325 19.54 14.24 52.27
N ALA B 326 20.45 14.18 51.30
CA ALA B 326 20.18 13.43 50.08
C ALA B 326 20.07 11.94 50.35
N LEU B 327 20.95 11.40 51.20
CA LEU B 327 20.89 9.97 51.47
C LEU B 327 19.58 9.64 52.16
N HIS B 328 19.17 10.52 53.07
CA HIS B 328 17.94 10.36 53.83
C HIS B 328 16.74 10.38 52.92
N TYR B 329 16.73 11.34 52.02
CA TYR B 329 15.62 11.48 51.12
C TYR B 329 15.56 10.34 50.12
N PHE B 330 16.73 9.86 49.69
CA PHE B 330 16.75 8.72 48.78
C PHE B 330 16.27 7.45 49.45
N LYS B 331 16.72 7.20 50.66
CA LYS B 331 16.28 6.03 51.39
C LYS B 331 14.79 6.10 51.64
N GLU B 332 14.31 7.29 51.97
CA GLU B 332 12.89 7.47 52.23
C GLU B 332 12.10 7.19 50.96
N ALA B 333 12.66 7.57 49.83
CA ALA B 333 11.97 7.40 48.57
C ALA B 333 11.94 5.95 48.14
N ILE B 334 13.05 5.25 48.29
CA ILE B 334 13.14 3.86 47.85
C ILE B 334 12.49 2.89 48.80
N HIS B 335 12.17 3.32 50.01
CA HIS B 335 11.53 2.43 50.95
C HIS B 335 10.02 2.57 51.00
N LYS B 336 9.44 3.49 50.24
CA LYS B 336 8.00 3.57 50.14
C LYS B 336 7.47 2.38 49.32
N PRO B 337 6.23 1.95 49.57
CA PRO B 337 5.74 0.73 48.88
C PRO B 337 5.47 0.91 47.40
N PHE B 338 5.32 2.14 46.91
CA PHE B 338 5.03 2.35 45.50
C PHE B 338 5.61 3.70 45.13
N GLY B 339 5.59 4.00 43.85
CA GLY B 339 6.10 5.26 43.36
C GLY B 339 7.35 5.10 42.53
N MET B 340 7.75 6.22 41.93
CA MET B 340 8.88 6.25 41.01
C MET B 340 10.04 7.04 41.61
N VAL B 341 11.25 6.48 41.48
CA VAL B 341 12.49 7.16 41.87
C VAL B 341 13.36 7.28 40.64
N LEU B 342 13.73 8.50 40.30
CA LEU B 342 14.49 8.78 39.09
C LEU B 342 15.87 9.31 39.42
N VAL B 343 16.89 8.65 38.87
CA VAL B 343 18.29 9.00 39.05
C VAL B 343 18.85 9.54 37.75
N THR B 344 19.23 10.81 37.73
CA THR B 344 19.63 11.45 36.48
C THR B 344 21.11 11.79 36.58
N GLY B 345 21.72 11.92 35.43
CA GLY B 345 23.11 12.23 35.32
C GLY B 345 23.55 11.63 34.01
N PRO B 346 24.69 12.03 33.47
CA PRO B 346 25.14 11.38 32.23
C PRO B 346 25.57 9.96 32.53
N THR B 347 25.86 9.23 31.46
CA THR B 347 26.35 7.86 31.61
C THR B 347 27.71 7.89 32.28
N GLY B 348 27.92 6.99 33.22
CA GLY B 348 29.18 6.98 33.91
C GLY B 348 29.30 7.98 35.05
N SER B 349 28.17 8.55 35.49
CA SER B 349 28.12 9.53 36.56
C SER B 349 27.84 8.85 37.89
N GLY B 350 27.79 7.52 37.88
CA GLY B 350 27.62 6.67 39.04
C GLY B 350 26.18 6.33 39.25
N LYS B 351 25.37 6.47 38.20
CA LYS B 351 23.96 6.17 38.28
C LYS B 351 23.80 4.68 38.50
N THR B 352 24.60 3.91 37.77
CA THR B 352 24.53 2.47 37.86
C THR B 352 24.96 1.99 39.25
N VAL B 353 25.99 2.61 39.81
CA VAL B 353 26.41 2.25 41.16
C VAL B 353 25.33 2.60 42.17
N SER B 354 24.72 3.79 42.02
CA SER B 354 23.67 4.23 42.95
C SER B 354 22.44 3.35 42.87
N LEU B 355 22.05 2.96 41.66
CA LEU B 355 20.88 2.11 41.50
C LEU B 355 21.19 0.71 42.00
N TYR B 356 22.40 0.21 41.73
CA TYR B 356 22.78 -1.09 42.25
C TYR B 356 22.70 -1.08 43.77
N SER B 357 23.05 0.05 44.38
CA SER B 357 22.92 0.16 45.82
C SER B 357 21.46 0.22 46.27
N ALA B 358 20.60 0.92 45.51
CA ALA B 358 19.18 0.96 45.86
C ALA B 358 18.49 -0.38 45.68
N LEU B 359 18.77 -1.08 44.59
CA LEU B 359 18.15 -2.39 44.41
C LEU B 359 18.65 -3.34 45.47
N GLY B 360 19.92 -3.22 45.86
CA GLY B 360 20.42 -4.04 46.93
C GLY B 360 19.71 -3.72 48.23
N GLU B 361 19.38 -2.43 48.42
CA GLU B 361 18.58 -2.07 49.58
C GLU B 361 17.23 -2.76 49.50
N LEU B 362 16.69 -2.83 48.29
CA LEU B 362 15.33 -3.28 48.03
C LEU B 362 15.27 -4.75 47.60
N ASN B 363 16.42 -5.40 47.40
CA ASN B 363 16.48 -6.76 46.84
C ASN B 363 15.98 -7.78 47.85
N LYS B 364 14.67 -7.98 47.89
CA LYS B 364 14.06 -8.98 48.76
C LYS B 364 13.34 -10.07 47.95
N THR B 365 13.26 -11.27 48.56
CA THR B 365 12.56 -12.39 47.95
C THR B 365 11.06 -12.12 47.85
N THR B 366 10.56 -11.17 48.64
CA THR B 366 9.14 -10.80 48.72
C THR B 366 8.71 -9.92 47.56
N GLU B 367 9.65 -9.44 46.77
CA GLU B 367 9.37 -8.50 45.70
C GLU B 367 9.75 -9.16 44.39
N ASN B 368 9.01 -8.80 43.34
CA ASN B 368 9.33 -9.22 42.00
C ASN B 368 10.04 -8.00 41.49
N ILE B 369 11.33 -8.15 41.30
CA ILE B 369 12.15 -7.06 40.83
C ILE B 369 12.52 -7.35 39.41
N SER B 370 12.24 -6.39 38.55
CA SER B 370 12.51 -6.52 37.14
C SER B 370 13.20 -5.26 36.69
N THR B 371 14.23 -5.42 35.89
CA THR B 371 15.03 -4.32 35.42
C THR B 371 15.17 -4.44 33.92
N ALA B 372 15.16 -3.30 33.26
CA ALA B 372 15.46 -3.14 31.84
C ALA B 372 16.71 -2.30 31.81
N GLU B 373 17.81 -2.86 31.28
CA GLU B 373 19.09 -2.19 31.43
C GLU B 373 19.80 -1.95 30.11
N ASP B 374 20.60 -0.88 30.08
CA ASP B 374 21.35 -0.49 28.89
C ASP B 374 22.71 0.13 29.19
N PRO B 375 23.79 -0.69 29.32
CA PRO B 375 23.90 -2.14 29.37
C PRO B 375 23.93 -2.58 30.84
N VAL B 376 24.04 -3.89 31.06
CA VAL B 376 24.27 -4.43 32.41
C VAL B 376 25.73 -4.24 32.83
N GLU B 377 25.96 -3.66 34.02
CA GLU B 377 27.31 -3.35 34.49
C GLU B 377 27.78 -4.31 35.60
N PHE B 378 26.85 -5.02 36.24
CA PHE B 378 27.16 -6.04 37.24
C PHE B 378 25.95 -6.95 37.35
N ASN B 379 26.19 -8.25 37.54
CA ASN B 379 25.12 -9.25 37.54
C ASN B 379 24.68 -9.64 38.94
N PHE B 380 23.38 -9.51 39.22
CA PHE B 380 22.78 -9.97 40.46
C PHE B 380 21.85 -11.15 40.21
N ALA B 381 22.09 -12.25 40.91
CA ALA B 381 21.16 -13.38 40.99
C ALA B 381 19.89 -12.96 41.72
N GLY B 382 18.73 -13.43 41.24
CA GLY B 382 17.47 -13.09 41.87
C GLY B 382 16.72 -11.90 41.31
N ILE B 383 17.36 -11.09 40.48
CA ILE B 383 16.74 -9.92 39.87
C ILE B 383 16.50 -10.26 38.42
N ASN B 384 15.31 -9.94 37.92
CA ASN B 384 14.96 -10.34 36.57
C ASN B 384 15.38 -9.20 35.66
N GLN B 385 16.51 -9.39 35.01
CA GLN B 385 17.17 -8.36 34.24
C GLN B 385 17.01 -8.64 32.76
N VAL B 386 16.47 -7.68 32.03
CA VAL B 386 16.31 -7.80 30.59
C VAL B 386 17.21 -6.76 29.95
N GLN B 387 17.98 -7.20 28.99
CA GLN B 387 18.89 -6.36 28.21
C GLN B 387 18.20 -6.05 26.90
N MET B 388 18.29 -4.80 26.43
CA MET B 388 17.52 -4.44 25.25
C MET B 388 18.20 -5.02 24.02
N HIS B 389 17.39 -5.45 23.06
CA HIS B 389 17.85 -6.06 21.82
C HIS B 389 16.82 -5.71 20.73
N GLU B 390 17.02 -4.56 20.10
CA GLU B 390 16.02 -4.02 19.20
C GLU B 390 15.82 -4.89 17.97
N ASP B 391 16.86 -5.63 17.56
CA ASP B 391 16.75 -6.43 16.35
C ASP B 391 15.67 -7.50 16.45
N ILE B 392 15.39 -8.02 17.66
CA ILE B 392 14.34 -9.03 17.83
C ILE B 392 13.01 -8.49 18.34
N GLY B 393 12.87 -7.17 18.58
CA GLY B 393 11.59 -6.60 18.99
C GLY B 393 11.32 -6.33 20.46
N LEU B 394 12.28 -6.57 21.36
CA LEU B 394 12.09 -6.38 22.80
C LEU B 394 12.60 -4.98 23.12
N ASN B 395 11.70 -3.98 23.06
CA ASN B 395 12.08 -2.61 23.39
C ASN B 395 11.49 -2.18 24.73
N PHE B 396 11.77 -0.92 25.08
CA PHE B 396 11.34 -0.39 26.37
C PHE B 396 9.84 -0.39 26.55
N ALA B 397 9.08 -0.02 25.52
CA ALA B 397 7.63 0.01 25.68
C ALA B 397 7.04 -1.38 25.87
N ALA B 398 7.43 -2.32 25.00
CA ALA B 398 6.91 -3.69 25.09
C ALA B 398 7.41 -4.38 26.34
N ALA B 399 8.65 -4.10 26.73
CA ALA B 399 9.20 -4.69 27.94
C ALA B 399 8.50 -4.11 29.15
N LEU B 400 8.17 -2.83 29.11
CA LEU B 400 7.48 -2.20 30.24
C LEU B 400 6.11 -2.80 30.42
N ARG B 401 5.40 -2.99 29.32
CA ARG B 401 4.09 -3.61 29.41
C ARG B 401 4.19 -5.04 29.89
N SER B 402 5.25 -5.77 29.50
CA SER B 402 5.41 -7.11 30.03
C SER B 402 5.70 -7.06 31.53
N PHE B 403 6.48 -6.08 31.97
CA PHE B 403 6.73 -5.94 33.40
C PHE B 403 5.42 -5.69 34.13
N LEU B 404 4.53 -4.87 33.54
CA LEU B 404 3.28 -4.61 34.22
C LEU B 404 2.46 -5.87 34.29
N ARG B 405 2.70 -6.78 33.35
CA ARG B 405 2.07 -8.08 33.34
C ARG B 405 2.87 -9.15 34.03
N GLN B 406 4.01 -8.82 34.65
CA GLN B 406 4.82 -9.86 35.27
C GLN B 406 4.72 -9.77 36.78
N ASP B 407 3.61 -9.23 37.28
CA ASP B 407 3.35 -9.10 38.70
C ASP B 407 4.51 -8.37 39.39
N PRO B 408 4.81 -7.14 38.99
CA PRO B 408 6.04 -6.52 39.48
C PRO B 408 5.81 -5.87 40.83
N ASP B 409 6.92 -5.72 41.53
CA ASP B 409 7.05 -4.92 42.73
C ASP B 409 8.03 -3.79 42.50
N ILE B 410 9.18 -4.11 41.94
CA ILE B 410 10.23 -3.13 41.71
C ILE B 410 10.54 -3.24 40.24
N ILE B 411 10.52 -2.09 39.58
CA ILE B 411 10.73 -2.03 38.15
C ILE B 411 11.86 -1.06 37.87
N MET B 412 12.82 -1.46 37.04
CA MET B 412 13.88 -0.55 36.60
C MET B 412 13.83 -0.47 35.08
N ILE B 413 13.64 0.74 34.53
CA ILE B 413 13.64 0.94 33.09
C ILE B 413 14.90 1.66 32.61
N GLY B 414 15.59 1.04 31.65
CA GLY B 414 16.84 1.52 31.08
C GLY B 414 16.92 2.98 30.68
N GLU B 415 16.04 3.39 29.77
CA GLU B 415 15.89 4.78 29.35
C GLU B 415 14.47 5.02 28.85
N ILE B 416 14.05 6.29 28.92
CA ILE B 416 12.72 6.78 28.45
C ILE B 416 12.89 7.27 27.00
N ARG B 417 12.26 6.61 26.03
CA ARG B 417 12.38 6.94 24.58
C ARG B 417 11.25 7.88 24.13
N ASP B 418 10.00 7.48 24.37
CA ASP B 418 8.79 8.24 23.95
C ASP B 418 7.83 8.44 25.14
N PHE B 419 6.68 9.05 24.85
CA PHE B 419 5.63 9.34 25.83
C PHE B 419 4.92 8.09 26.30
N GLU B 420 4.72 7.13 25.38
CA GLU B 420 4.00 5.90 25.71
C GLU B 420 4.62 5.17 26.88
N THR B 421 5.92 4.95 26.81
CA THR B 421 6.59 4.22 27.87
C THR B 421 6.55 5.03 29.16
N ALA B 422 6.67 6.36 29.05
CA ALA B 422 6.62 7.21 30.23
C ALA B 422 5.28 7.12 30.95
N GLU B 423 4.20 7.17 30.20
CA GLU B 423 2.88 7.13 30.80
C GLU B 423 2.69 5.80 31.47
N ILE B 424 3.12 4.71 30.80
CA ILE B 424 3.01 3.38 31.39
C ILE B 424 3.81 3.33 32.68
N ALA B 425 5.01 3.89 32.70
CA ALA B 425 5.85 3.77 33.89
C ALA B 425 5.30 4.57 35.07
N ILE B 426 4.79 5.78 34.83
CA ILE B 426 4.28 6.58 35.94
C ILE B 426 2.98 5.98 36.46
N LYS B 427 2.18 5.41 35.57
CA LYS B 427 0.95 4.77 36.02
C LYS B 427 1.28 3.47 36.74
N ALA B 428 2.33 2.77 36.33
CA ALA B 428 2.76 1.57 37.05
C ALA B 428 3.22 1.93 38.44
N ALA B 429 3.87 3.10 38.58
CA ALA B 429 4.26 3.57 39.90
C ALA B 429 3.03 3.82 40.76
N LEU B 430 1.99 4.45 40.20
CA LEU B 430 0.82 4.72 41.03
C LEU B 430 0.00 3.47 41.33
N THR B 431 0.06 2.47 40.45
CA THR B 431 -0.66 1.22 40.66
C THR B 431 -0.24 0.48 41.92
N GLY B 432 1.02 0.58 42.30
CA GLY B 432 1.51 -0.15 43.45
C GLY B 432 2.75 -0.91 43.05
N HIS B 433 3.60 -0.26 42.26
CA HIS B 433 4.89 -0.82 41.90
C HIS B 433 5.94 0.24 42.15
N LEU B 434 7.11 -0.24 42.50
CA LEU B 434 8.29 0.61 42.67
C LEU B 434 8.94 0.68 41.29
N VAL B 435 9.10 1.89 40.75
CA VAL B 435 9.60 2.05 39.39
C VAL B 435 10.85 2.92 39.41
N LEU B 436 11.92 2.42 38.81
CA LEU B 436 13.17 3.16 38.64
C LEU B 436 13.47 3.42 37.16
N SER B 437 13.98 4.60 36.86
CA SER B 437 14.33 4.90 35.47
C SER B 437 15.35 6.03 35.45
N THR B 438 15.79 6.41 34.24
CA THR B 438 16.78 7.47 34.08
C THR B 438 16.40 8.49 33.02
N LEU B 439 17.02 9.66 33.14
CA LEU B 439 16.99 10.70 32.13
C LEU B 439 18.32 11.43 32.17
N HIS B 440 18.72 11.98 31.03
CA HIS B 440 19.93 12.79 30.93
C HIS B 440 19.43 14.22 31.04
N THR B 441 19.31 14.69 32.27
CA THR B 441 18.91 16.07 32.51
C THR B 441 19.93 16.71 33.42
N ASN B 442 19.78 18.01 33.51
CA ASN B 442 20.73 18.86 34.20
C ASN B 442 20.38 18.93 35.67
N ASP B 443 19.10 18.74 35.96
CA ASP B 443 18.59 18.66 37.30
C ASP B 443 17.29 17.86 37.25
N ALA B 444 16.73 17.64 38.42
CA ALA B 444 15.50 16.87 38.50
C ALA B 444 14.40 17.65 37.79
N PRO B 445 14.25 18.96 38.01
CA PRO B 445 13.24 19.69 37.24
C PRO B 445 13.39 19.60 35.74
N ALA B 446 14.60 19.58 35.15
CA ALA B 446 14.57 19.48 33.71
C ALA B 446 14.03 18.13 33.28
N THR B 447 14.20 17.12 34.14
CA THR B 447 13.61 15.82 33.88
C THR B 447 12.10 15.91 33.97
N ILE B 448 11.65 16.73 34.91
CA ILE B 448 10.23 17.03 35.10
C ILE B 448 9.67 17.62 33.83
N ASN B 449 10.35 18.63 33.31
CA ASN B 449 9.86 19.32 32.14
C ASN B 449 9.88 18.40 30.93
N ARG B 450 10.81 17.44 30.89
CA ARG B 450 10.74 16.46 29.82
C ARG B 450 9.45 15.68 29.91
N LEU B 451 9.11 15.29 31.14
CA LEU B 451 7.88 14.56 31.36
C LEU B 451 6.66 15.41 31.02
N LEU B 452 6.69 16.70 31.40
CA LEU B 452 5.56 17.56 31.12
C LEU B 452 5.35 17.78 29.63
N ASN B 453 6.42 18.02 28.88
CA ASN B 453 6.24 18.23 27.46
C ASN B 453 5.75 16.98 26.72
N MET B 454 6.11 15.79 27.20
CA MET B 454 5.60 14.60 26.50
C MET B 454 4.12 14.28 26.71
N GLY B 455 3.45 14.83 27.74
CA GLY B 455 2.02 14.57 27.93
C GLY B 455 1.53 13.77 29.14
N VAL B 456 2.38 13.38 30.09
CA VAL B 456 1.88 12.65 31.27
C VAL B 456 1.09 13.60 32.14
N GLU B 457 -0.10 13.16 32.56
CA GLU B 457 -1.00 14.05 33.28
C GLU B 457 -0.33 14.48 34.59
N PRO B 458 -0.50 15.73 35.01
CA PRO B 458 0.30 16.20 36.14
C PRO B 458 0.12 15.41 37.42
N PHE B 459 -1.08 14.93 37.70
CA PHE B 459 -1.26 14.21 38.95
C PHE B 459 -0.51 12.90 38.91
N LEU B 460 -0.38 12.29 37.72
CA LEU B 460 0.35 11.05 37.61
C LEU B 460 1.81 11.23 37.95
N VAL B 461 2.42 12.28 37.40
CA VAL B 461 3.81 12.56 37.69
C VAL B 461 3.98 12.92 39.16
N ALA B 462 3.05 13.71 39.66
CA ALA B 462 3.16 14.25 41.00
C ALA B 462 2.98 13.17 42.03
N SER B 463 2.13 12.20 41.74
CA SER B 463 1.70 11.23 42.71
C SER B 463 2.43 9.91 42.59
N ALA B 464 3.03 9.61 41.43
CA ALA B 464 3.68 8.32 41.28
C ALA B 464 5.16 8.51 41.43
N VAL B 465 5.64 9.72 41.29
CA VAL B 465 7.05 9.99 41.48
C VAL B 465 7.18 10.34 42.94
N ASN B 466 7.95 9.57 43.67
CA ASN B 466 8.22 9.91 45.06
C ASN B 466 9.34 10.93 45.12
N LEU B 467 10.33 10.79 44.23
CA LEU B 467 11.64 11.41 44.40
C LEU B 467 12.44 11.32 43.11
N ILE B 468 13.25 12.36 42.88
CA ILE B 468 14.15 12.41 41.73
C ILE B 468 15.53 12.84 42.23
N THR B 469 16.57 12.12 41.79
CA THR B 469 17.95 12.49 42.07
C THR B 469 18.64 12.81 40.77
N ALA B 470 19.55 13.77 40.84
CA ALA B 470 20.51 14.03 39.79
C ALA B 470 21.91 13.89 40.38
N GLN B 471 22.85 13.42 39.57
CA GLN B 471 24.18 13.15 40.09
C GLN B 471 25.27 13.23 39.04
N ARG B 472 26.39 13.85 39.44
CA ARG B 472 27.59 13.98 38.63
C ARG B 472 28.76 13.33 39.37
N LEU B 473 29.87 13.13 38.66
CA LEU B 473 31.15 12.75 39.26
C LEU B 473 32.22 13.77 38.91
N ALA B 474 32.94 14.22 39.94
CA ALA B 474 34.06 15.14 39.83
C ALA B 474 35.28 14.55 40.51
N ARG B 475 36.44 14.95 40.04
CA ARG B 475 37.65 14.36 40.58
C ARG B 475 37.94 14.92 41.95
N ARG B 476 38.57 14.07 42.74
CA ARG B 476 38.98 14.35 44.08
C ARG B 476 40.37 14.95 43.97
N VAL B 477 40.65 15.95 44.81
CA VAL B 477 42.00 16.49 44.85
C VAL B 477 42.90 15.39 45.29
N CYS B 478 44.06 15.31 44.67
CA CYS B 478 44.99 14.28 45.06
C CYS B 478 45.45 14.51 46.48
N SER B 479 45.37 13.46 47.28
CA SER B 479 45.69 13.58 48.69
C SER B 479 47.18 13.83 48.87
N GLU B 480 47.99 13.39 47.91
CA GLU B 480 49.43 13.52 48.08
C GLU B 480 49.86 14.93 47.80
N CYS B 481 49.50 15.44 46.63
CA CYS B 481 49.99 16.72 46.19
C CYS B 481 49.06 17.86 46.59
N LYS B 482 47.93 17.56 47.26
CA LYS B 482 46.96 18.61 47.53
C LYS B 482 47.67 19.69 48.30
N GLN B 483 47.34 20.91 47.96
CA GLN B 483 47.89 22.04 48.63
C GLN B 483 46.76 23.03 48.68
N PRO B 484 46.70 23.87 49.71
CA PRO B 484 45.63 24.84 49.71
C PRO B 484 45.88 25.69 48.49
N GLU B 485 44.78 26.00 47.85
CA GLU B 485 44.71 26.80 46.67
C GLU B 485 44.02 28.05 47.15
N GLU B 486 44.62 29.21 46.89
CA GLU B 486 43.99 30.41 47.40
C GLU B 486 43.00 30.71 46.31
N ILE B 487 41.85 30.07 46.46
CA ILE B 487 40.73 30.26 45.56
C ILE B 487 40.00 31.36 46.30
N PRO B 488 39.68 32.48 45.67
CA PRO B 488 38.97 33.51 46.43
C PRO B 488 37.66 32.98 46.95
N ILE B 489 37.41 33.26 48.23
CA ILE B 489 36.22 32.74 48.88
C ILE B 489 34.95 33.19 48.17
N GLN B 490 34.97 34.39 47.57
CA GLN B 490 33.79 34.84 46.84
C GLN B 490 33.55 34.01 45.60
N ALA B 491 34.61 33.57 44.92
CA ALA B 491 34.42 32.72 43.76
C ALA B 491 33.78 31.43 44.16
N LEU B 492 34.11 30.97 45.37
CA LEU B 492 33.47 29.79 45.89
C LEU B 492 31.99 30.05 46.10
N ILE B 493 31.65 31.22 46.65
CA ILE B 493 30.24 31.54 46.89
C ILE B 493 29.49 31.69 45.58
N ASP B 494 30.12 32.32 44.58
CA ASP B 494 29.50 32.49 43.27
C ASP B 494 29.28 31.15 42.61
N ALA B 495 30.17 30.22 42.90
CA ALA B 495 30.04 28.89 42.38
C ALA B 495 28.96 28.10 43.10
N GLY B 496 28.47 28.58 44.25
CA GLY B 496 27.39 27.90 44.95
C GLY B 496 27.70 27.54 46.40
N VAL B 497 28.79 28.07 46.93
CA VAL B 497 29.11 27.84 48.34
C VAL B 497 28.30 28.79 49.19
N SER B 498 27.86 28.29 50.34
CA SER B 498 27.09 29.11 51.22
C SER B 498 28.03 30.19 51.78
N PRO B 499 27.51 31.37 52.13
CA PRO B 499 28.43 32.43 52.60
C PRO B 499 29.17 32.10 53.88
N ASP B 500 28.51 31.43 54.82
CA ASP B 500 29.17 31.10 56.08
C ASP B 500 30.30 30.12 55.92
N GLU B 501 30.22 29.18 54.97
CA GLU B 501 31.27 28.19 54.90
C GLU B 501 32.48 28.63 54.10
N ALA B 502 32.31 29.65 53.25
CA ALA B 502 33.39 30.15 52.42
C ALA B 502 34.72 30.43 53.09
N PRO B 503 34.75 31.32 54.08
CA PRO B 503 36.04 31.63 54.71
C PRO B 503 36.66 30.43 55.38
N SER B 504 35.84 29.45 55.75
CA SER B 504 36.31 28.23 56.36
C SER B 504 36.91 27.29 55.35
N TYR B 505 36.68 27.57 54.08
CA TYR B 505 37.10 26.65 53.04
C TYR B 505 38.59 26.75 52.93
N VAL B 506 39.22 25.63 52.89
CA VAL B 506 40.61 25.53 52.56
C VAL B 506 40.40 24.72 51.30
N CYS B 507 40.56 25.37 50.18
CA CYS B 507 40.29 24.75 48.93
C CYS B 507 41.59 24.17 48.53
N TYR B 508 41.54 22.97 48.02
CA TYR B 508 42.74 22.27 47.64
C TYR B 508 42.80 21.95 46.18
N LYS B 509 44.03 21.90 45.73
CA LYS B 509 44.30 21.43 44.40
C LYS B 509 45.62 20.72 44.50
N GLY B 510 45.69 19.61 43.77
CA GLY B 510 46.87 18.84 43.79
C GLY B 510 47.76 19.48 42.76
N THR B 511 49.00 19.63 43.15
CA THR B 511 49.98 20.19 42.25
C THR B 511 50.37 19.16 41.20
N GLY B 512 50.08 17.89 41.48
CA GLY B 512 50.38 16.77 40.61
C GLY B 512 51.53 15.88 41.02
N CYS B 513 51.23 14.60 41.07
CA CYS B 513 52.19 13.55 41.33
C CYS B 513 51.72 12.32 40.57
N VAL B 514 52.51 11.25 40.64
CA VAL B 514 52.18 10.05 39.89
C VAL B 514 50.91 9.42 40.41
N LYS B 515 50.58 9.62 41.68
CA LYS B 515 49.38 8.97 42.20
C LYS B 515 48.16 9.54 41.52
N CYS B 516 48.23 10.80 41.15
CA CYS B 516 47.17 11.49 40.43
C CYS B 516 47.52 11.72 38.98
N ASN B 517 48.47 10.95 38.45
CA ASN B 517 48.88 11.09 37.06
C ASN B 517 49.37 12.49 36.78
N ASN B 518 49.97 13.14 37.79
CA ASN B 518 50.52 14.48 37.64
C ASN B 518 49.43 15.47 37.24
N THR B 519 48.21 15.19 37.69
CA THR B 519 47.02 15.99 37.43
C THR B 519 46.60 16.81 38.63
N GLY B 520 47.01 16.39 39.82
CA GLY B 520 46.51 16.97 41.02
C GLY B 520 45.25 16.35 41.54
N TYR B 521 44.72 15.34 40.84
CA TYR B 521 43.47 14.71 41.23
C TYR B 521 43.62 13.20 41.24
N LYS B 522 43.01 12.57 42.23
CA LYS B 522 43.08 11.12 42.36
C LYS B 522 41.73 10.64 42.89
N GLY B 523 41.05 9.89 42.05
CA GLY B 523 39.72 9.40 42.35
C GLY B 523 38.69 10.47 42.05
N ARG B 524 37.43 10.08 42.28
CA ARG B 524 36.26 10.88 42.02
C ARG B 524 35.29 10.77 43.17
N VAL B 525 34.35 11.69 43.17
CA VAL B 525 33.31 11.79 44.17
C VAL B 525 32.03 12.17 43.47
N GLY B 526 30.90 11.79 44.07
CA GLY B 526 29.60 12.05 43.45
C GLY B 526 29.03 13.32 44.04
N PHE B 527 28.50 14.15 43.16
CA PHE B 527 27.73 15.33 43.55
C PHE B 527 26.26 15.09 43.32
N TYR B 528 25.44 15.07 44.37
CA TYR B 528 24.03 14.71 44.28
C TYR B 528 23.12 15.88 44.60
N GLN B 529 22.08 16.04 43.79
CA GLN B 529 20.94 16.87 44.12
C GLN B 529 19.79 15.90 44.27
N VAL B 530 19.31 15.70 45.49
CA VAL B 530 18.29 14.70 45.76
C VAL B 530 17.05 15.44 46.19
N MET B 531 16.08 15.50 45.28
CA MET B 531 14.84 16.27 45.41
C MET B 531 13.67 15.30 45.51
N PRO B 532 13.13 15.04 46.69
CA PRO B 532 11.90 14.26 46.75
C PRO B 532 10.72 14.97 46.13
N MET B 533 9.80 14.17 45.63
CA MET B 533 8.59 14.70 45.02
C MET B 533 7.73 15.11 46.20
N LEU B 534 8.04 16.26 46.73
CA LEU B 534 7.31 16.80 47.85
C LEU B 534 5.95 17.28 47.36
N GLU B 535 4.98 17.35 48.27
CA GLU B 535 3.63 17.70 47.85
C GLU B 535 3.63 19.08 47.24
N GLU B 536 4.46 19.98 47.75
CA GLU B 536 4.55 21.29 47.14
C GLU B 536 5.05 21.13 45.71
N ILE B 537 5.94 20.16 45.49
CA ILE B 537 6.40 19.91 44.14
C ILE B 537 5.24 19.37 43.33
N ARG B 538 4.38 18.57 43.97
CA ARG B 538 3.18 18.09 43.29
C ARG B 538 2.26 19.22 42.90
N GLU B 539 2.07 20.20 43.79
CA GLU B 539 1.20 21.32 43.49
C GLU B 539 1.75 22.06 42.28
N LEU B 540 3.09 22.14 42.21
CA LEU B 540 3.73 22.79 41.07
C LEU B 540 3.52 21.98 39.80
N ILE B 541 3.55 20.66 39.90
CA ILE B 541 3.31 19.82 38.72
C ILE B 541 1.90 20.08 38.22
N LEU B 542 0.95 20.10 39.14
CA LEU B 542 -0.44 20.29 38.75
C LEU B 542 -0.66 21.70 38.23
N ASN B 543 0.22 22.64 38.59
CA ASN B 543 0.10 24.01 38.18
C ASN B 543 1.05 24.38 37.03
N GLY B 544 1.83 23.43 36.51
CA GLY B 544 2.61 23.67 35.30
C GLY B 544 3.91 24.41 35.52
N ALA B 545 4.58 24.22 36.64
CA ALA B 545 5.85 24.89 36.89
C ALA B 545 6.98 24.39 36.00
N ASN B 546 7.94 25.28 35.79
CA ASN B 546 9.13 25.05 34.97
C ASN B 546 10.32 24.57 35.80
N THR B 547 11.43 24.36 35.09
CA THR B 547 12.62 23.75 35.68
C THR B 547 13.19 24.58 36.82
N ALA B 548 13.27 25.89 36.62
CA ALA B 548 13.89 26.76 37.60
C ALA B 548 13.08 26.86 38.88
N GLU B 549 11.77 26.88 38.78
CA GLU B 549 10.97 27.05 39.99
C GLU B 549 11.04 25.81 40.86
N ILE B 550 10.97 24.64 40.24
CA ILE B 550 11.07 23.40 40.98
C ILE B 550 12.46 23.24 41.60
N LYS B 551 13.53 23.59 40.85
CA LYS B 551 14.86 23.52 41.43
C LYS B 551 14.98 24.49 42.60
N ARG B 552 14.38 25.67 42.46
CA ARG B 552 14.44 26.69 43.50
C ARG B 552 13.71 26.20 44.73
N GLU B 553 12.59 25.52 44.55
CA GLU B 553 11.85 25.07 45.72
C GLU B 553 12.59 23.94 46.40
N SER B 554 13.19 23.02 45.64
CA SER B 554 13.99 21.97 46.26
C SER B 554 15.13 22.55 47.08
N MET B 555 15.80 23.56 46.54
CA MET B 555 16.86 24.21 47.30
C MET B 555 16.28 24.94 48.49
N ARG B 556 15.11 25.55 48.32
CA ARG B 556 14.50 26.27 49.41
C ARG B 556 14.17 25.29 50.52
N LEU B 557 13.77 24.08 50.13
CA LEU B 557 13.39 23.04 51.06
C LEU B 557 14.63 22.34 51.61
N GLY B 558 15.81 22.75 51.17
CA GLY B 558 17.06 22.24 51.65
C GLY B 558 17.70 21.21 50.76
N ILE B 559 17.20 21.02 49.54
CA ILE B 559 17.85 20.07 48.64
C ILE B 559 19.09 20.73 48.06
N LYS B 560 20.24 20.27 48.52
CA LYS B 560 21.52 20.77 48.04
C LYS B 560 21.69 20.40 46.59
N THR B 561 22.01 21.37 45.75
CA THR B 561 22.25 20.96 44.39
C THR B 561 23.59 20.25 44.29
N MET B 562 23.82 19.71 43.12
CA MET B 562 25.04 18.98 42.87
C MET B 562 26.27 19.89 42.86
N ARG B 563 26.10 21.12 42.40
CA ARG B 563 27.19 22.07 42.49
C ARG B 563 27.53 22.38 43.93
N GLN B 564 26.52 22.61 44.75
CA GLN B 564 26.74 22.93 46.15
C GLN B 564 27.34 21.74 46.87
N SER B 565 26.91 20.54 46.52
CA SER B 565 27.49 19.36 47.11
C SER B 565 28.97 19.27 46.76
N GLY B 566 29.30 19.62 45.52
CA GLY B 566 30.70 19.62 45.14
C GLY B 566 31.54 20.65 45.83
N LEU B 567 31.00 21.84 46.00
CA LEU B 567 31.77 22.83 46.73
C LEU B 567 31.92 22.44 48.18
N THR B 568 30.95 21.74 48.74
CA THR B 568 31.14 21.24 50.09
C THR B 568 32.28 20.24 50.12
N LYS B 569 32.38 19.43 49.07
CA LYS B 569 33.48 18.49 48.97
C LYS B 569 34.79 19.26 48.87
N LEU B 570 34.75 20.42 48.24
CA LEU B 570 35.91 21.29 48.18
C LEU B 570 36.30 21.77 49.56
N LYS B 571 35.30 22.11 50.37
CA LYS B 571 35.56 22.61 51.71
C LYS B 571 36.28 21.58 52.54
N GLU B 572 35.95 20.33 52.33
CA GLU B 572 36.61 19.26 53.05
C GLU B 572 37.98 18.97 52.47
N GLY B 573 38.37 19.67 51.41
CA GLY B 573 39.65 19.48 50.82
C GLY B 573 39.70 18.19 50.05
N VAL B 574 38.54 17.62 49.72
CA VAL B 574 38.51 16.36 49.01
C VAL B 574 38.62 16.61 47.51
N THR B 575 38.00 17.66 47.01
CA THR B 575 38.03 17.99 45.60
C THR B 575 38.44 19.44 45.48
N SER B 576 38.76 19.83 44.26
CA SER B 576 39.20 21.18 43.99
C SER B 576 38.03 21.98 43.45
N PHE B 577 38.20 23.28 43.46
CA PHE B 577 37.17 24.16 42.98
C PHE B 577 36.98 24.00 41.50
N GLU B 578 38.07 23.83 40.77
CA GLU B 578 37.94 23.65 39.34
C GLU B 578 37.24 22.34 38.97
N GLU B 579 37.34 21.28 39.77
CA GLU B 579 36.62 20.05 39.39
C GLU B 579 35.14 20.21 39.61
N VAL B 580 34.78 20.90 40.69
CA VAL B 580 33.38 21.20 40.98
C VAL B 580 32.84 22.06 39.87
N LEU B 581 33.66 22.99 39.43
CA LEU B 581 33.29 23.92 38.40
C LEU B 581 33.21 23.20 37.06
N ARG B 582 34.01 22.13 36.90
CA ARG B 582 34.09 21.43 35.63
C ARG B 582 32.90 20.54 35.39
N VAL B 583 32.37 19.92 36.44
CA VAL B 583 31.32 18.92 36.23
C VAL B 583 29.95 19.47 36.60
N THR B 584 29.89 20.59 37.31
CA THR B 584 28.66 21.23 37.71
C THR B 584 28.73 22.66 37.26
N VAL B 585 27.58 23.22 36.97
CA VAL B 585 27.46 24.63 36.63
C VAL B 585 27.08 25.33 37.92
N ALA B 586 27.31 26.63 37.98
CA ALA B 586 26.94 27.30 39.20
C ALA B 586 25.43 27.35 39.28
N ASP B 587 24.94 27.50 40.51
CA ASP B 587 23.51 27.58 40.77
C ASP B 587 23.15 29.06 40.78
N ASP B 588 22.52 29.48 39.69
CA ASP B 588 22.56 30.85 39.25
C ASP B 588 21.27 31.22 38.53
N PRO C 202 15.29 -39.71 33.91
CA PRO C 202 15.18 -38.69 34.96
C PRO C 202 14.69 -37.37 34.41
N VAL C 203 14.89 -37.19 33.11
CA VAL C 203 14.41 -35.99 32.45
C VAL C 203 12.90 -35.99 32.39
N VAL C 204 12.30 -37.13 32.06
CA VAL C 204 10.84 -37.18 32.01
C VAL C 204 10.24 -36.89 33.39
N LYS C 205 10.86 -37.44 34.43
CA LYS C 205 10.40 -37.17 35.77
C LYS C 205 10.64 -35.72 36.14
N LEU C 206 11.79 -35.18 35.73
CA LEU C 206 12.13 -33.81 36.07
C LEU C 206 11.13 -32.84 35.46
N VAL C 207 10.80 -33.03 34.18
CA VAL C 207 9.85 -32.14 33.52
C VAL C 207 8.48 -32.26 34.18
N ASN C 208 8.07 -33.50 34.46
CA ASN C 208 6.79 -33.69 35.13
C ASN C 208 6.77 -33.03 36.50
N LEU C 209 7.85 -33.17 37.26
CA LEU C 209 7.96 -32.51 38.56
C LEU C 209 7.86 -30.99 38.48
N ILE C 210 8.59 -30.40 37.56
CA ILE C 210 8.55 -28.93 37.47
C ILE C 210 7.16 -28.45 37.14
N LEU C 211 6.53 -29.00 36.09
CA LEU C 211 5.19 -28.56 35.74
C LEU C 211 4.17 -28.82 36.84
N THR C 212 4.26 -29.98 37.50
CA THR C 212 3.27 -30.34 38.52
C THR C 212 3.42 -29.59 39.84
N ASP C 213 4.65 -29.35 40.32
CA ASP C 213 4.79 -28.75 41.64
C ASP C 213 4.19 -27.36 41.75
N ALA C 214 4.35 -26.51 40.73
CA ALA C 214 3.83 -25.15 40.88
C ALA C 214 2.32 -25.16 41.04
N ILE C 215 1.67 -26.01 40.26
CA ILE C 215 0.22 -26.22 40.32
C ILE C 215 -0.20 -26.87 41.64
N LYS C 216 0.61 -27.81 42.10
CA LYS C 216 0.39 -28.63 43.29
C LYS C 216 0.38 -27.88 44.62
N ARG C 217 1.22 -26.87 44.78
CA ARG C 217 1.36 -26.20 46.07
C ARG C 217 0.38 -25.08 46.42
N LYS C 218 -0.68 -24.84 45.64
CA LYS C 218 -1.70 -23.84 46.05
C LYS C 218 -1.14 -22.44 46.26
N ALA C 219 -0.42 -21.98 45.25
CA ALA C 219 0.18 -20.65 45.19
C ALA C 219 -0.76 -19.70 44.49
N SER C 220 -0.82 -18.44 44.96
CA SER C 220 -1.74 -17.51 44.34
C SER C 220 -1.09 -16.92 43.09
N ASP C 221 0.23 -16.88 43.04
CA ASP C 221 0.89 -16.38 41.85
C ASP C 221 2.09 -17.30 41.81
N ILE C 222 2.54 -17.64 40.62
CA ILE C 222 3.69 -18.52 40.47
C ILE C 222 4.75 -17.78 39.68
N HIS C 223 5.96 -17.73 40.24
CA HIS C 223 7.10 -17.04 39.63
C HIS C 223 8.21 -18.06 39.43
N ILE C 224 8.59 -18.31 38.19
CA ILE C 224 9.67 -19.25 37.85
C ILE C 224 10.79 -18.45 37.24
N GLU C 225 11.88 -18.27 37.97
CA GLU C 225 12.88 -17.27 37.59
C GLU C 225 14.21 -18.01 37.48
N PRO C 226 14.79 -18.14 36.29
CA PRO C 226 16.16 -18.64 36.17
C PRO C 226 17.18 -17.51 36.21
N TYR C 227 18.37 -17.83 36.72
CA TYR C 227 19.47 -16.87 36.75
C TYR C 227 20.76 -17.55 36.32
N GLU C 228 21.86 -16.79 36.40
CA GLU C 228 23.17 -17.30 35.96
C GLU C 228 23.65 -18.46 36.83
N ARG C 229 23.51 -18.31 38.14
CA ARG C 229 24.03 -19.27 39.11
C ARG C 229 22.93 -19.97 39.87
N SER C 230 21.69 -19.50 39.76
CA SER C 230 20.58 -20.02 40.53
C SER C 230 19.40 -20.16 39.59
N PHE C 231 18.41 -20.90 40.07
CA PHE C 231 17.19 -21.14 39.29
C PHE C 231 16.17 -21.35 40.39
N ARG C 232 15.18 -20.46 40.51
CA ARG C 232 14.30 -20.48 41.66
C ARG C 232 12.85 -20.44 41.24
N VAL C 233 12.02 -20.85 42.17
CA VAL C 233 10.58 -20.73 42.09
C VAL C 233 10.18 -19.98 43.33
N ARG C 234 9.35 -18.97 43.14
CA ARG C 234 8.83 -18.11 44.18
C ARG C 234 7.31 -18.13 44.09
N TYR C 235 6.62 -18.20 45.21
CA TYR C 235 5.17 -18.07 45.21
C TYR C 235 4.80 -16.73 45.78
N ARG C 236 3.89 -16.03 45.11
CA ARG C 236 3.32 -14.82 45.66
C ARG C 236 2.02 -15.23 46.33
N ILE C 237 1.99 -15.16 47.64
CA ILE C 237 0.82 -15.55 48.40
C ILE C 237 0.34 -14.26 49.05
N ASP C 238 -0.84 -13.80 48.62
CA ASP C 238 -1.47 -12.60 49.16
C ASP C 238 -0.59 -11.37 48.98
N GLY C 239 0.05 -11.27 47.82
CA GLY C 239 0.83 -10.10 47.50
C GLY C 239 2.27 -10.22 47.87
N VAL C 240 2.67 -11.31 48.53
CA VAL C 240 4.01 -11.47 49.03
C VAL C 240 4.61 -12.71 48.40
N LEU C 241 5.86 -12.58 47.95
CA LEU C 241 6.65 -13.66 47.36
C LEU C 241 7.46 -14.46 48.36
N TYR C 242 7.49 -15.77 48.14
CA TYR C 242 8.31 -16.65 48.97
C TYR C 242 9.04 -17.56 48.00
N GLU C 243 10.33 -17.75 48.24
CA GLU C 243 11.11 -18.71 47.47
C GLU C 243 10.69 -20.11 47.86
N VAL C 244 10.22 -20.88 46.88
CA VAL C 244 9.66 -22.20 47.15
C VAL C 244 10.44 -23.35 46.54
N MET C 245 11.36 -23.12 45.59
CA MET C 245 12.07 -24.28 45.03
C MET C 245 13.30 -23.84 44.25
N LYS C 246 14.38 -24.63 44.35
CA LYS C 246 15.62 -24.45 43.58
C LYS C 246 16.00 -25.61 42.65
N PRO C 247 15.52 -25.70 41.40
CA PRO C 247 15.90 -26.86 40.59
C PRO C 247 17.39 -26.86 40.35
N PRO C 248 18.00 -28.04 40.11
CA PRO C 248 19.44 -28.04 39.84
C PRO C 248 19.92 -27.41 38.55
N LEU C 249 21.03 -26.68 38.66
CA LEU C 249 21.71 -26.13 37.50
C LEU C 249 22.37 -27.21 36.69
N LYS C 250 22.73 -28.33 37.34
CA LYS C 250 23.52 -29.35 36.67
C LYS C 250 22.85 -30.01 35.47
N LEU C 251 21.54 -30.18 35.46
CA LEU C 251 20.97 -30.87 34.32
C LEU C 251 20.39 -29.91 33.30
N LYS C 252 20.70 -28.62 33.43
CA LYS C 252 20.08 -27.65 32.54
C LYS C 252 20.50 -27.81 31.08
N ASN C 253 21.82 -27.79 30.82
CA ASN C 253 22.37 -27.85 29.46
C ASN C 253 22.46 -29.20 28.73
N ALA C 254 22.65 -30.32 29.41
CA ALA C 254 22.81 -31.57 28.66
C ALA C 254 21.52 -32.07 28.05
N ILE C 255 20.45 -32.03 28.84
CA ILE C 255 19.07 -32.47 28.45
C ILE C 255 18.20 -31.22 28.34
N THR C 256 18.60 -30.31 27.44
CA THR C 256 17.93 -28.99 27.20
C THR C 256 16.78 -29.14 26.20
N SER C 257 17.08 -29.46 24.94
CA SER C 257 16.08 -29.53 23.89
C SER C 257 15.05 -30.62 24.18
N ARG C 258 15.48 -31.76 24.71
CA ARG C 258 14.54 -32.84 24.98
C ARG C 258 13.40 -32.46 25.92
N ILE C 259 13.70 -31.85 27.05
CA ILE C 259 12.64 -31.44 27.97
C ILE C 259 11.76 -30.37 27.36
N LYS C 260 12.36 -29.48 26.58
CA LYS C 260 11.60 -28.40 25.98
C LYS C 260 10.60 -28.99 25.00
N ILE C 261 10.96 -30.11 24.37
CA ILE C 261 10.00 -30.83 23.55
C ILE C 261 8.97 -31.54 24.43
N MET C 262 9.40 -32.12 25.57
CA MET C 262 8.49 -32.80 26.48
C MET C 262 7.45 -31.90 27.15
N ALA C 263 7.72 -30.62 27.35
CA ALA C 263 6.75 -29.73 27.99
C ALA C 263 5.95 -28.95 26.96
N GLU C 264 6.11 -29.31 25.69
CA GLU C 264 5.41 -28.70 24.58
C GLU C 264 5.71 -27.21 24.53
N LEU C 265 6.94 -26.88 24.88
CA LEU C 265 7.44 -25.52 24.86
C LEU C 265 8.31 -25.36 23.62
N ASP C 266 8.59 -24.12 23.27
CA ASP C 266 9.34 -23.85 22.06
C ASP C 266 10.79 -24.14 22.45
N ILE C 267 11.40 -25.17 21.86
CA ILE C 267 12.77 -25.44 22.27
C ILE C 267 13.74 -24.43 21.68
N ALA C 268 13.45 -23.87 20.51
CA ALA C 268 14.41 -22.94 19.95
C ALA C 268 14.34 -21.54 20.53
N GLU C 269 13.19 -21.09 21.05
CA GLU C 269 13.07 -19.73 21.57
C GLU C 269 13.17 -19.61 23.08
N ARG C 270 14.22 -18.93 23.55
CA ARG C 270 14.42 -18.65 24.96
C ARG C 270 14.62 -17.15 25.16
N ARG C 271 14.39 -16.33 24.12
CA ARG C 271 14.67 -14.90 24.13
C ARG C 271 13.51 -13.90 24.13
N LEU C 272 12.26 -14.27 23.79
CA LEU C 272 11.21 -13.24 23.68
C LEU C 272 10.03 -13.41 24.64
N PRO C 273 9.33 -12.32 24.99
CA PRO C 273 8.15 -12.46 25.84
C PRO C 273 7.01 -13.18 25.14
N GLN C 274 6.21 -13.90 25.94
CA GLN C 274 5.03 -14.60 25.41
C GLN C 274 3.90 -14.38 26.40
N ASP C 275 2.67 -14.38 25.88
CA ASP C 275 1.51 -14.14 26.73
C ASP C 275 0.35 -15.04 26.33
N GLY C 276 -0.29 -15.64 27.32
CA GLY C 276 -1.39 -16.52 27.02
C GLY C 276 -2.34 -16.67 28.19
N ARG C 277 -3.19 -17.67 28.05
CA ARG C 277 -4.28 -17.95 28.96
C ARG C 277 -4.28 -19.47 29.13
N ILE C 278 -4.64 -19.93 30.33
CA ILE C 278 -4.75 -21.37 30.57
C ILE C 278 -6.06 -21.54 31.31
N LYS C 279 -7.06 -22.11 30.64
CA LYS C 279 -8.36 -22.43 31.22
C LYS C 279 -8.43 -23.93 31.53
N ILE C 280 -8.60 -24.27 32.80
CA ILE C 280 -8.67 -25.67 33.22
C ILE C 280 -10.03 -25.85 33.86
N LYS C 281 -10.89 -26.56 33.12
CA LYS C 281 -12.28 -26.83 33.46
C LYS C 281 -12.42 -28.29 33.88
N LEU C 282 -13.46 -28.56 34.67
CA LEU C 282 -13.88 -29.93 34.97
C LEU C 282 -14.84 -30.47 33.91
N GLY C 283 -15.00 -29.74 32.80
CA GLY C 283 -16.06 -29.96 31.84
C GLY C 283 -17.10 -28.87 32.03
N GLY C 284 -17.00 -27.81 31.23
CA GLY C 284 -17.88 -26.65 31.37
C GLY C 284 -17.14 -25.36 31.67
N GLY C 285 -17.68 -24.58 32.62
CA GLY C 285 -17.19 -23.24 32.90
C GLY C 285 -16.70 -23.01 34.31
N GLN C 286 -16.96 -23.93 35.24
CA GLN C 286 -16.43 -23.82 36.59
C GLN C 286 -14.95 -24.16 36.56
N ASP C 287 -14.20 -23.28 35.88
CA ASP C 287 -12.84 -23.57 35.47
C ASP C 287 -11.91 -22.58 36.13
N MET C 288 -10.88 -23.11 36.74
CA MET C 288 -9.82 -22.30 37.29
C MET C 288 -8.85 -22.06 36.15
N ASP C 289 -8.35 -20.84 36.06
CA ASP C 289 -7.51 -20.46 34.94
C ASP C 289 -6.36 -19.59 35.40
N TYR C 290 -5.35 -19.50 34.53
CA TYR C 290 -4.13 -18.78 34.82
C TYR C 290 -3.87 -17.83 33.67
N ARG C 291 -3.43 -16.62 33.99
CA ARG C 291 -2.90 -15.72 33.00
C ARG C 291 -1.39 -15.91 32.99
N VAL C 292 -0.82 -16.35 31.86
CA VAL C 292 0.59 -16.73 31.79
C VAL C 292 1.36 -15.64 31.05
N SER C 293 2.46 -15.17 31.65
CA SER C 293 3.34 -14.20 31.02
C SER C 293 4.78 -14.70 31.11
N VAL C 294 5.45 -14.77 29.97
CA VAL C 294 6.83 -15.21 29.88
C VAL C 294 7.65 -13.98 29.53
N LEU C 295 8.77 -13.80 30.22
CA LEU C 295 9.66 -12.65 30.12
C LEU C 295 11.12 -13.08 29.93
N PRO C 296 11.85 -12.54 28.95
CA PRO C 296 13.25 -12.96 28.74
C PRO C 296 14.30 -12.31 29.64
N THR C 297 14.65 -12.96 30.74
CA THR C 297 15.75 -12.44 31.54
C THR C 297 17.03 -12.92 30.86
N LEU C 298 18.18 -12.44 31.34
CA LEU C 298 19.43 -12.67 30.64
C LEU C 298 19.85 -14.13 30.68
N PHE C 299 19.40 -14.86 31.68
CA PHE C 299 19.76 -16.27 31.84
C PHE C 299 18.57 -17.19 31.64
N GLY C 300 17.65 -16.81 30.75
CA GLY C 300 16.48 -17.62 30.43
C GLY C 300 15.17 -16.91 30.67
N GLU C 301 14.10 -17.59 30.28
CA GLU C 301 12.74 -17.08 30.43
C GLU C 301 12.20 -17.25 31.85
N LYS C 302 11.67 -16.17 32.40
CA LYS C 302 10.91 -16.16 33.64
C LYS C 302 9.42 -16.14 33.35
N VAL C 303 8.64 -17.00 34.01
CA VAL C 303 7.20 -17.07 33.76
C VAL C 303 6.46 -16.66 35.03
N VAL C 304 5.43 -15.83 34.87
CA VAL C 304 4.54 -15.41 35.95
C VAL C 304 3.12 -15.88 35.60
N LEU C 305 2.49 -16.57 36.56
CA LEU C 305 1.10 -17.06 36.44
C LEU C 305 0.15 -16.47 37.48
N ARG C 306 -0.93 -15.79 37.03
CA ARG C 306 -1.93 -15.15 37.91
C ARG C 306 -3.28 -15.88 37.76
N LEU C 307 -3.80 -16.39 38.88
CA LEU C 307 -5.07 -17.13 38.92
C LEU C 307 -6.35 -16.26 38.80
N LEU C 308 -7.36 -16.84 38.15
CA LEU C 308 -8.68 -16.25 37.86
C LEU C 308 -9.68 -17.39 37.62
N ASP C 309 -10.97 -17.04 37.55
CA ASP C 309 -12.05 -17.98 37.33
C ASP C 309 -13.01 -17.43 36.29
N LYS C 310 -13.67 -18.34 35.58
CA LYS C 310 -14.72 -17.98 34.63
C LYS C 310 -15.86 -17.23 35.25
N SER C 311 -16.16 -17.47 36.53
CA SER C 311 -17.38 -17.00 37.16
C SER C 311 -17.15 -15.90 38.17
N ASN C 312 -15.98 -15.85 38.80
CA ASN C 312 -15.62 -14.70 39.63
C ASN C 312 -15.68 -13.43 38.81
N LEU C 313 -15.35 -13.53 37.52
CA LEU C 313 -15.63 -12.50 36.54
C LEU C 313 -16.84 -12.99 35.74
N GLN C 314 -18.02 -12.46 36.10
CA GLN C 314 -19.27 -13.17 35.95
C GLN C 314 -19.89 -12.97 34.56
N LEU C 315 -20.66 -13.98 34.13
CA LEU C 315 -21.17 -14.07 32.76
C LEU C 315 -22.55 -13.44 32.56
N ASP C 316 -23.11 -12.80 33.58
CA ASP C 316 -24.34 -12.03 33.39
C ASP C 316 -24.04 -10.75 32.63
N MET C 317 -24.59 -10.63 31.43
CA MET C 317 -24.38 -9.43 30.61
C MET C 317 -24.75 -8.16 31.36
N THR C 318 -25.74 -8.25 32.25
CA THR C 318 -26.09 -7.11 33.09
C THR C 318 -25.00 -6.82 34.12
N LYS C 319 -24.17 -7.81 34.42
CA LYS C 319 -23.11 -7.69 35.41
C LYS C 319 -21.80 -7.36 34.74
N LEU C 320 -21.82 -7.09 33.44
CA LEU C 320 -20.59 -6.85 32.74
C LEU C 320 -20.22 -5.37 32.73
N GLY C 321 -21.11 -4.47 33.13
CA GLY C 321 -20.80 -3.06 33.19
C GLY C 321 -21.25 -2.24 32.02
N TYR C 322 -22.13 -2.78 31.17
CA TYR C 322 -22.63 -2.04 30.04
C TYR C 322 -23.59 -0.92 30.46
N GLU C 323 -23.39 0.25 29.85
CA GLU C 323 -24.31 1.36 29.97
C GLU C 323 -25.65 0.97 29.34
N PRO C 324 -26.77 1.59 29.76
CA PRO C 324 -28.07 1.14 29.23
C PRO C 324 -28.20 1.15 27.71
N ASP C 325 -27.74 2.20 27.03
CA ASP C 325 -27.77 2.17 25.57
C ASP C 325 -26.85 1.08 25.07
N ALA C 326 -25.63 1.02 25.62
CA ALA C 326 -24.66 0.02 25.19
C ALA C 326 -25.14 -1.40 25.49
N LEU C 327 -25.74 -1.61 26.67
CA LEU C 327 -26.26 -2.94 26.98
C LEU C 327 -27.41 -3.26 26.04
N HIS C 328 -28.21 -2.26 25.69
CA HIS C 328 -29.31 -2.45 24.75
C HIS C 328 -28.79 -2.86 23.39
N TYR C 329 -27.75 -2.18 22.94
CA TYR C 329 -27.16 -2.51 21.66
C TYR C 329 -26.56 -3.91 21.69
N PHE C 330 -25.90 -4.28 22.79
CA PHE C 330 -25.28 -5.59 22.86
C PHE C 330 -26.31 -6.71 22.85
N LYS C 331 -27.34 -6.58 23.70
CA LYS C 331 -28.38 -7.61 23.74
C LYS C 331 -29.14 -7.64 22.42
N GLU C 332 -29.41 -6.46 21.87
CA GLU C 332 -30.13 -6.36 20.61
C GLU C 332 -29.30 -6.97 19.48
N ALA C 333 -27.99 -6.79 19.55
CA ALA C 333 -27.07 -7.24 18.52
C ALA C 333 -26.91 -8.75 18.53
N ILE C 334 -26.76 -9.36 19.71
CA ILE C 334 -26.51 -10.78 19.74
C ILE C 334 -27.76 -11.57 19.41
N HIS C 335 -28.94 -10.96 19.51
CA HIS C 335 -30.17 -11.65 19.19
C HIS C 335 -30.60 -11.44 17.75
N LYS C 336 -29.80 -10.72 16.93
CA LYS C 336 -30.09 -10.61 15.51
C LYS C 336 -29.68 -11.83 14.70
N PRO C 337 -30.41 -12.11 13.62
CA PRO C 337 -30.14 -13.32 12.84
C PRO C 337 -28.81 -13.30 12.12
N PHE C 338 -28.20 -12.13 11.90
CA PHE C 338 -26.94 -12.14 11.18
C PHE C 338 -26.17 -10.88 11.56
N GLY C 339 -24.98 -10.76 11.00
CA GLY C 339 -24.05 -9.68 11.25
C GLY C 339 -22.86 -10.16 12.06
N MET C 340 -21.94 -9.24 12.23
CA MET C 340 -20.67 -9.52 12.89
C MET C 340 -20.63 -8.66 14.13
N VAL C 341 -20.23 -9.27 15.23
CA VAL C 341 -20.04 -8.58 16.48
C VAL C 341 -18.62 -8.84 16.92
N LEU C 342 -17.85 -7.78 17.12
CA LEU C 342 -16.46 -7.90 17.46
C LEU C 342 -16.30 -7.36 18.86
N VAL C 343 -15.78 -8.22 19.72
CA VAL C 343 -15.52 -7.89 21.10
C VAL C 343 -14.02 -7.73 21.17
N THR C 344 -13.60 -6.50 21.37
CA THR C 344 -12.21 -6.10 21.28
C THR C 344 -11.69 -5.71 22.66
N GLY C 345 -10.37 -5.76 22.81
CA GLY C 345 -9.74 -5.46 24.06
C GLY C 345 -8.44 -6.22 24.10
N PRO C 346 -7.56 -5.91 25.04
CA PRO C 346 -6.30 -6.65 25.12
C PRO C 346 -6.52 -8.01 25.76
N THR C 347 -5.42 -8.75 25.86
CA THR C 347 -5.43 -10.04 26.53
C THR C 347 -5.65 -9.81 28.02
N GLY C 348 -6.60 -10.54 28.60
CA GLY C 348 -6.91 -10.38 30.00
C GLY C 348 -7.91 -9.27 30.24
N SER C 349 -8.68 -8.94 29.22
CA SER C 349 -9.60 -7.82 29.22
C SER C 349 -11.05 -8.23 29.41
N GLY C 350 -11.35 -9.51 29.58
CA GLY C 350 -12.72 -9.94 29.82
C GLY C 350 -13.46 -10.42 28.60
N LYS C 351 -12.76 -10.60 27.49
CA LYS C 351 -13.38 -10.89 26.20
C LYS C 351 -14.15 -12.20 26.19
N THR C 352 -13.51 -13.28 26.66
CA THR C 352 -14.18 -14.57 26.65
C THR C 352 -15.46 -14.57 27.49
N VAL C 353 -15.44 -13.87 28.63
CA VAL C 353 -16.65 -13.75 29.45
C VAL C 353 -17.76 -13.00 28.73
N SER C 354 -17.45 -11.89 28.04
CA SER C 354 -18.52 -11.18 27.36
C SER C 354 -19.11 -11.97 26.21
N LEU C 355 -18.26 -12.65 25.43
CA LEU C 355 -18.82 -13.48 24.37
C LEU C 355 -19.63 -14.63 24.93
N TYR C 356 -19.11 -15.29 25.96
CA TYR C 356 -19.85 -16.38 26.59
C TYR C 356 -21.12 -15.88 27.22
N SER C 357 -21.13 -14.65 27.74
CA SER C 357 -22.35 -14.08 28.28
C SER C 357 -23.39 -13.99 27.17
N ALA C 358 -22.94 -13.60 25.98
CA ALA C 358 -23.85 -13.55 24.83
C ALA C 358 -24.31 -14.96 24.44
N LEU C 359 -23.41 -15.95 24.51
CA LEU C 359 -23.82 -17.31 24.16
C LEU C 359 -24.83 -17.85 25.15
N GLY C 360 -24.65 -17.54 26.44
CA GLY C 360 -25.63 -17.93 27.42
C GLY C 360 -26.96 -17.25 27.18
N GLU C 361 -26.91 -15.96 26.82
CA GLU C 361 -28.13 -15.24 26.50
C GLU C 361 -28.84 -15.86 25.31
N LEU C 362 -28.08 -16.45 24.39
CA LEU C 362 -28.65 -16.99 23.16
C LEU C 362 -28.89 -18.49 23.22
N ASN C 363 -28.32 -19.19 24.20
CA ASN C 363 -28.40 -20.65 24.19
C ASN C 363 -29.82 -21.09 24.50
N LYS C 364 -30.62 -21.29 23.45
CA LYS C 364 -31.98 -21.77 23.58
C LYS C 364 -32.20 -22.94 22.63
N THR C 365 -33.13 -23.82 22.99
CA THR C 365 -33.41 -25.04 22.25
C THR C 365 -33.96 -24.80 20.84
N THR C 366 -34.32 -23.56 20.49
CA THR C 366 -34.90 -23.28 19.20
C THR C 366 -33.86 -23.07 18.11
N GLU C 367 -32.60 -22.91 18.48
CA GLU C 367 -31.50 -22.62 17.56
C GLU C 367 -30.38 -23.62 17.73
N ASN C 368 -29.60 -23.81 16.67
CA ASN C 368 -28.45 -24.72 16.65
C ASN C 368 -27.19 -23.87 16.77
N ILE C 369 -26.51 -23.99 17.91
CA ILE C 369 -25.27 -23.27 18.16
C ILE C 369 -24.10 -24.22 18.02
N SER C 370 -23.10 -23.78 17.25
CA SER C 370 -21.88 -24.52 17.01
C SER C 370 -20.76 -23.50 17.11
N THR C 371 -19.67 -23.84 17.78
CA THR C 371 -18.58 -22.91 17.98
C THR C 371 -17.29 -23.56 17.53
N ALA C 372 -16.38 -22.75 17.01
CA ALA C 372 -15.03 -23.16 16.66
C ALA C 372 -14.04 -22.27 17.39
N GLU C 373 -13.29 -22.86 18.31
CA GLU C 373 -12.42 -22.12 19.22
C GLU C 373 -11.05 -22.75 19.21
N ASP C 374 -10.04 -21.94 19.45
CA ASP C 374 -8.64 -22.39 19.44
C ASP C 374 -8.01 -21.76 20.68
N PRO C 375 -8.18 -22.39 21.86
CA PRO C 375 -8.95 -23.61 22.11
C PRO C 375 -10.35 -23.29 22.60
N VAL C 376 -11.12 -24.31 22.99
CA VAL C 376 -12.44 -24.09 23.56
C VAL C 376 -12.30 -23.69 25.02
N GLU C 377 -12.76 -22.49 25.34
CA GLU C 377 -12.53 -21.95 26.67
C GLU C 377 -13.53 -22.59 27.64
N PHE C 378 -14.78 -22.80 27.22
CA PHE C 378 -15.79 -23.36 28.12
C PHE C 378 -16.73 -24.25 27.34
N ASN C 379 -17.12 -25.35 27.98
CA ASN C 379 -18.01 -26.36 27.40
C ASN C 379 -19.48 -26.08 27.69
N PHE C 380 -20.33 -26.24 26.68
CA PHE C 380 -21.77 -26.04 26.82
C PHE C 380 -22.50 -27.23 26.22
N ALA C 381 -23.30 -27.92 27.05
CA ALA C 381 -24.16 -28.99 26.55
C ALA C 381 -25.23 -28.37 25.67
N GLY C 382 -25.42 -28.91 24.48
CA GLY C 382 -26.38 -28.37 23.55
C GLY C 382 -25.75 -27.43 22.53
N ILE C 383 -24.46 -27.16 22.68
CA ILE C 383 -23.69 -26.34 21.76
C ILE C 383 -22.62 -27.25 21.19
N ASN C 384 -22.50 -27.27 19.87
CA ASN C 384 -21.56 -28.18 19.21
C ASN C 384 -20.23 -27.45 19.14
N GLN C 385 -19.33 -27.81 20.03
CA GLN C 385 -18.09 -27.09 20.20
C GLN C 385 -16.94 -27.90 19.61
N VAL C 386 -16.21 -27.25 18.72
CA VAL C 386 -15.08 -27.82 18.04
C VAL C 386 -13.85 -27.04 18.49
N GLN C 387 -12.83 -27.76 18.94
CA GLN C 387 -11.57 -27.15 19.34
C GLN C 387 -10.69 -27.24 18.13
N MET C 388 -9.90 -26.20 17.86
CA MET C 388 -9.19 -26.22 16.61
C MET C 388 -7.97 -27.09 16.80
N HIS C 389 -7.70 -27.85 15.76
CA HIS C 389 -6.61 -28.82 15.77
C HIS C 389 -5.99 -28.53 14.43
N GLU C 390 -5.24 -27.43 14.44
CA GLU C 390 -4.67 -26.88 13.23
C GLU C 390 -3.77 -27.91 12.56
N ASP C 391 -3.13 -28.77 13.38
CA ASP C 391 -2.20 -29.77 12.89
C ASP C 391 -2.91 -30.75 11.95
N ILE C 392 -4.15 -31.12 12.27
CA ILE C 392 -4.89 -32.07 11.43
C ILE C 392 -5.70 -31.35 10.38
N GLY C 393 -5.56 -30.03 10.28
CA GLY C 393 -6.24 -29.23 9.31
C GLY C 393 -7.48 -28.59 9.87
N LEU C 394 -7.74 -28.76 11.17
CA LEU C 394 -8.90 -28.19 11.81
C LEU C 394 -8.50 -26.86 12.39
N ASN C 395 -8.65 -25.82 11.59
CA ASN C 395 -8.39 -24.45 11.97
C ASN C 395 -9.71 -23.71 11.87
N PHE C 396 -9.70 -22.42 12.16
CA PHE C 396 -10.95 -21.67 12.16
C PHE C 396 -11.64 -21.73 10.80
N ALA C 397 -10.87 -21.69 9.72
CA ALA C 397 -11.49 -21.71 8.40
C ALA C 397 -12.13 -23.05 8.10
N ALA C 398 -11.40 -24.15 8.36
CA ALA C 398 -11.94 -25.47 8.10
C ALA C 398 -13.14 -25.78 9.01
N ALA C 399 -13.08 -25.31 10.26
CA ALA C 399 -14.21 -25.56 11.16
C ALA C 399 -15.42 -24.73 10.75
N LEU C 400 -15.22 -23.48 10.33
CA LEU C 400 -16.35 -22.69 9.87
C LEU C 400 -16.98 -23.34 8.66
N ARG C 401 -16.15 -23.81 7.73
CA ARG C 401 -16.73 -24.42 6.54
C ARG C 401 -17.47 -25.68 6.88
N SER C 402 -16.97 -26.46 7.85
CA SER C 402 -17.74 -27.62 8.27
C SER C 402 -19.04 -27.19 8.92
N PHE C 403 -19.00 -26.13 9.73
CA PHE C 403 -20.24 -25.66 10.33
C PHE C 403 -21.20 -25.30 9.22
N LEU C 404 -20.68 -24.65 8.18
CA LEU C 404 -21.47 -24.24 7.04
C LEU C 404 -22.03 -25.45 6.30
N ARG C 405 -21.45 -26.64 6.52
CA ARG C 405 -21.97 -27.86 5.94
C ARG C 405 -22.80 -28.64 6.96
N GLN C 406 -23.00 -28.06 8.14
CA GLN C 406 -23.70 -28.70 9.26
C GLN C 406 -25.07 -28.05 9.51
N ASP C 407 -25.60 -27.33 8.53
CA ASP C 407 -26.86 -26.61 8.66
C ASP C 407 -26.88 -25.68 9.88
N PRO C 408 -25.99 -24.69 9.92
CA PRO C 408 -25.88 -23.85 11.11
C PRO C 408 -26.83 -22.66 11.02
N ASP C 409 -27.12 -22.09 12.18
CA ASP C 409 -27.83 -20.82 12.30
C ASP C 409 -26.97 -19.74 12.92
N ILE C 410 -26.23 -20.06 13.96
CA ILE C 410 -25.37 -19.09 14.62
C ILE C 410 -24.02 -19.79 14.68
N ILE C 411 -22.96 -19.13 14.22
CA ILE C 411 -21.61 -19.68 14.17
C ILE C 411 -20.71 -18.80 15.00
N MET C 412 -19.90 -19.40 15.89
CA MET C 412 -18.95 -18.65 16.71
C MET C 412 -17.55 -19.12 16.35
N ILE C 413 -16.69 -18.17 15.98
CA ILE C 413 -15.30 -18.43 15.68
C ILE C 413 -14.43 -17.81 16.78
N GLY C 414 -13.47 -18.61 17.24
CA GLY C 414 -12.60 -18.18 18.32
C GLY C 414 -11.87 -16.89 18.01
N GLU C 415 -11.44 -16.73 16.76
CA GLU C 415 -10.68 -15.55 16.37
C GLU C 415 -10.71 -15.39 14.87
N ILE C 416 -10.69 -14.13 14.48
CA ILE C 416 -10.46 -13.72 13.11
C ILE C 416 -8.96 -13.51 13.03
N ARG C 417 -8.28 -14.41 12.31
CA ARG C 417 -6.83 -14.40 12.25
C ARG C 417 -6.29 -13.83 10.95
N ASP C 418 -6.89 -14.17 9.81
CA ASP C 418 -6.41 -13.76 8.50
C ASP C 418 -7.62 -13.26 7.72
N PHE C 419 -7.41 -12.68 6.53
CA PHE C 419 -8.56 -12.17 5.80
C PHE C 419 -9.39 -13.32 5.26
N GLU C 420 -8.75 -14.43 4.89
CA GLU C 420 -9.51 -15.58 4.37
C GLU C 420 -10.51 -16.13 5.39
N THR C 421 -10.09 -16.31 6.64
CA THR C 421 -11.03 -16.79 7.65
C THR C 421 -12.07 -15.71 7.91
N ALA C 422 -11.64 -14.45 7.88
CA ALA C 422 -12.56 -13.35 8.09
C ALA C 422 -13.60 -13.39 7.00
N GLU C 423 -13.16 -13.62 5.78
CA GLU C 423 -14.03 -13.66 4.61
C GLU C 423 -15.03 -14.80 4.74
N ILE C 424 -14.58 -15.96 5.22
CA ILE C 424 -15.50 -17.08 5.40
C ILE C 424 -16.51 -16.69 6.48
N ALA C 425 -16.05 -16.03 7.53
CA ALA C 425 -16.95 -15.57 8.57
C ALA C 425 -17.94 -14.60 7.95
N ILE C 426 -17.46 -13.73 7.08
CA ILE C 426 -18.28 -12.79 6.35
C ILE C 426 -19.33 -13.55 5.54
N LYS C 427 -18.90 -14.62 4.87
CA LYS C 427 -19.81 -15.44 4.10
C LYS C 427 -20.89 -16.02 4.99
N ALA C 428 -20.49 -16.56 6.13
CA ALA C 428 -21.45 -17.14 7.06
C ALA C 428 -22.42 -16.06 7.55
N ALA C 429 -21.89 -14.85 7.78
CA ALA C 429 -22.74 -13.75 8.24
C ALA C 429 -23.73 -13.28 7.19
N LEU C 430 -23.33 -13.28 5.92
CA LEU C 430 -24.18 -12.79 4.86
C LEU C 430 -25.17 -13.84 4.37
N THR C 431 -24.89 -15.12 4.58
CA THR C 431 -25.83 -16.15 4.17
C THR C 431 -26.97 -16.30 5.17
N GLY C 432 -26.89 -15.65 6.33
CA GLY C 432 -27.99 -15.65 7.27
C GLY C 432 -27.62 -16.14 8.66
N HIS C 433 -26.36 -16.07 9.04
CA HIS C 433 -25.94 -16.54 10.35
C HIS C 433 -25.39 -15.37 11.16
N LEU C 434 -25.60 -15.42 12.46
CA LEU C 434 -25.03 -14.42 13.35
C LEU C 434 -23.67 -14.94 13.71
N VAL C 435 -22.62 -14.19 13.36
CA VAL C 435 -21.27 -14.65 13.57
C VAL C 435 -20.64 -13.73 14.59
N LEU C 436 -20.09 -14.32 15.63
CA LEU C 436 -19.38 -13.63 16.69
C LEU C 436 -17.93 -14.10 16.72
N SER C 437 -17.00 -13.17 16.90
CA SER C 437 -15.59 -13.52 16.90
C SER C 437 -14.85 -12.45 17.67
N THR C 438 -13.52 -12.51 17.64
CA THR C 438 -12.69 -11.71 18.54
C THR C 438 -11.41 -11.23 17.89
N LEU C 439 -11.01 -10.01 18.25
CA LEU C 439 -9.70 -9.48 17.91
C LEU C 439 -9.08 -8.84 19.13
N HIS C 440 -7.75 -8.85 19.16
CA HIS C 440 -6.96 -8.16 20.18
C HIS C 440 -6.55 -6.79 19.66
N THR C 441 -7.32 -5.77 20.04
CA THR C 441 -7.06 -4.39 19.62
C THR C 441 -7.20 -3.47 20.82
N ASN C 442 -6.87 -2.19 20.61
CA ASN C 442 -6.91 -1.20 21.70
C ASN C 442 -8.35 -0.81 21.94
N ASP C 443 -9.14 -0.68 20.89
CA ASP C 443 -10.54 -0.30 21.02
C ASP C 443 -11.29 -0.79 19.80
N ALA C 444 -12.58 -0.43 19.74
CA ALA C 444 -13.40 -0.89 18.62
C ALA C 444 -13.00 -0.24 17.30
N PRO C 445 -12.85 1.08 17.20
CA PRO C 445 -12.41 1.64 15.92
C PRO C 445 -11.03 1.20 15.50
N ALA C 446 -10.10 0.97 16.44
CA ALA C 446 -8.81 0.55 15.93
C ALA C 446 -8.93 -0.84 15.34
N THR C 447 -9.95 -1.59 15.73
CA THR C 447 -10.18 -2.88 15.11
C THR C 447 -10.62 -2.64 13.67
N ILE C 448 -11.37 -1.56 13.44
CA ILE C 448 -11.81 -1.26 12.08
C ILE C 448 -10.59 -0.99 11.23
N ASN C 449 -9.74 -0.13 11.74
CA ASN C 449 -8.54 0.22 11.01
C ASN C 449 -7.62 -0.98 10.86
N ARG C 450 -7.69 -1.94 11.78
CA ARG C 450 -6.86 -3.13 11.65
C ARG C 450 -7.34 -3.98 10.47
N LEU C 451 -8.64 -4.16 10.33
CA LEU C 451 -9.12 -4.92 9.17
C LEU C 451 -8.90 -4.15 7.88
N LEU C 452 -9.09 -2.83 7.91
CA LEU C 452 -8.88 -2.03 6.71
C LEU C 452 -7.43 -2.15 6.29
N ASN C 453 -6.54 -2.10 7.27
CA ASN C 453 -5.12 -2.25 6.99
C ASN C 453 -4.79 -3.65 6.51
N MET C 454 -5.59 -4.64 6.93
CA MET C 454 -5.44 -6.01 6.44
C MET C 454 -5.85 -6.15 4.98
N GLY C 455 -6.72 -5.28 4.47
CA GLY C 455 -7.10 -5.25 3.07
C GLY C 455 -8.55 -5.47 2.74
N VAL C 456 -9.43 -5.49 3.75
CA VAL C 456 -10.86 -5.69 3.49
C VAL C 456 -11.43 -4.36 3.04
N GLU C 457 -12.30 -4.40 2.06
CA GLU C 457 -12.89 -3.18 1.59
C GLU C 457 -13.69 -2.56 2.74
N PRO C 458 -13.70 -1.23 2.85
CA PRO C 458 -14.44 -0.60 3.96
C PRO C 458 -15.90 -0.92 3.97
N PHE C 459 -16.49 -1.06 2.79
CA PHE C 459 -17.92 -1.30 2.69
C PHE C 459 -18.29 -2.68 3.19
N LEU C 460 -17.36 -3.63 3.15
CA LEU C 460 -17.66 -4.92 3.75
C LEU C 460 -17.67 -4.75 5.26
N VAL C 461 -16.73 -3.96 5.76
CA VAL C 461 -16.66 -3.66 7.18
C VAL C 461 -17.94 -2.97 7.62
N ALA C 462 -18.38 -2.00 6.84
CA ALA C 462 -19.54 -1.19 7.18
C ALA C 462 -20.82 -2.01 7.11
N SER C 463 -20.88 -2.97 6.20
CA SER C 463 -22.08 -3.74 6.00
C SER C 463 -22.21 -4.94 6.92
N ALA C 464 -21.10 -5.65 7.17
CA ALA C 464 -21.20 -6.91 7.88
C ALA C 464 -21.27 -6.72 9.38
N VAL C 465 -20.57 -5.72 9.91
CA VAL C 465 -20.47 -5.55 11.35
C VAL C 465 -21.66 -4.73 11.82
N ASN C 466 -22.32 -5.22 12.86
CA ASN C 466 -23.44 -4.50 13.47
C ASN C 466 -23.03 -3.76 14.73
N LEU C 467 -22.00 -4.21 15.43
CA LEU C 467 -21.65 -3.64 16.71
C LEU C 467 -20.25 -4.09 17.06
N ILE C 468 -19.43 -3.15 17.52
CA ILE C 468 -18.10 -3.48 18.02
C ILE C 468 -17.99 -2.95 19.43
N THR C 469 -17.55 -3.81 20.32
CA THR C 469 -17.32 -3.47 21.71
C THR C 469 -15.83 -3.60 21.94
N ALA C 470 -15.31 -2.72 22.77
CA ALA C 470 -13.95 -2.81 23.27
C ALA C 470 -14.00 -2.87 24.78
N GLN C 471 -13.06 -3.61 25.36
CA GLN C 471 -13.12 -3.80 26.79
C GLN C 471 -11.73 -4.02 27.35
N ARG C 472 -11.70 -4.47 28.61
CA ARG C 472 -10.63 -4.20 29.54
C ARG C 472 -10.89 -5.00 30.80
N LEU C 473 -9.83 -5.27 31.56
CA LEU C 473 -9.99 -5.52 32.98
C LEU C 473 -9.01 -4.66 33.76
N ALA C 474 -9.54 -3.93 34.73
CA ALA C 474 -8.81 -3.12 35.67
C ALA C 474 -9.08 -3.73 37.02
N ARG C 475 -8.30 -3.37 38.01
CA ARG C 475 -8.53 -3.88 39.35
C ARG C 475 -9.53 -3.01 40.08
N ARG C 476 -10.40 -3.67 40.82
CA ARG C 476 -11.45 -3.06 41.62
C ARG C 476 -10.83 -2.70 42.96
N VAL C 477 -11.15 -1.50 43.47
CA VAL C 477 -10.54 -1.04 44.72
C VAL C 477 -10.91 -1.98 45.85
N CYS C 478 -9.92 -2.22 46.72
CA CYS C 478 -10.09 -3.11 47.84
C CYS C 478 -11.13 -2.57 48.80
N SER C 479 -12.16 -3.38 49.01
CA SER C 479 -13.26 -3.01 49.89
C SER C 479 -12.81 -2.95 51.33
N GLU C 480 -11.62 -3.46 51.64
CA GLU C 480 -11.21 -3.53 53.02
C GLU C 480 -10.47 -2.26 53.38
N CYS C 481 -9.66 -1.77 52.44
CA CYS C 481 -8.85 -0.59 52.65
C CYS C 481 -9.21 0.55 51.71
N LYS C 482 -10.35 0.50 51.04
CA LYS C 482 -10.69 1.60 50.14
C LYS C 482 -10.96 2.85 50.94
N GLN C 483 -10.46 3.96 50.43
CA GLN C 483 -10.61 5.26 51.04
C GLN C 483 -10.84 6.24 49.89
N PRO C 484 -11.57 7.33 50.11
CA PRO C 484 -11.69 8.31 49.03
C PRO C 484 -10.31 8.88 48.73
N GLU C 485 -10.05 9.11 47.45
CA GLU C 485 -8.75 9.56 46.99
C GLU C 485 -8.85 10.96 46.37
N GLU C 486 -7.93 11.83 46.77
CA GLU C 486 -7.87 13.21 46.28
C GLU C 486 -7.28 13.23 44.88
N ILE C 487 -8.11 13.52 43.88
CA ILE C 487 -7.66 13.62 42.49
C ILE C 487 -8.15 14.94 41.91
N PRO C 488 -7.27 15.79 41.34
CA PRO C 488 -7.74 17.05 40.75
C PRO C 488 -8.74 16.84 39.63
N ILE C 489 -9.70 17.77 39.53
CA ILE C 489 -10.73 17.66 38.53
C ILE C 489 -10.15 17.75 37.13
N GLN C 490 -9.10 18.56 36.95
CA GLN C 490 -8.54 18.72 35.62
C GLN C 490 -7.89 17.44 35.12
N ALA C 491 -7.29 16.64 35.99
CA ALA C 491 -6.72 15.38 35.52
C ALA C 491 -7.77 14.38 35.09
N LEU C 492 -8.93 14.39 35.75
CA LEU C 492 -10.01 13.52 35.32
C LEU C 492 -10.58 14.01 34.00
N ILE C 493 -10.67 15.33 33.82
CA ILE C 493 -11.19 15.85 32.56
C ILE C 493 -10.20 15.58 31.44
N ASP C 494 -8.92 15.79 31.72
CA ASP C 494 -7.85 15.52 30.77
C ASP C 494 -7.78 14.04 30.41
N ALA C 495 -8.22 13.17 31.30
CA ALA C 495 -8.17 11.75 30.99
C ALA C 495 -9.34 11.23 30.15
N GLY C 496 -10.42 11.99 29.96
CA GLY C 496 -11.46 11.50 29.06
C GLY C 496 -12.91 11.48 29.54
N VAL C 497 -13.19 11.88 30.78
CA VAL C 497 -14.55 11.84 31.30
C VAL C 497 -15.44 12.92 30.72
N SER C 498 -16.68 12.53 30.46
CA SER C 498 -17.65 13.45 29.93
C SER C 498 -17.98 14.49 31.01
N PRO C 499 -18.34 15.71 30.62
CA PRO C 499 -18.52 16.79 31.62
C PRO C 499 -19.60 16.57 32.68
N ASP C 500 -20.64 15.80 32.39
CA ASP C 500 -21.72 15.64 33.37
C ASP C 500 -21.40 14.64 34.47
N GLU C 501 -20.54 13.66 34.23
CA GLU C 501 -20.25 12.70 35.28
C GLU C 501 -19.21 13.19 36.28
N ALA C 502 -18.42 14.19 35.92
CA ALA C 502 -17.34 14.67 36.75
C ALA C 502 -17.62 15.05 38.19
N PRO C 503 -18.53 15.99 38.41
CA PRO C 503 -18.83 16.43 39.79
C PRO C 503 -19.31 15.36 40.74
N SER C 504 -19.85 14.26 40.21
CA SER C 504 -20.36 13.13 40.96
C SER C 504 -19.32 12.10 41.37
N TYR C 505 -18.11 12.16 40.82
CA TYR C 505 -17.12 11.13 41.05
C TYR C 505 -16.61 11.08 42.49
N VAL C 506 -16.58 9.87 43.05
CA VAL C 506 -15.99 9.59 44.35
C VAL C 506 -14.92 8.53 44.09
N CYS C 507 -13.67 8.93 43.97
CA CYS C 507 -12.63 7.97 43.63
C CYS C 507 -12.07 7.28 44.86
N TYR C 508 -12.12 5.96 44.87
CA TYR C 508 -11.64 5.14 45.97
C TYR C 508 -10.29 4.52 45.66
N LYS C 509 -9.53 4.31 46.72
CA LYS C 509 -8.25 3.64 46.64
C LYS C 509 -7.98 2.83 47.88
N GLY C 510 -7.58 1.59 47.64
CA GLY C 510 -7.24 0.68 48.69
C GLY C 510 -5.88 1.06 49.18
N THR C 511 -5.73 1.09 50.49
CA THR C 511 -4.41 1.41 51.02
C THR C 511 -3.47 0.23 50.84
N GLY C 512 -4.01 -0.96 50.56
CA GLY C 512 -3.26 -2.17 50.39
C GLY C 512 -3.18 -3.12 51.56
N CYS C 513 -4.01 -4.16 51.45
CA CYS C 513 -4.11 -5.26 52.38
C CYS C 513 -3.71 -6.56 51.68
N VAL C 514 -3.85 -7.68 52.40
CA VAL C 514 -3.47 -8.98 51.85
C VAL C 514 -4.49 -9.53 50.86
N LYS C 515 -5.74 -9.09 50.96
CA LYS C 515 -6.78 -9.55 50.04
C LYS C 515 -6.74 -8.79 48.74
N CYS C 516 -5.87 -7.79 48.66
CA CYS C 516 -5.61 -7.02 47.47
C CYS C 516 -4.14 -7.11 47.11
N ASN C 517 -3.43 -8.10 47.66
CA ASN C 517 -2.02 -8.34 47.38
C ASN C 517 -1.22 -7.07 47.69
N ASN C 518 -1.66 -6.35 48.72
CA ASN C 518 -1.03 -5.11 49.15
C ASN C 518 -1.07 -4.07 48.04
N THR C 519 -2.01 -4.24 47.12
CA THR C 519 -2.24 -3.33 46.01
C THR C 519 -3.33 -2.31 46.26
N GLY C 520 -4.22 -2.57 47.21
CA GLY C 520 -5.36 -1.71 47.39
C GLY C 520 -6.50 -2.00 46.45
N TYR C 521 -6.37 -3.02 45.61
CA TYR C 521 -7.40 -3.37 44.65
C TYR C 521 -7.64 -4.87 44.81
N LYS C 522 -8.88 -5.30 44.60
CA LYS C 522 -9.21 -6.73 44.65
C LYS C 522 -10.37 -7.05 43.73
N GLY C 523 -10.11 -7.96 42.79
CA GLY C 523 -11.06 -8.33 41.78
C GLY C 523 -10.83 -7.44 40.60
N ARG C 524 -11.66 -7.60 39.57
CA ARG C 524 -11.47 -6.83 38.36
C ARG C 524 -12.81 -6.24 37.95
N VAL C 525 -12.70 -5.19 37.14
CA VAL C 525 -13.80 -4.43 36.62
C VAL C 525 -13.55 -4.25 35.12
N GLY C 526 -14.61 -4.37 34.32
CA GLY C 526 -14.49 -4.21 32.87
C GLY C 526 -14.90 -2.80 32.50
N PHE C 527 -14.07 -2.19 31.66
CA PHE C 527 -14.33 -0.87 31.09
C PHE C 527 -14.65 -0.99 29.60
N TYR C 528 -15.87 -0.60 29.17
CA TYR C 528 -16.32 -0.83 27.79
C TYR C 528 -16.59 0.40 26.94
N GLN C 529 -16.25 0.27 25.65
CA GLN C 529 -16.67 1.19 24.57
C GLN C 529 -17.48 0.39 23.58
N VAL C 530 -18.81 0.54 23.60
CA VAL C 530 -19.71 -0.25 22.77
C VAL C 530 -20.26 0.67 21.67
N MET C 531 -19.71 0.54 20.47
CA MET C 531 -20.02 1.40 19.33
C MET C 531 -20.85 0.63 18.31
N PRO C 532 -22.15 0.90 18.15
CA PRO C 532 -22.88 0.30 17.01
C PRO C 532 -22.54 0.86 15.64
N MET C 533 -22.58 -0.03 14.65
CA MET C 533 -22.36 0.29 13.23
C MET C 533 -23.67 0.86 12.67
N LEU C 534 -24.03 2.04 13.15
CA LEU C 534 -25.28 2.66 12.71
C LEU C 534 -25.24 3.00 11.21
N GLU C 535 -26.44 3.14 10.63
CA GLU C 535 -26.57 3.34 9.18
C GLU C 535 -25.93 4.63 8.72
N GLU C 536 -25.95 5.66 9.57
CA GLU C 536 -25.26 6.91 9.23
C GLU C 536 -23.77 6.66 9.17
N ILE C 537 -23.26 5.85 10.09
CA ILE C 537 -21.84 5.51 10.08
C ILE C 537 -21.54 4.71 8.83
N ARG C 538 -22.48 3.86 8.43
CA ARG C 538 -22.32 3.11 7.19
C ARG C 538 -22.24 4.08 6.01
N GLU C 539 -23.10 5.10 6.02
CA GLU C 539 -23.11 6.11 4.97
C GLU C 539 -21.79 6.86 4.97
N LEU C 540 -21.23 7.06 6.15
CA LEU C 540 -19.94 7.73 6.26
C LEU C 540 -18.90 6.87 5.58
N ILE C 541 -18.99 5.55 5.74
CA ILE C 541 -18.04 4.68 5.04
C ILE C 541 -18.26 4.89 3.54
N LEU C 542 -19.52 5.01 3.13
CA LEU C 542 -19.82 5.30 1.73
C LEU C 542 -19.30 6.69 1.35
N ASN C 543 -19.15 7.57 2.34
CA ASN C 543 -18.63 8.91 2.11
C ASN C 543 -17.13 8.95 2.38
N GLY C 544 -16.51 7.78 2.62
CA GLY C 544 -15.08 7.64 2.82
C GLY C 544 -14.52 8.14 4.12
N ALA C 545 -15.28 8.06 5.22
CA ALA C 545 -14.73 8.48 6.50
C ALA C 545 -13.64 7.53 6.99
N ASN C 546 -12.65 8.08 7.70
CA ASN C 546 -11.57 7.27 8.24
C ASN C 546 -12.01 6.74 9.60
N THR C 547 -11.15 5.91 10.21
CA THR C 547 -11.44 5.31 11.51
C THR C 547 -11.53 6.42 12.56
N ALA C 548 -10.68 7.43 12.44
CA ALA C 548 -10.66 8.52 13.40
C ALA C 548 -12.00 9.23 13.37
N GLU C 549 -12.54 9.39 12.18
CA GLU C 549 -13.83 10.01 12.02
C GLU C 549 -14.89 9.11 12.63
N ILE C 550 -14.68 7.81 12.59
CA ILE C 550 -15.62 6.88 13.21
C ILE C 550 -15.60 7.10 14.70
N LYS C 551 -14.41 7.27 15.26
CA LYS C 551 -14.29 7.53 16.70
C LYS C 551 -15.00 8.82 17.07
N ARG C 552 -14.77 9.86 16.26
CA ARG C 552 -15.37 11.16 16.52
C ARG C 552 -16.88 11.07 16.45
N GLU C 553 -17.38 10.28 15.51
CA GLU C 553 -18.81 10.18 15.31
C GLU C 553 -19.46 9.38 16.42
N SER C 554 -18.79 8.30 16.85
CA SER C 554 -19.34 7.50 17.93
C SER C 554 -19.40 8.31 19.22
N MET C 555 -18.40 9.15 19.45
CA MET C 555 -18.49 10.01 20.62
C MET C 555 -19.63 10.98 20.42
N ARG C 556 -19.77 11.46 19.19
CA ARG C 556 -20.87 12.34 18.82
C ARG C 556 -22.20 11.63 18.99
N LEU C 557 -22.22 10.29 18.86
CA LEU C 557 -23.46 9.55 19.03
C LEU C 557 -23.75 9.20 20.47
N GLY C 558 -22.85 9.54 21.39
CA GLY C 558 -23.11 9.32 22.79
C GLY C 558 -22.44 8.06 23.31
N ILE C 559 -21.60 7.41 22.50
CA ILE C 559 -20.95 6.19 22.93
C ILE C 559 -19.76 6.52 23.82
N LYS C 560 -19.83 6.09 25.07
CA LYS C 560 -18.77 6.37 26.01
C LYS C 560 -17.64 5.39 25.76
N THR C 561 -16.43 5.89 25.84
CA THR C 561 -15.30 5.03 25.63
C THR C 561 -15.05 4.17 26.84
N MET C 562 -14.10 3.28 26.64
CA MET C 562 -13.63 2.42 27.69
C MET C 562 -13.02 3.29 28.76
N ARG C 563 -12.36 4.35 28.34
CA ARG C 563 -11.86 5.30 29.31
C ARG C 563 -13.01 5.95 30.05
N GLN C 564 -14.04 6.40 29.35
CA GLN C 564 -15.18 6.98 30.05
C GLN C 564 -15.92 5.95 30.86
N SER C 565 -15.95 4.70 30.40
CA SER C 565 -16.56 3.66 31.22
C SER C 565 -15.71 3.34 32.44
N GLY C 566 -14.39 3.43 32.32
CA GLY C 566 -13.55 3.25 33.48
C GLY C 566 -13.72 4.38 34.46
N LEU C 567 -13.87 5.57 33.92
CA LEU C 567 -14.13 6.72 34.76
C LEU C 567 -15.51 6.55 35.38
N THR C 568 -16.41 5.87 34.69
CA THR C 568 -17.71 5.58 35.28
C THR C 568 -17.53 4.63 36.45
N LYS C 569 -16.67 3.62 36.29
CA LYS C 569 -16.38 2.72 37.40
C LYS C 569 -15.71 3.48 38.53
N LEU C 570 -14.87 4.44 38.17
CA LEU C 570 -14.26 5.34 39.14
C LEU C 570 -15.34 6.13 39.88
N LYS C 571 -16.37 6.56 39.14
CA LYS C 571 -17.45 7.34 39.70
C LYS C 571 -18.20 6.56 40.75
N GLU C 572 -18.38 5.25 40.51
CA GLU C 572 -19.06 4.42 41.49
C GLU C 572 -18.12 3.99 42.60
N GLY C 573 -16.84 4.37 42.53
CA GLY C 573 -15.95 4.07 43.62
C GLY C 573 -15.52 2.63 43.67
N VAL C 574 -15.57 1.92 42.53
CA VAL C 574 -15.14 0.52 42.51
C VAL C 574 -13.73 0.42 41.98
N THR C 575 -13.25 1.41 41.26
CA THR C 575 -11.89 1.43 40.80
C THR C 575 -11.35 2.82 41.02
N SER C 576 -10.04 2.95 40.88
CA SER C 576 -9.34 4.20 41.07
C SER C 576 -9.03 4.80 39.72
N PHE C 577 -8.62 6.06 39.74
CA PHE C 577 -8.28 6.74 38.50
C PHE C 577 -7.00 6.17 37.93
N GLU C 578 -6.09 5.76 38.81
CA GLU C 578 -4.85 5.15 38.36
C GLU C 578 -5.11 3.81 37.70
N GLU C 579 -6.15 3.09 38.12
CA GLU C 579 -6.51 1.84 37.45
C GLU C 579 -7.08 2.13 36.08
N VAL C 580 -7.84 3.21 35.98
CA VAL C 580 -8.41 3.65 34.72
C VAL C 580 -7.29 3.97 33.76
N LEU C 581 -6.26 4.65 34.25
CA LEU C 581 -5.15 5.02 33.40
C LEU C 581 -4.28 3.79 33.09
N ARG C 582 -4.21 2.82 34.01
CA ARG C 582 -3.36 1.65 33.75
C ARG C 582 -3.95 0.82 32.64
N VAL C 583 -5.27 0.73 32.57
CA VAL C 583 -5.86 -0.30 31.72
C VAL C 583 -6.41 0.25 30.40
N THR C 584 -6.71 1.54 30.32
CA THR C 584 -7.32 2.17 29.16
C THR C 584 -6.49 3.38 28.74
N VAL C 585 -6.69 3.81 27.49
CA VAL C 585 -6.02 4.98 26.95
C VAL C 585 -7.03 6.11 26.99
N ALA C 586 -6.52 7.34 26.94
CA ALA C 586 -7.39 8.50 27.09
C ALA C 586 -8.15 8.84 25.81
N ASP C 587 -9.27 9.51 26.01
CA ASP C 587 -10.12 10.02 24.94
C ASP C 587 -9.86 11.50 24.71
N ASP C 588 -8.60 11.88 24.58
CA ASP C 588 -8.21 13.30 24.53
C ASP C 588 -7.00 13.47 23.63
N PRO D 202 -16.89 -47.00 -35.68
CA PRO D 202 -18.35 -46.91 -35.54
C PRO D 202 -18.77 -45.60 -34.93
N VAL D 203 -18.26 -45.33 -33.73
CA VAL D 203 -18.57 -44.08 -33.06
C VAL D 203 -17.99 -42.91 -33.83
N VAL D 204 -16.79 -43.10 -34.39
CA VAL D 204 -16.18 -42.07 -35.24
C VAL D 204 -17.08 -41.78 -36.42
N LYS D 205 -17.65 -42.83 -36.99
CA LYS D 205 -18.56 -42.69 -38.12
C LYS D 205 -19.78 -41.88 -37.69
N LEU D 206 -20.27 -42.13 -36.49
CA LEU D 206 -21.44 -41.42 -36.01
C LEU D 206 -21.12 -39.95 -35.83
N VAL D 207 -19.93 -39.65 -35.33
CA VAL D 207 -19.52 -38.27 -35.16
C VAL D 207 -19.44 -37.60 -36.52
N ASN D 208 -18.89 -38.31 -37.51
CA ASN D 208 -18.83 -37.74 -38.85
C ASN D 208 -20.22 -37.45 -39.38
N LEU D 209 -21.17 -38.31 -39.04
CA LEU D 209 -22.52 -38.04 -39.47
C LEU D 209 -23.10 -36.82 -38.77
N ILE D 210 -22.89 -36.71 -37.46
CA ILE D 210 -23.36 -35.56 -36.70
C ILE D 210 -22.79 -34.26 -37.24
N LEU D 211 -21.51 -34.26 -37.63
CA LEU D 211 -20.94 -33.03 -38.16
C LEU D 211 -21.46 -32.73 -39.55
N THR D 212 -21.56 -33.74 -40.41
CA THR D 212 -21.98 -33.49 -41.79
C THR D 212 -23.46 -33.17 -41.90
N ASP D 213 -24.27 -33.63 -40.96
CA ASP D 213 -25.68 -33.28 -40.98
C ASP D 213 -25.91 -31.82 -40.65
N ALA D 214 -25.05 -31.22 -39.82
CA ALA D 214 -25.30 -29.83 -39.48
C ALA D 214 -25.05 -28.93 -40.66
N ILE D 215 -24.05 -29.27 -41.48
CA ILE D 215 -23.79 -28.49 -42.68
C ILE D 215 -24.82 -28.80 -43.74
N LYS D 216 -25.32 -30.04 -43.79
CA LYS D 216 -26.35 -30.37 -44.77
C LYS D 216 -27.67 -29.71 -44.40
N ARG D 217 -27.96 -29.61 -43.11
CA ARG D 217 -29.18 -29.02 -42.61
C ARG D 217 -29.05 -27.52 -42.38
N LYS D 218 -28.00 -26.90 -42.88
CA LYS D 218 -27.80 -25.47 -42.78
C LYS D 218 -27.74 -25.08 -41.31
N ALA D 219 -27.21 -26.00 -40.51
CA ALA D 219 -27.07 -25.79 -39.09
C ALA D 219 -25.80 -25.02 -38.86
N SER D 220 -25.88 -24.03 -37.98
CA SER D 220 -24.73 -23.24 -37.62
C SER D 220 -23.99 -23.74 -36.39
N ASP D 221 -24.61 -24.54 -35.54
CA ASP D 221 -23.91 -25.01 -34.35
C ASP D 221 -24.39 -26.40 -33.94
N ILE D 222 -23.47 -27.19 -33.38
CA ILE D 222 -23.83 -28.49 -32.85
C ILE D 222 -23.49 -28.44 -31.36
N HIS D 223 -24.44 -28.93 -30.56
CA HIS D 223 -24.38 -28.97 -29.11
C HIS D 223 -24.50 -30.42 -28.70
N ILE D 224 -23.47 -30.95 -28.06
CA ILE D 224 -23.41 -32.31 -27.57
C ILE D 224 -23.51 -32.18 -26.06
N GLU D 225 -24.67 -32.56 -25.52
CA GLU D 225 -25.08 -32.18 -24.18
C GLU D 225 -25.30 -33.41 -23.31
N PRO D 226 -24.53 -33.60 -22.24
CA PRO D 226 -24.82 -34.64 -21.25
C PRO D 226 -25.71 -34.12 -20.14
N TYR D 227 -26.52 -35.02 -19.61
CA TYR D 227 -27.37 -34.68 -18.49
C TYR D 227 -27.25 -35.83 -17.51
N GLU D 228 -27.87 -35.71 -16.34
CA GLU D 228 -27.70 -36.75 -15.33
C GLU D 228 -28.22 -38.06 -15.88
N ARG D 229 -29.41 -38.01 -16.44
CA ARG D 229 -30.15 -39.16 -16.90
C ARG D 229 -30.37 -39.13 -18.41
N SER D 230 -29.63 -38.29 -19.14
CA SER D 230 -29.82 -38.24 -20.57
C SER D 230 -28.60 -37.59 -21.20
N PHE D 231 -28.61 -37.60 -22.52
CA PHE D 231 -27.51 -37.10 -23.33
C PHE D 231 -28.03 -36.85 -24.72
N ARG D 232 -28.02 -35.60 -25.18
CA ARG D 232 -28.68 -35.29 -26.44
C ARG D 232 -27.80 -34.39 -27.28
N VAL D 233 -28.10 -34.36 -28.57
CA VAL D 233 -27.48 -33.47 -29.51
C VAL D 233 -28.56 -32.64 -30.16
N ARG D 234 -28.32 -31.32 -30.20
CA ARG D 234 -29.20 -30.30 -30.75
C ARG D 234 -28.43 -29.52 -31.80
N TYR D 235 -29.07 -29.26 -32.94
CA TYR D 235 -28.55 -28.39 -33.99
C TYR D 235 -29.30 -27.08 -34.02
N ARG D 236 -28.59 -25.98 -34.27
CA ARG D 236 -29.23 -24.69 -34.53
C ARG D 236 -29.29 -24.52 -36.02
N ILE D 237 -30.50 -24.52 -36.55
CA ILE D 237 -30.76 -24.44 -37.98
C ILE D 237 -31.56 -23.20 -38.24
N ASP D 238 -30.95 -22.28 -38.97
CA ASP D 238 -31.52 -20.99 -39.28
C ASP D 238 -31.84 -20.23 -37.98
N GLY D 239 -30.92 -20.34 -37.04
CA GLY D 239 -30.96 -19.60 -35.80
C GLY D 239 -31.76 -20.23 -34.69
N VAL D 240 -32.40 -21.37 -34.94
CA VAL D 240 -33.24 -22.04 -33.97
C VAL D 240 -32.68 -23.42 -33.70
N LEU D 241 -32.60 -23.80 -32.43
CA LEU D 241 -32.11 -25.12 -32.01
C LEU D 241 -33.21 -26.19 -32.06
N TYR D 242 -32.81 -27.40 -32.46
CA TYR D 242 -33.75 -28.51 -32.51
C TYR D 242 -33.08 -29.74 -31.91
N GLU D 243 -33.78 -30.44 -31.01
CA GLU D 243 -33.29 -31.73 -30.52
C GLU D 243 -33.36 -32.74 -31.64
N VAL D 244 -32.22 -33.33 -31.96
CA VAL D 244 -32.15 -34.29 -33.05
C VAL D 244 -31.67 -35.67 -32.63
N MET D 245 -31.18 -35.87 -31.41
CA MET D 245 -30.71 -37.23 -31.11
C MET D 245 -30.41 -37.32 -29.62
N LYS D 246 -30.64 -38.50 -29.03
CA LYS D 246 -30.29 -38.73 -27.63
C LYS D 246 -29.46 -40.02 -27.54
N PRO D 247 -28.15 -39.92 -27.80
CA PRO D 247 -27.30 -41.11 -27.71
C PRO D 247 -27.17 -41.60 -26.28
N PRO D 248 -26.90 -42.90 -26.06
CA PRO D 248 -26.71 -43.37 -24.69
C PRO D 248 -25.48 -42.77 -24.04
N LEU D 249 -25.56 -42.64 -22.73
CA LEU D 249 -24.49 -42.05 -21.95
C LEU D 249 -23.18 -42.85 -21.89
N LYS D 250 -23.20 -44.16 -22.16
CA LYS D 250 -21.96 -44.91 -21.97
C LYS D 250 -20.87 -44.58 -22.97
N LEU D 251 -21.21 -44.16 -24.17
CA LEU D 251 -20.19 -43.93 -25.17
C LEU D 251 -19.72 -42.48 -25.19
N LYS D 252 -20.38 -41.58 -24.43
CA LYS D 252 -20.10 -40.15 -24.58
C LYS D 252 -18.67 -39.77 -24.20
N ASN D 253 -18.04 -40.50 -23.28
CA ASN D 253 -16.66 -40.21 -22.93
C ASN D 253 -15.71 -40.58 -24.07
N ALA D 254 -15.98 -41.69 -24.76
CA ALA D 254 -15.06 -42.13 -25.80
C ALA D 254 -15.12 -41.13 -26.94
N ILE D 255 -16.31 -40.62 -27.21
CA ILE D 255 -16.51 -39.64 -28.26
C ILE D 255 -15.79 -38.36 -27.86
N THR D 256 -15.88 -37.98 -26.58
CA THR D 256 -15.25 -36.74 -26.16
C THR D 256 -13.74 -36.88 -26.36
N SER D 257 -13.20 -38.02 -25.94
CA SER D 257 -11.77 -38.27 -26.11
C SER D 257 -11.42 -38.22 -27.60
N ARG D 258 -12.32 -38.77 -28.44
CA ARG D 258 -12.13 -38.76 -29.88
C ARG D 258 -11.98 -37.32 -30.38
N ILE D 259 -12.82 -36.42 -29.88
CA ILE D 259 -12.77 -35.02 -30.31
C ILE D 259 -11.43 -34.41 -29.95
N LYS D 260 -10.88 -34.78 -28.79
CA LYS D 260 -9.56 -34.28 -28.43
C LYS D 260 -8.48 -34.71 -29.41
N ILE D 261 -8.61 -35.86 -30.05
CA ILE D 261 -7.60 -36.19 -31.04
C ILE D 261 -7.78 -35.31 -32.27
N MET D 262 -9.03 -35.08 -32.69
CA MET D 262 -9.24 -34.19 -33.81
C MET D 262 -8.85 -32.76 -33.47
N ALA D 263 -9.07 -32.36 -32.23
CA ALA D 263 -8.68 -31.04 -31.76
C ALA D 263 -7.25 -30.98 -31.25
N GLU D 264 -6.53 -32.10 -31.32
CA GLU D 264 -5.13 -32.18 -30.89
C GLU D 264 -5.00 -31.79 -29.42
N LEU D 265 -6.00 -32.16 -28.65
CA LEU D 265 -6.11 -31.95 -27.22
C LEU D 265 -5.65 -33.17 -26.46
N ASP D 266 -5.60 -33.01 -25.15
CA ASP D 266 -5.11 -34.03 -24.26
C ASP D 266 -6.25 -35.02 -24.11
N ILE D 267 -6.07 -36.18 -24.74
CA ILE D 267 -7.08 -37.22 -24.74
C ILE D 267 -7.19 -37.84 -23.36
N ALA D 268 -6.17 -37.68 -22.53
CA ALA D 268 -6.14 -38.23 -21.19
C ALA D 268 -6.95 -37.39 -20.21
N GLU D 269 -7.25 -36.13 -20.54
CA GLU D 269 -7.96 -35.24 -19.63
C GLU D 269 -9.44 -35.10 -19.95
N ARG D 270 -10.26 -35.47 -18.96
CA ARG D 270 -11.71 -35.41 -19.02
C ARG D 270 -12.29 -34.61 -17.87
N ARG D 271 -11.44 -34.05 -16.99
CA ARG D 271 -11.83 -33.35 -15.76
C ARG D 271 -11.73 -31.83 -15.80
N LEU D 272 -11.04 -31.23 -16.78
CA LEU D 272 -10.83 -29.78 -16.76
C LEU D 272 -11.51 -29.11 -17.95
N PRO D 273 -11.93 -27.84 -17.84
CA PRO D 273 -12.48 -27.20 -19.03
C PRO D 273 -11.39 -27.06 -20.06
N GLN D 274 -11.76 -27.26 -21.31
CA GLN D 274 -10.83 -27.07 -22.39
C GLN D 274 -11.56 -26.42 -23.55
N ASP D 275 -10.85 -25.61 -24.30
CA ASP D 275 -11.44 -24.93 -25.43
C ASP D 275 -10.40 -25.06 -26.51
N GLY D 276 -10.83 -25.57 -27.65
CA GLY D 276 -9.93 -25.77 -28.75
C GLY D 276 -10.49 -25.36 -30.08
N ARG D 277 -10.02 -26.11 -31.07
CA ARG D 277 -10.29 -25.88 -32.46
C ARG D 277 -9.94 -27.19 -33.14
N ILE D 278 -10.72 -27.52 -34.16
CA ILE D 278 -10.55 -28.76 -34.90
C ILE D 278 -10.43 -28.40 -36.35
N LYS D 279 -9.45 -29.00 -36.98
CA LYS D 279 -9.18 -28.85 -38.39
C LYS D 279 -9.34 -30.23 -38.93
N ILE D 280 -10.21 -30.37 -39.93
CA ILE D 280 -10.46 -31.66 -40.54
C ILE D 280 -10.24 -31.48 -42.01
N LYS D 281 -9.69 -32.51 -42.63
CA LYS D 281 -9.59 -32.61 -44.07
C LYS D 281 -10.81 -33.40 -44.53
N LEU D 282 -11.80 -32.69 -45.05
CA LEU D 282 -13.06 -33.28 -45.44
C LEU D 282 -13.04 -33.82 -46.87
N GLY D 283 -11.87 -34.18 -47.38
CA GLY D 283 -11.73 -34.67 -48.74
C GLY D 283 -11.31 -33.56 -49.68
N GLY D 284 -10.27 -33.80 -50.46
CA GLY D 284 -9.76 -32.81 -51.38
C GLY D 284 -9.31 -31.54 -50.67
N GLY D 285 -9.61 -30.39 -51.26
CA GLY D 285 -9.35 -29.12 -50.61
C GLY D 285 -10.38 -28.78 -49.55
N GLN D 286 -11.38 -29.64 -49.38
CA GLN D 286 -12.40 -29.41 -48.35
C GLN D 286 -11.76 -29.66 -47.00
N ASP D 287 -11.24 -28.59 -46.40
CA ASP D 287 -10.74 -28.60 -45.04
C ASP D 287 -11.48 -27.52 -44.27
N MET D 288 -11.99 -27.87 -43.09
CA MET D 288 -12.77 -26.93 -42.30
C MET D 288 -12.23 -26.82 -40.90
N ASP D 289 -12.40 -25.63 -40.34
CA ASP D 289 -11.98 -25.30 -38.99
C ASP D 289 -13.21 -25.04 -38.14
N TYR D 290 -13.24 -25.70 -37.00
CA TYR D 290 -14.35 -25.67 -36.07
C TYR D 290 -13.84 -25.01 -34.80
N ARG D 291 -14.64 -24.12 -34.18
CA ARG D 291 -14.26 -23.64 -32.86
C ARG D 291 -14.95 -24.52 -31.84
N VAL D 292 -14.14 -25.22 -31.06
CA VAL D 292 -14.57 -26.26 -30.15
C VAL D 292 -14.53 -25.79 -28.71
N SER D 293 -15.55 -26.09 -27.92
CA SER D 293 -15.46 -25.76 -26.51
C SER D 293 -16.01 -26.97 -25.78
N VAL D 294 -15.16 -27.63 -24.99
CA VAL D 294 -15.53 -28.78 -24.18
C VAL D 294 -15.50 -28.41 -22.71
N LEU D 295 -16.48 -28.88 -21.94
CA LEU D 295 -16.59 -28.42 -20.57
C LEU D 295 -17.09 -29.56 -19.67
N PRO D 296 -16.28 -30.04 -18.69
CA PRO D 296 -16.69 -31.22 -17.91
C PRO D 296 -17.65 -30.90 -16.76
N THR D 297 -18.92 -31.20 -16.93
CA THR D 297 -19.92 -31.00 -15.91
C THR D 297 -19.98 -32.28 -15.09
N LEU D 298 -20.93 -32.36 -14.16
CA LEU D 298 -20.99 -33.48 -13.23
C LEU D 298 -21.17 -34.81 -13.93
N PHE D 299 -22.03 -34.87 -14.92
CA PHE D 299 -22.37 -36.15 -15.51
C PHE D 299 -21.83 -36.26 -16.93
N GLY D 300 -20.70 -35.60 -17.19
CA GLY D 300 -20.00 -35.74 -18.46
C GLY D 300 -19.50 -34.43 -18.97
N GLU D 301 -19.03 -34.44 -20.21
CA GLU D 301 -18.53 -33.26 -20.89
C GLU D 301 -19.51 -32.73 -21.93
N LYS D 302 -19.78 -31.43 -21.92
CA LYS D 302 -20.57 -30.84 -23.00
C LYS D 302 -19.58 -30.34 -24.04
N VAL D 303 -19.82 -30.67 -25.31
CA VAL D 303 -18.97 -30.24 -26.41
C VAL D 303 -19.80 -29.40 -27.37
N VAL D 304 -19.29 -28.23 -27.77
CA VAL D 304 -19.96 -27.42 -28.79
C VAL D 304 -18.99 -27.16 -29.93
N LEU D 305 -19.41 -27.46 -31.16
CA LEU D 305 -18.65 -27.15 -32.37
C LEU D 305 -19.35 -26.16 -33.30
N ARG D 306 -18.66 -25.06 -33.64
CA ARG D 306 -19.21 -24.10 -34.60
C ARG D 306 -18.31 -24.16 -35.84
N LEU D 307 -18.88 -24.51 -37.00
CA LEU D 307 -18.10 -24.47 -38.23
C LEU D 307 -17.77 -23.02 -38.55
N LEU D 308 -16.50 -22.74 -38.77
CA LEU D 308 -16.05 -21.44 -39.23
C LEU D 308 -15.92 -21.47 -40.74
N ASP D 309 -16.99 -21.07 -41.43
CA ASP D 309 -17.10 -21.24 -42.88
C ASP D 309 -16.95 -19.92 -43.59
N LYS D 310 -16.81 -20.03 -44.91
CA LYS D 310 -16.94 -18.93 -45.84
C LYS D 310 -17.89 -19.28 -46.98
N SER D 311 -17.85 -20.52 -47.44
CA SER D 311 -18.79 -21.01 -48.42
C SER D 311 -20.22 -20.94 -47.93
N ASN D 312 -20.42 -21.04 -46.61
CA ASN D 312 -21.77 -21.01 -46.07
C ASN D 312 -22.45 -19.67 -46.34
N LEU D 313 -21.69 -18.59 -46.41
CA LEU D 313 -22.22 -17.25 -46.63
C LEU D 313 -22.00 -16.84 -48.08
N GLN D 314 -22.93 -16.04 -48.59
CA GLN D 314 -22.70 -15.35 -49.85
C GLN D 314 -22.06 -14.01 -49.56
N LEU D 315 -20.78 -13.90 -49.87
CA LEU D 315 -20.01 -12.80 -49.31
C LEU D 315 -20.20 -11.49 -50.07
N ASP D 316 -21.11 -11.46 -51.03
CA ASP D 316 -21.36 -10.30 -51.85
C ASP D 316 -22.29 -9.41 -51.06
N MET D 317 -22.01 -8.11 -50.97
CA MET D 317 -22.83 -7.26 -50.13
C MET D 317 -24.22 -7.13 -50.68
N THR D 318 -24.33 -7.18 -52.00
CA THR D 318 -25.63 -7.06 -52.60
C THR D 318 -26.45 -8.32 -52.37
N LYS D 319 -25.83 -9.38 -51.83
CA LYS D 319 -26.51 -10.64 -51.57
C LYS D 319 -26.62 -10.91 -50.08
N LEU D 320 -26.41 -9.89 -49.27
CA LEU D 320 -26.48 -9.98 -47.83
C LEU D 320 -27.84 -9.56 -47.33
N GLY D 321 -28.70 -9.09 -48.23
CA GLY D 321 -30.02 -8.62 -47.88
C GLY D 321 -30.05 -7.16 -47.55
N TYR D 322 -29.08 -6.39 -48.05
CA TYR D 322 -29.10 -4.95 -47.88
C TYR D 322 -30.13 -4.34 -48.79
N GLU D 323 -30.90 -3.42 -48.23
CA GLU D 323 -31.81 -2.61 -48.98
C GLU D 323 -31.03 -1.74 -49.96
N PRO D 324 -31.62 -1.37 -51.10
CA PRO D 324 -30.87 -0.57 -52.08
C PRO D 324 -30.30 0.69 -51.48
N ASP D 325 -31.11 1.37 -50.68
CA ASP D 325 -30.64 2.56 -49.97
C ASP D 325 -29.56 2.17 -48.99
N ALA D 326 -29.80 1.09 -48.25
CA ALA D 326 -28.84 0.62 -47.27
C ALA D 326 -27.53 0.18 -47.89
N LEU D 327 -27.61 -0.60 -48.96
CA LEU D 327 -26.40 -1.04 -49.64
C LEU D 327 -25.66 0.15 -50.23
N HIS D 328 -26.42 1.14 -50.69
CA HIS D 328 -25.84 2.36 -51.25
C HIS D 328 -25.11 3.19 -50.21
N TYR D 329 -25.77 3.48 -49.11
CA TYR D 329 -25.17 4.26 -48.03
C TYR D 329 -23.96 3.53 -47.47
N PHE D 330 -24.05 2.21 -47.33
CA PHE D 330 -22.94 1.47 -46.74
C PHE D 330 -21.73 1.52 -47.66
N LYS D 331 -21.93 1.28 -48.94
CA LYS D 331 -20.84 1.32 -49.86
C LYS D 331 -20.26 2.73 -49.94
N GLU D 332 -21.14 3.73 -49.87
CA GLU D 332 -20.71 5.12 -49.85
C GLU D 332 -19.87 5.40 -48.64
N ALA D 333 -20.20 4.77 -47.52
CA ALA D 333 -19.57 5.03 -46.24
C ALA D 333 -18.22 4.36 -46.14
N ILE D 334 -18.09 3.17 -46.72
CA ILE D 334 -16.82 2.47 -46.63
C ILE D 334 -15.78 2.97 -47.60
N HIS D 335 -16.21 3.71 -48.61
CA HIS D 335 -15.31 4.26 -49.59
C HIS D 335 -14.89 5.69 -49.30
N LYS D 336 -15.35 6.27 -48.19
CA LYS D 336 -14.85 7.55 -47.74
C LYS D 336 -13.40 7.35 -47.25
N PRO D 337 -12.54 8.36 -47.39
CA PRO D 337 -11.12 8.16 -47.02
C PRO D 337 -10.85 7.88 -45.55
N PHE D 338 -11.74 8.23 -44.64
CA PHE D 338 -11.56 7.90 -43.23
C PHE D 338 -12.93 8.03 -42.59
N GLY D 339 -12.97 7.86 -41.27
CA GLY D 339 -14.21 7.83 -40.54
C GLY D 339 -14.55 6.44 -40.03
N MET D 340 -15.64 6.38 -39.26
CA MET D 340 -16.05 5.16 -38.57
C MET D 340 -17.36 4.63 -39.13
N VAL D 341 -17.43 3.31 -39.33
CA VAL D 341 -18.65 2.61 -39.73
C VAL D 341 -18.95 1.57 -38.67
N LEU D 342 -20.15 1.63 -38.09
CA LEU D 342 -20.53 0.74 -37.01
C LEU D 342 -21.67 -0.18 -37.45
N VAL D 343 -21.46 -1.48 -37.30
CA VAL D 343 -22.42 -2.52 -37.65
C VAL D 343 -22.90 -3.25 -36.41
N THR D 344 -24.17 -3.11 -36.04
CA THR D 344 -24.62 -3.67 -34.78
C THR D 344 -25.54 -4.84 -35.09
N GLY D 345 -25.72 -5.67 -34.07
CA GLY D 345 -26.52 -6.87 -34.13
C GLY D 345 -25.85 -7.81 -33.16
N PRO D 346 -26.48 -8.92 -32.81
CA PRO D 346 -25.81 -9.84 -31.89
C PRO D 346 -24.79 -10.70 -32.63
N THR D 347 -24.14 -11.57 -31.87
CA THR D 347 -23.19 -12.52 -32.44
C THR D 347 -23.88 -13.50 -33.36
N GLY D 348 -23.28 -13.76 -34.51
CA GLY D 348 -23.87 -14.68 -35.44
C GLY D 348 -25.10 -14.13 -36.12
N SER D 349 -25.16 -12.80 -36.25
CA SER D 349 -26.24 -12.08 -36.91
C SER D 349 -25.86 -11.73 -38.35
N GLY D 350 -24.69 -12.17 -38.79
CA GLY D 350 -24.12 -11.91 -40.09
C GLY D 350 -23.35 -10.62 -40.16
N LYS D 351 -23.02 -10.05 -39.00
CA LYS D 351 -22.25 -8.81 -38.97
C LYS D 351 -20.92 -9.04 -39.63
N THR D 352 -20.27 -10.13 -39.22
CA THR D 352 -18.93 -10.42 -39.70
C THR D 352 -18.94 -10.64 -41.21
N VAL D 353 -19.97 -11.29 -41.73
CA VAL D 353 -20.08 -11.45 -43.18
C VAL D 353 -20.21 -10.10 -43.86
N SER D 354 -21.01 -9.20 -43.27
CA SER D 354 -21.16 -7.84 -43.81
C SER D 354 -19.84 -7.09 -43.75
N LEU D 355 -19.15 -7.24 -42.63
CA LEU D 355 -17.85 -6.63 -42.41
C LEU D 355 -16.86 -7.13 -43.43
N TYR D 356 -16.79 -8.45 -43.58
CA TYR D 356 -15.88 -9.06 -44.52
C TYR D 356 -16.19 -8.58 -45.93
N SER D 357 -17.47 -8.37 -46.25
CA SER D 357 -17.83 -7.80 -47.55
C SER D 357 -17.30 -6.37 -47.68
N ALA D 358 -17.34 -5.60 -46.59
CA ALA D 358 -16.79 -4.26 -46.63
C ALA D 358 -15.28 -4.28 -46.77
N LEU D 359 -14.62 -5.20 -46.07
CA LEU D 359 -13.19 -5.33 -46.20
C LEU D 359 -12.82 -5.75 -47.60
N GLY D 360 -13.69 -6.54 -48.21
CA GLY D 360 -13.48 -6.95 -49.58
C GLY D 360 -13.55 -5.74 -50.48
N GLU D 361 -14.51 -4.85 -50.22
CA GLU D 361 -14.59 -3.65 -51.04
C GLU D 361 -13.36 -2.77 -50.79
N LEU D 362 -12.82 -2.85 -49.58
CA LEU D 362 -11.71 -2.05 -49.14
C LEU D 362 -10.35 -2.73 -49.17
N ASN D 363 -10.29 -4.05 -49.34
CA ASN D 363 -9.01 -4.76 -49.21
C ASN D 363 -8.13 -4.45 -50.40
N LYS D 364 -7.20 -3.53 -50.20
CA LYS D 364 -6.20 -3.19 -51.21
C LYS D 364 -4.78 -3.20 -50.65
N THR D 365 -3.81 -3.47 -51.53
CA THR D 365 -2.39 -3.39 -51.15
C THR D 365 -1.98 -1.94 -50.85
N THR D 366 -2.83 -0.97 -51.24
CA THR D 366 -2.60 0.45 -51.05
C THR D 366 -3.01 0.90 -49.67
N GLU D 367 -3.87 0.13 -49.01
CA GLU D 367 -4.38 0.48 -47.72
C GLU D 367 -3.74 -0.48 -46.74
N ASN D 368 -3.52 -0.02 -45.51
CA ASN D 368 -3.04 -0.88 -44.44
C ASN D 368 -4.29 -1.20 -43.67
N ILE D 369 -4.66 -2.47 -43.65
CA ILE D 369 -5.84 -2.89 -42.96
C ILE D 369 -5.42 -3.76 -41.81
N SER D 370 -5.86 -3.39 -40.63
CA SER D 370 -5.55 -4.12 -39.43
C SER D 370 -6.85 -4.30 -38.66
N THR D 371 -7.06 -5.50 -38.16
CA THR D 371 -8.28 -5.83 -37.46
C THR D 371 -7.96 -6.39 -36.09
N ALA D 372 -8.85 -6.10 -35.16
CA ALA D 372 -8.86 -6.61 -33.79
C ALA D 372 -10.20 -7.33 -33.69
N GLU D 373 -10.17 -8.66 -33.68
CA GLU D 373 -11.39 -9.43 -33.81
C GLU D 373 -11.66 -10.35 -32.63
N ASP D 374 -12.95 -10.62 -32.37
CA ASP D 374 -13.36 -11.46 -31.25
C ASP D 374 -14.58 -12.35 -31.53
N PRO D 375 -14.39 -13.53 -32.15
CA PRO D 375 -13.21 -14.18 -32.72
C PRO D 375 -13.20 -13.96 -34.24
N VAL D 376 -12.19 -14.48 -34.93
CA VAL D 376 -12.12 -14.44 -36.39
C VAL D 376 -13.04 -15.48 -37.03
N GLU D 377 -14.09 -15.04 -37.73
CA GLU D 377 -15.01 -16.02 -38.33
C GLU D 377 -14.33 -16.71 -39.51
N PHE D 378 -13.73 -15.91 -40.40
CA PHE D 378 -13.05 -16.36 -41.60
C PHE D 378 -11.67 -15.70 -41.68
N ASN D 379 -10.71 -16.44 -42.24
CA ASN D 379 -9.33 -15.99 -42.45
C ASN D 379 -9.11 -15.24 -43.76
N PHE D 380 -8.63 -14.00 -43.67
CA PHE D 380 -8.44 -13.14 -44.82
C PHE D 380 -6.95 -12.88 -44.97
N ALA D 381 -6.41 -13.25 -46.12
CA ALA D 381 -5.00 -13.05 -46.47
C ALA D 381 -4.70 -11.59 -46.82
N GLY D 382 -3.59 -11.05 -46.31
CA GLY D 382 -3.26 -9.64 -46.52
C GLY D 382 -3.74 -8.67 -45.46
N ILE D 383 -4.71 -9.05 -44.66
CA ILE D 383 -5.22 -8.23 -43.57
C ILE D 383 -4.46 -8.58 -42.31
N ASN D 384 -4.02 -7.57 -41.58
CA ASN D 384 -3.25 -7.78 -40.38
C ASN D 384 -4.22 -7.99 -39.23
N GLN D 385 -4.43 -9.24 -38.88
CA GLN D 385 -5.46 -9.62 -37.93
C GLN D 385 -4.91 -10.00 -36.58
N VAL D 386 -5.39 -9.35 -35.53
CA VAL D 386 -5.00 -9.66 -34.17
C VAL D 386 -6.25 -10.21 -33.46
N GLN D 387 -6.07 -11.34 -32.81
CA GLN D 387 -7.08 -12.01 -32.02
C GLN D 387 -6.81 -11.66 -30.56
N MET D 388 -7.86 -11.50 -29.76
CA MET D 388 -7.64 -11.00 -28.42
C MET D 388 -7.19 -12.13 -27.51
N HIS D 389 -6.41 -11.75 -26.49
CA HIS D 389 -5.86 -12.65 -25.48
C HIS D 389 -5.67 -11.78 -24.23
N GLU D 390 -6.71 -11.80 -23.39
CA GLU D 390 -6.80 -10.89 -22.25
C GLU D 390 -5.73 -11.23 -21.22
N ASP D 391 -5.51 -12.52 -20.97
CA ASP D 391 -4.53 -12.96 -19.98
C ASP D 391 -3.13 -12.42 -20.22
N ILE D 392 -2.77 -12.06 -21.46
CA ILE D 392 -1.44 -11.48 -21.70
C ILE D 392 -1.41 -9.95 -21.68
N GLY D 393 -2.54 -9.28 -21.86
CA GLY D 393 -2.62 -7.82 -21.80
C GLY D 393 -2.95 -7.08 -23.08
N LEU D 394 -3.26 -7.78 -24.17
CA LEU D 394 -3.55 -7.17 -25.47
C LEU D 394 -5.07 -7.12 -25.58
N ASN D 395 -5.66 -6.02 -25.12
CA ASN D 395 -7.10 -5.83 -25.22
C ASN D 395 -7.39 -4.77 -26.27
N PHE D 396 -8.69 -4.53 -26.48
CA PHE D 396 -9.08 -3.57 -27.51
C PHE D 396 -8.48 -2.20 -27.25
N ALA D 397 -8.43 -1.75 -26.01
CA ALA D 397 -7.85 -0.42 -25.82
C ALA D 397 -6.37 -0.43 -26.16
N ALA D 398 -5.63 -1.43 -25.67
CA ALA D 398 -4.19 -1.54 -25.94
C ALA D 398 -3.93 -1.83 -27.40
N ALA D 399 -4.76 -2.69 -27.99
CA ALA D 399 -4.61 -3.05 -29.39
C ALA D 399 -4.90 -1.84 -30.26
N LEU D 400 -5.91 -1.06 -29.88
CA LEU D 400 -6.29 0.12 -30.63
C LEU D 400 -5.15 1.13 -30.64
N ARG D 401 -4.52 1.32 -29.49
CA ARG D 401 -3.37 2.20 -29.44
C ARG D 401 -2.26 1.66 -30.31
N SER D 402 -2.07 0.33 -30.29
CA SER D 402 -1.05 -0.25 -31.14
C SER D 402 -1.40 -0.07 -32.61
N PHE D 403 -2.68 -0.12 -32.97
CA PHE D 403 -3.03 0.16 -34.35
C PHE D 403 -2.60 1.57 -34.67
N LEU D 404 -2.79 2.49 -33.73
CA LEU D 404 -2.33 3.87 -33.95
C LEU D 404 -0.82 3.90 -34.09
N ARG D 405 -0.12 2.88 -33.60
CA ARG D 405 1.31 2.81 -33.77
C ARG D 405 1.70 1.95 -34.96
N GLN D 406 0.72 1.46 -35.73
CA GLN D 406 0.99 0.54 -36.82
C GLN D 406 0.75 1.17 -38.20
N ASP D 407 0.62 2.49 -38.28
CA ASP D 407 0.32 3.19 -39.52
C ASP D 407 -0.88 2.58 -40.25
N PRO D 408 -2.07 2.61 -39.66
CA PRO D 408 -3.22 1.92 -40.25
C PRO D 408 -3.92 2.84 -41.23
N ASP D 409 -4.70 2.21 -42.09
CA ASP D 409 -5.65 2.90 -42.96
C ASP D 409 -7.06 2.46 -42.65
N ILE D 410 -7.28 1.16 -42.51
CA ILE D 410 -8.59 0.63 -42.24
C ILE D 410 -8.44 -0.19 -40.98
N ILE D 411 -9.33 0.05 -40.04
CA ILE D 411 -9.27 -0.56 -38.73
C ILE D 411 -10.59 -1.26 -38.45
N MET D 412 -10.52 -2.52 -38.01
CA MET D 412 -11.71 -3.24 -37.59
C MET D 412 -11.50 -3.64 -36.13
N ILE D 413 -12.40 -3.23 -35.24
CA ILE D 413 -12.32 -3.60 -33.83
C ILE D 413 -13.39 -4.60 -33.44
N GLY D 414 -12.96 -5.68 -32.78
CA GLY D 414 -13.86 -6.75 -32.39
C GLY D 414 -15.05 -6.29 -31.54
N GLU D 415 -14.81 -5.43 -30.56
CA GLU D 415 -15.88 -4.99 -29.66
C GLU D 415 -15.44 -3.78 -28.86
N ILE D 416 -16.39 -2.88 -28.62
CA ILE D 416 -16.20 -1.70 -27.77
C ILE D 416 -16.60 -2.02 -26.33
N ARG D 417 -15.60 -2.10 -25.44
CA ARG D 417 -15.84 -2.47 -24.06
C ARG D 417 -15.72 -1.32 -23.08
N ASP D 418 -14.82 -0.36 -23.32
CA ASP D 418 -14.59 0.70 -22.37
C ASP D 418 -14.50 2.06 -23.05
N PHE D 419 -14.66 3.12 -22.26
CA PHE D 419 -14.61 4.46 -22.81
C PHE D 419 -13.24 4.79 -23.37
N GLU D 420 -12.19 4.24 -22.76
CA GLU D 420 -10.85 4.50 -23.27
C GLU D 420 -10.74 3.99 -24.69
N THR D 421 -11.38 2.88 -24.93
CA THR D 421 -11.38 2.31 -26.25
C THR D 421 -12.26 3.15 -27.15
N ALA D 422 -13.39 3.68 -26.64
CA ALA D 422 -14.22 4.53 -27.49
C ALA D 422 -13.50 5.82 -27.89
N GLU D 423 -12.80 6.44 -26.94
CA GLU D 423 -12.08 7.68 -27.21
C GLU D 423 -11.03 7.46 -28.29
N ILE D 424 -10.23 6.41 -28.12
CA ILE D 424 -9.17 6.13 -29.07
C ILE D 424 -9.74 5.66 -30.41
N ALA D 425 -10.87 4.96 -30.41
CA ALA D 425 -11.44 4.52 -31.68
C ALA D 425 -11.91 5.72 -32.50
N ILE D 426 -12.60 6.66 -31.84
CA ILE D 426 -13.00 7.89 -32.51
C ILE D 426 -11.74 8.59 -33.01
N LYS D 427 -10.71 8.62 -32.15
CA LYS D 427 -9.44 9.24 -32.52
C LYS D 427 -8.84 8.57 -33.75
N ALA D 428 -8.89 7.24 -33.82
CA ALA D 428 -8.34 6.53 -34.98
C ALA D 428 -9.11 6.85 -36.26
N ALA D 429 -10.42 7.03 -36.16
CA ALA D 429 -11.20 7.39 -37.34
C ALA D 429 -10.85 8.79 -37.81
N LEU D 430 -10.68 9.71 -36.86
CA LEU D 430 -10.33 11.09 -37.13
C LEU D 430 -8.88 11.25 -37.60
N THR D 431 -8.02 10.29 -37.27
CA THR D 431 -6.60 10.38 -37.66
C THR D 431 -6.45 10.33 -39.17
N GLY D 432 -7.31 9.58 -39.83
CA GLY D 432 -7.27 9.43 -41.27
C GLY D 432 -7.41 7.95 -41.57
N HIS D 433 -7.99 7.19 -40.64
CA HIS D 433 -8.18 5.77 -40.80
C HIS D 433 -9.66 5.48 -40.89
N LEU D 434 -9.95 4.38 -41.55
CA LEU D 434 -11.29 3.84 -41.66
C LEU D 434 -11.46 2.89 -40.48
N VAL D 435 -12.45 3.13 -39.63
CA VAL D 435 -12.61 2.38 -38.39
C VAL D 435 -13.93 1.63 -38.40
N LEU D 436 -13.85 0.32 -38.26
CA LEU D 436 -15.00 -0.56 -38.19
C LEU D 436 -15.09 -1.22 -36.82
N SER D 437 -16.31 -1.32 -36.29
CA SER D 437 -16.48 -1.93 -34.98
C SER D 437 -17.92 -2.42 -34.86
N THR D 438 -18.25 -2.99 -33.70
CA THR D 438 -19.58 -3.54 -33.44
C THR D 438 -20.10 -3.13 -32.08
N LEU D 439 -21.42 -3.16 -31.96
CA LEU D 439 -22.08 -3.06 -30.68
C LEU D 439 -23.29 -3.97 -30.67
N HIS D 440 -23.73 -4.31 -29.47
CA HIS D 440 -24.98 -5.03 -29.28
C HIS D 440 -25.96 -3.98 -28.84
N THR D 441 -26.73 -3.48 -29.79
CA THR D 441 -27.70 -2.46 -29.51
C THR D 441 -28.98 -2.89 -30.19
N ASN D 442 -30.02 -2.22 -29.76
CA ASN D 442 -31.36 -2.56 -30.20
C ASN D 442 -31.47 -2.24 -31.67
N ASP D 443 -30.96 -1.09 -32.03
CA ASP D 443 -30.92 -0.58 -33.37
C ASP D 443 -29.66 0.26 -33.52
N ALA D 444 -29.53 0.90 -34.65
CA ALA D 444 -28.40 1.77 -34.92
C ALA D 444 -28.50 2.94 -33.96
N PRO D 445 -29.68 3.51 -33.74
CA PRO D 445 -29.82 4.57 -32.72
C PRO D 445 -29.41 4.26 -31.30
N ALA D 446 -29.71 3.11 -30.71
CA ALA D 446 -29.31 2.94 -29.32
C ALA D 446 -27.78 2.93 -29.17
N THR D 447 -27.07 2.67 -30.26
CA THR D 447 -25.62 2.73 -30.23
C THR D 447 -25.19 4.16 -29.94
N ILE D 448 -25.94 5.13 -30.45
CA ILE D 448 -25.64 6.55 -30.21
C ILE D 448 -25.74 6.85 -28.73
N ASN D 449 -26.81 6.38 -28.10
CA ASN D 449 -26.93 6.64 -26.68
C ASN D 449 -25.78 6.00 -25.92
N ARG D 450 -25.32 4.84 -26.39
CA ARG D 450 -24.16 4.20 -25.76
C ARG D 450 -22.90 5.03 -25.88
N LEU D 451 -22.60 5.52 -27.07
CA LEU D 451 -21.40 6.32 -27.25
C LEU D 451 -21.49 7.62 -26.47
N LEU D 452 -22.66 8.24 -26.43
CA LEU D 452 -22.78 9.47 -25.65
C LEU D 452 -22.51 9.18 -24.19
N ASN D 453 -23.07 8.10 -23.67
CA ASN D 453 -22.82 7.80 -22.28
C ASN D 453 -21.38 7.40 -21.97
N MET D 454 -20.57 6.89 -22.93
CA MET D 454 -19.19 6.67 -22.50
C MET D 454 -18.31 7.92 -22.38
N GLY D 455 -18.67 9.07 -22.94
CA GLY D 455 -17.88 10.28 -22.74
C GLY D 455 -17.13 10.86 -23.94
N VAL D 456 -17.19 10.27 -25.13
CA VAL D 456 -16.48 10.84 -26.29
C VAL D 456 -17.19 12.12 -26.71
N GLU D 457 -16.43 13.18 -26.93
CA GLU D 457 -17.03 14.46 -27.28
C GLU D 457 -17.83 14.32 -28.57
N PRO D 458 -18.97 15.03 -28.68
CA PRO D 458 -19.85 14.79 -29.84
C PRO D 458 -19.30 15.15 -31.21
N PHE D 459 -18.52 16.23 -31.37
CA PHE D 459 -18.08 16.51 -32.73
C PHE D 459 -17.09 15.46 -33.19
N LEU D 460 -16.41 14.81 -32.25
CA LEU D 460 -15.49 13.77 -32.66
C LEU D 460 -16.24 12.53 -33.13
N VAL D 461 -17.33 12.18 -32.47
CA VAL D 461 -18.14 11.07 -32.95
C VAL D 461 -18.82 11.44 -34.25
N ALA D 462 -19.29 12.68 -34.31
CA ALA D 462 -20.04 13.16 -35.45
C ALA D 462 -19.16 13.19 -36.67
N SER D 463 -17.90 13.52 -36.49
CA SER D 463 -16.99 13.69 -37.59
C SER D 463 -16.28 12.40 -37.86
N ALA D 464 -16.23 11.52 -36.88
CA ALA D 464 -15.52 10.30 -37.08
C ALA D 464 -16.47 9.30 -37.66
N VAL D 465 -17.72 9.33 -37.25
CA VAL D 465 -18.66 8.32 -37.70
C VAL D 465 -19.27 8.79 -39.00
N ASN D 466 -19.12 8.00 -40.05
CA ASN D 466 -19.80 8.24 -41.30
C ASN D 466 -21.17 7.60 -41.32
N LEU D 467 -21.32 6.46 -40.64
CA LEU D 467 -22.41 5.54 -40.90
C LEU D 467 -22.53 4.50 -39.81
N ILE D 468 -23.76 4.16 -39.43
CA ILE D 468 -24.03 3.07 -38.49
C ILE D 468 -25.08 2.15 -39.09
N THR D 469 -24.79 0.84 -39.11
CA THR D 469 -25.75 -0.17 -39.52
C THR D 469 -26.15 -0.99 -38.30
N ALA D 470 -27.36 -1.53 -38.36
CA ALA D 470 -27.83 -2.52 -37.40
C ALA D 470 -28.45 -3.66 -38.17
N GLN D 471 -28.16 -4.90 -37.76
CA GLN D 471 -28.61 -6.05 -38.54
C GLN D 471 -28.93 -7.28 -37.69
N ARG D 472 -30.08 -7.92 -38.01
CA ARG D 472 -30.52 -9.15 -37.33
C ARG D 472 -30.76 -10.26 -38.35
N LEU D 473 -30.97 -11.49 -37.85
CA LEU D 473 -31.19 -12.69 -38.66
C LEU D 473 -32.43 -13.47 -38.24
N ALA D 474 -33.39 -13.55 -39.16
CA ALA D 474 -34.63 -14.31 -39.04
C ALA D 474 -34.60 -15.53 -39.94
N ARG D 475 -35.51 -16.47 -39.69
CA ARG D 475 -35.54 -17.67 -40.52
C ARG D 475 -36.31 -17.33 -41.77
N ARG D 476 -35.87 -17.92 -42.86
CA ARG D 476 -36.46 -17.70 -44.16
C ARG D 476 -37.55 -18.74 -44.35
N VAL D 477 -38.71 -18.27 -44.83
CA VAL D 477 -39.86 -19.15 -45.00
C VAL D 477 -39.51 -20.22 -46.01
N CYS D 478 -40.00 -21.42 -45.76
CA CYS D 478 -39.72 -22.51 -46.66
C CYS D 478 -40.33 -22.25 -48.03
N SER D 479 -39.49 -22.22 -49.06
CA SER D 479 -39.99 -21.95 -50.39
C SER D 479 -40.87 -23.08 -50.92
N GLU D 480 -40.84 -24.24 -50.27
CA GLU D 480 -41.53 -25.42 -50.76
C GLU D 480 -42.92 -25.53 -50.18
N CYS D 481 -43.09 -25.09 -48.92
CA CYS D 481 -44.36 -25.18 -48.25
C CYS D 481 -44.84 -23.79 -47.90
N LYS D 482 -44.17 -22.76 -48.42
CA LYS D 482 -44.65 -21.43 -48.16
C LYS D 482 -45.99 -21.40 -48.83
N GLN D 483 -46.90 -20.70 -48.21
CA GLN D 483 -48.21 -20.51 -48.79
C GLN D 483 -48.78 -19.32 -48.13
N PRO D 484 -49.74 -18.65 -48.76
CA PRO D 484 -50.23 -17.43 -48.15
C PRO D 484 -50.79 -17.87 -46.82
N GLU D 485 -50.66 -17.01 -45.87
CA GLU D 485 -51.27 -17.21 -44.59
C GLU D 485 -52.17 -16.03 -44.39
N GLU D 486 -53.30 -16.23 -43.73
CA GLU D 486 -54.18 -15.08 -43.68
C GLU D 486 -53.57 -14.29 -42.54
N ILE D 487 -52.95 -13.17 -42.89
CA ILE D 487 -52.34 -12.28 -41.92
C ILE D 487 -52.98 -10.98 -42.34
N PRO D 488 -53.72 -10.29 -41.47
CA PRO D 488 -54.28 -9.01 -41.89
C PRO D 488 -53.18 -8.05 -42.29
N ILE D 489 -53.39 -7.37 -43.42
CA ILE D 489 -52.30 -6.52 -43.91
C ILE D 489 -52.06 -5.41 -42.89
N GLN D 490 -53.10 -5.01 -42.15
CA GLN D 490 -52.96 -3.99 -41.11
C GLN D 490 -52.17 -4.52 -39.92
N ALA D 491 -52.24 -5.83 -39.66
CA ALA D 491 -51.41 -6.41 -38.61
C ALA D 491 -49.95 -6.29 -38.98
N LEU D 492 -49.65 -6.53 -40.25
CA LEU D 492 -48.30 -6.41 -40.74
C LEU D 492 -47.83 -4.97 -40.66
N ILE D 493 -48.70 -4.03 -41.01
CA ILE D 493 -48.35 -2.62 -40.98
C ILE D 493 -48.18 -2.15 -39.54
N ASP D 494 -49.07 -2.60 -38.66
CA ASP D 494 -48.94 -2.30 -37.24
C ASP D 494 -47.69 -2.93 -36.68
N ALA D 495 -47.26 -4.01 -37.31
CA ALA D 495 -46.05 -4.72 -36.96
C ALA D 495 -44.84 -4.12 -37.60
N GLY D 496 -44.99 -3.11 -38.46
CA GLY D 496 -43.83 -2.52 -39.10
C GLY D 496 -43.87 -2.52 -40.62
N VAL D 497 -44.86 -3.02 -41.35
CA VAL D 497 -44.77 -2.91 -42.79
C VAL D 497 -44.95 -1.46 -43.19
N SER D 498 -44.04 -0.98 -44.02
CA SER D 498 -44.18 0.35 -44.53
C SER D 498 -45.49 0.38 -45.31
N PRO D 499 -46.20 1.51 -45.33
CA PRO D 499 -47.49 1.52 -46.03
C PRO D 499 -47.42 1.12 -47.49
N ASP D 500 -46.31 1.39 -48.17
CA ASP D 500 -46.21 1.02 -49.58
C ASP D 500 -46.19 -0.49 -49.82
N GLU D 501 -45.42 -1.27 -49.05
CA GLU D 501 -45.41 -2.70 -49.35
C GLU D 501 -46.68 -3.43 -48.94
N ALA D 502 -47.42 -2.92 -47.98
CA ALA D 502 -48.61 -3.56 -47.44
C ALA D 502 -49.60 -4.20 -48.42
N PRO D 503 -50.18 -3.38 -49.30
CA PRO D 503 -51.26 -3.89 -50.17
C PRO D 503 -50.86 -5.03 -51.09
N SER D 504 -49.57 -5.18 -51.33
CA SER D 504 -48.98 -6.14 -52.23
C SER D 504 -48.74 -7.46 -51.54
N TYR D 505 -49.17 -7.59 -50.30
CA TYR D 505 -48.82 -8.77 -49.55
C TYR D 505 -49.68 -9.97 -49.81
N VAL D 506 -48.97 -11.08 -49.90
CA VAL D 506 -49.43 -12.43 -49.91
C VAL D 506 -48.54 -12.85 -48.76
N CYS D 507 -49.13 -13.06 -47.59
CA CYS D 507 -48.29 -13.31 -46.44
C CYS D 507 -47.98 -14.78 -46.44
N TYR D 508 -46.71 -15.07 -46.61
CA TYR D 508 -46.31 -16.43 -46.71
C TYR D 508 -45.86 -17.00 -45.40
N LYS D 509 -46.10 -18.28 -45.29
CA LYS D 509 -45.64 -19.06 -44.16
C LYS D 509 -45.48 -20.48 -44.62
N GLY D 510 -44.34 -21.06 -44.27
CA GLY D 510 -44.16 -22.44 -44.60
C GLY D 510 -45.03 -23.19 -43.65
N THR D 511 -45.73 -24.17 -44.18
CA THR D 511 -46.57 -24.97 -43.33
C THR D 511 -45.75 -26.08 -42.68
N GLY D 512 -44.55 -26.32 -43.20
CA GLY D 512 -43.67 -27.35 -42.75
C GLY D 512 -43.70 -28.52 -43.70
N CYS D 513 -42.57 -28.76 -44.34
CA CYS D 513 -42.40 -29.88 -45.24
C CYS D 513 -41.02 -30.45 -44.98
N VAL D 514 -40.67 -31.45 -45.77
CA VAL D 514 -39.41 -32.13 -45.57
C VAL D 514 -38.26 -31.26 -46.04
N LYS D 515 -38.53 -30.36 -46.98
CA LYS D 515 -37.47 -29.50 -47.50
C LYS D 515 -37.07 -28.43 -46.49
N CYS D 516 -37.78 -28.34 -45.38
CA CYS D 516 -37.51 -27.38 -44.33
C CYS D 516 -37.52 -28.11 -43.01
N ASN D 517 -37.36 -29.44 -43.04
CA ASN D 517 -37.38 -30.26 -41.85
C ASN D 517 -38.68 -30.09 -41.09
N ASN D 518 -39.75 -29.83 -41.83
CA ASN D 518 -41.09 -29.60 -41.34
C ASN D 518 -41.17 -28.41 -40.40
N THR D 519 -40.24 -27.48 -40.56
CA THR D 519 -40.20 -26.25 -39.80
C THR D 519 -40.96 -25.12 -40.47
N GLY D 520 -41.19 -25.22 -41.78
CA GLY D 520 -41.77 -24.14 -42.53
C GLY D 520 -40.75 -23.10 -42.89
N TYR D 521 -39.48 -23.30 -42.51
CA TYR D 521 -38.41 -22.37 -42.78
C TYR D 521 -37.19 -23.08 -43.33
N LYS D 522 -36.51 -22.42 -44.26
CA LYS D 522 -35.25 -22.93 -44.77
C LYS D 522 -34.38 -21.75 -45.15
N GLY D 523 -33.30 -21.58 -44.42
CA GLY D 523 -32.41 -20.46 -44.60
C GLY D 523 -32.75 -19.33 -43.64
N ARG D 524 -31.95 -18.28 -43.74
CA ARG D 524 -32.09 -17.10 -42.91
C ARG D 524 -31.96 -15.88 -43.79
N VAL D 525 -32.57 -14.81 -43.33
CA VAL D 525 -32.49 -13.52 -44.00
C VAL D 525 -31.92 -12.51 -43.02
N GLY D 526 -31.30 -11.47 -43.57
CA GLY D 526 -30.74 -10.39 -42.79
C GLY D 526 -31.72 -9.24 -42.90
N PHE D 527 -32.02 -8.65 -41.75
CA PHE D 527 -32.85 -7.46 -41.64
C PHE D 527 -31.96 -6.28 -41.27
N TYR D 528 -31.80 -5.31 -42.18
CA TYR D 528 -30.86 -4.20 -42.00
C TYR D 528 -31.52 -2.85 -41.83
N GLN D 529 -30.97 -2.05 -40.91
CA GLN D 529 -31.26 -0.62 -40.81
C GLN D 529 -29.90 0.05 -40.99
N VAL D 530 -29.60 0.53 -42.20
CA VAL D 530 -28.33 1.15 -42.54
C VAL D 530 -28.53 2.66 -42.55
N MET D 531 -28.05 3.33 -41.51
CA MET D 531 -28.22 4.76 -41.24
C MET D 531 -26.91 5.53 -41.40
N PRO D 532 -26.70 6.36 -42.43
CA PRO D 532 -25.49 7.19 -42.43
C PRO D 532 -25.51 8.37 -41.46
N MET D 533 -24.31 8.70 -40.98
CA MET D 533 -24.06 9.80 -40.04
C MET D 533 -24.14 11.13 -40.80
N LEU D 534 -25.37 11.47 -41.13
CA LEU D 534 -25.61 12.71 -41.86
C LEU D 534 -25.25 13.91 -41.02
N GLU D 535 -24.92 15.01 -41.70
CA GLU D 535 -24.46 16.21 -41.01
C GLU D 535 -25.51 16.70 -40.03
N GLU D 536 -26.79 16.53 -40.39
CA GLU D 536 -27.84 16.89 -39.46
C GLU D 536 -27.73 16.02 -38.23
N ILE D 537 -27.39 14.75 -38.44
CA ILE D 537 -27.22 13.84 -37.32
C ILE D 537 -25.98 14.22 -36.56
N ARG D 538 -24.98 14.71 -37.25
CA ARG D 538 -23.75 15.14 -36.59
C ARG D 538 -24.04 16.31 -35.64
N GLU D 539 -24.85 17.26 -36.11
CA GLU D 539 -25.23 18.39 -35.28
C GLU D 539 -26.05 17.89 -34.11
N LEU D 540 -26.89 16.89 -34.37
CA LEU D 540 -27.70 16.27 -33.34
C LEU D 540 -26.82 15.66 -32.27
N ILE D 541 -25.70 15.04 -32.68
CA ILE D 541 -24.77 14.52 -31.68
C ILE D 541 -24.28 15.67 -30.84
N LEU D 542 -23.97 16.80 -31.48
CA LEU D 542 -23.57 17.96 -30.68
C LEU D 542 -24.73 18.44 -29.82
N ASN D 543 -25.97 18.25 -30.30
CA ASN D 543 -27.16 18.62 -29.55
C ASN D 543 -27.71 17.52 -28.63
N GLY D 544 -27.08 16.35 -28.53
CA GLY D 544 -27.63 15.36 -27.61
C GLY D 544 -28.95 14.71 -28.01
N ALA D 545 -29.12 14.35 -29.28
CA ALA D 545 -30.36 13.69 -29.70
C ALA D 545 -30.46 12.23 -29.26
N ASN D 546 -31.70 11.82 -29.03
CA ASN D 546 -32.07 10.49 -28.57
C ASN D 546 -32.14 9.46 -29.70
N THR D 547 -32.43 8.22 -29.29
CA THR D 547 -32.54 7.06 -30.16
C THR D 547 -33.67 7.19 -31.19
N ALA D 548 -34.82 7.74 -30.77
CA ALA D 548 -35.98 7.82 -31.65
C ALA D 548 -35.74 8.70 -32.86
N GLU D 549 -35.16 9.87 -32.65
CA GLU D 549 -34.92 10.79 -33.76
C GLU D 549 -33.93 10.20 -34.75
N ILE D 550 -32.97 9.42 -34.26
CA ILE D 550 -31.97 8.83 -35.13
C ILE D 550 -32.62 7.75 -35.99
N LYS D 551 -33.49 6.93 -35.38
CA LYS D 551 -34.19 5.90 -36.14
C LYS D 551 -35.04 6.55 -37.20
N ARG D 552 -35.73 7.63 -36.80
CA ARG D 552 -36.57 8.35 -37.72
C ARG D 552 -35.77 8.87 -38.89
N GLU D 553 -34.54 9.35 -38.66
CA GLU D 553 -33.78 9.81 -39.80
C GLU D 553 -33.45 8.67 -40.76
N SER D 554 -33.10 7.49 -40.26
CA SER D 554 -32.82 6.42 -41.21
C SER D 554 -34.06 6.02 -41.98
N MET D 555 -35.19 5.99 -41.29
CA MET D 555 -36.44 5.66 -41.96
C MET D 555 -36.82 6.75 -42.94
N ARG D 556 -36.45 7.99 -42.62
CA ARG D 556 -36.71 9.11 -43.50
C ARG D 556 -35.90 8.96 -44.78
N LEU D 557 -34.71 8.36 -44.68
CA LEU D 557 -33.84 8.17 -45.82
C LEU D 557 -34.16 6.92 -46.60
N GLY D 558 -35.27 6.27 -46.28
CA GLY D 558 -35.72 5.12 -47.01
C GLY D 558 -35.15 3.86 -46.44
N ILE D 559 -34.50 3.96 -45.28
CA ILE D 559 -33.93 2.79 -44.62
C ILE D 559 -35.02 2.06 -43.87
N LYS D 560 -35.40 0.89 -44.36
CA LYS D 560 -36.41 0.16 -43.62
C LYS D 560 -35.67 -0.29 -42.40
N THR D 561 -36.32 -0.19 -41.27
CA THR D 561 -35.68 -0.74 -40.11
C THR D 561 -35.67 -2.24 -40.26
N MET D 562 -35.00 -2.86 -39.32
CA MET D 562 -34.89 -4.30 -39.36
C MET D 562 -36.25 -4.96 -39.26
N ARG D 563 -37.15 -4.40 -38.46
CA ARG D 563 -38.50 -4.93 -38.46
C ARG D 563 -39.15 -4.74 -39.82
N GLN D 564 -39.05 -3.51 -40.35
CA GLN D 564 -39.61 -3.18 -41.65
C GLN D 564 -38.94 -3.90 -42.79
N SER D 565 -37.64 -4.10 -42.72
CA SER D 565 -36.96 -4.87 -43.73
C SER D 565 -37.43 -6.32 -43.71
N GLY D 566 -37.70 -6.85 -42.52
CA GLY D 566 -38.23 -8.20 -42.47
C GLY D 566 -39.65 -8.35 -42.95
N LEU D 567 -40.48 -7.39 -42.62
CA LEU D 567 -41.84 -7.45 -43.11
C LEU D 567 -41.86 -7.30 -44.62
N THR D 568 -40.89 -6.58 -45.16
CA THR D 568 -40.78 -6.47 -46.61
C THR D 568 -40.48 -7.83 -47.18
N LYS D 569 -39.59 -8.56 -46.55
CA LYS D 569 -39.31 -9.89 -47.08
C LYS D 569 -40.51 -10.79 -46.94
N LEU D 570 -41.35 -10.54 -45.93
CA LEU D 570 -42.63 -11.23 -45.90
C LEU D 570 -43.43 -10.85 -47.13
N LYS D 571 -43.37 -9.58 -47.55
CA LYS D 571 -44.08 -9.19 -48.77
C LYS D 571 -43.56 -9.98 -49.94
N GLU D 572 -42.26 -10.24 -49.94
CA GLU D 572 -41.65 -11.01 -50.99
C GLU D 572 -41.90 -12.49 -50.84
N GLY D 573 -42.51 -12.89 -49.73
CA GLY D 573 -42.82 -14.27 -49.54
C GLY D 573 -41.61 -15.07 -49.18
N VAL D 574 -40.53 -14.41 -48.75
CA VAL D 574 -39.30 -15.11 -48.42
C VAL D 574 -39.12 -15.31 -46.92
N THR D 575 -39.91 -14.65 -46.10
CA THR D 575 -39.90 -14.90 -44.68
C THR D 575 -41.35 -14.88 -44.23
N SER D 576 -41.58 -15.33 -43.00
CA SER D 576 -42.92 -15.42 -42.47
C SER D 576 -43.14 -14.24 -41.56
N PHE D 577 -44.40 -13.99 -41.24
CA PHE D 577 -44.65 -12.89 -40.33
C PHE D 577 -44.17 -13.17 -38.93
N GLU D 578 -44.27 -14.41 -38.50
CA GLU D 578 -43.80 -14.72 -37.17
C GLU D 578 -42.29 -14.62 -37.04
N GLU D 579 -41.53 -14.92 -38.08
CA GLU D 579 -40.08 -14.76 -37.97
C GLU D 579 -39.67 -13.31 -37.85
N VAL D 580 -40.31 -12.45 -38.63
CA VAL D 580 -40.04 -11.03 -38.55
C VAL D 580 -40.34 -10.56 -37.14
N LEU D 581 -41.49 -10.98 -36.64
CA LEU D 581 -41.92 -10.63 -35.32
C LEU D 581 -41.06 -11.30 -34.26
N ARG D 582 -40.35 -12.37 -34.62
CA ARG D 582 -39.55 -13.12 -33.66
C ARG D 582 -38.24 -12.42 -33.40
N VAL D 583 -37.60 -11.88 -34.45
CA VAL D 583 -36.25 -11.37 -34.31
C VAL D 583 -36.23 -9.85 -34.34
N THR D 584 -37.36 -9.21 -34.63
CA THR D 584 -37.50 -7.77 -34.64
C THR D 584 -38.69 -7.41 -33.78
N VAL D 585 -38.62 -6.24 -33.16
CA VAL D 585 -39.73 -5.70 -32.40
C VAL D 585 -40.47 -4.76 -33.34
N ALA D 586 -41.70 -4.42 -32.98
CA ALA D 586 -42.44 -3.59 -33.90
C ALA D 586 -41.89 -2.17 -33.86
N ASP D 587 -42.14 -1.45 -34.94
CA ASP D 587 -41.70 -0.07 -35.08
C ASP D 587 -42.84 0.89 -34.82
N ASP D 588 -43.28 0.82 -33.57
CA ASP D 588 -44.02 1.87 -32.91
C ASP D 588 -43.54 3.26 -33.31
N PRO E 202 22.73 -17.71 -44.52
CA PRO E 202 21.47 -17.95 -45.21
C PRO E 202 20.51 -16.77 -45.00
N VAL E 203 20.42 -16.39 -43.73
CA VAL E 203 19.60 -15.29 -43.26
C VAL E 203 20.19 -13.95 -43.69
N VAL E 204 21.51 -13.90 -43.88
CA VAL E 204 22.26 -12.67 -44.16
C VAL E 204 21.65 -11.84 -45.28
N LYS E 205 21.42 -12.46 -46.44
CA LYS E 205 20.87 -11.72 -47.57
C LYS E 205 19.50 -11.17 -47.22
N LEU E 206 18.69 -11.98 -46.57
CA LEU E 206 17.34 -11.56 -46.23
C LEU E 206 17.38 -10.38 -45.27
N VAL E 207 18.27 -10.43 -44.28
CA VAL E 207 18.40 -9.35 -43.31
C VAL E 207 18.79 -8.06 -44.01
N ASN E 208 19.76 -8.16 -44.93
CA ASN E 208 20.18 -6.98 -45.67
C ASN E 208 19.06 -6.44 -46.52
N LEU E 209 18.23 -7.33 -47.04
CA LEU E 209 17.05 -6.90 -47.79
C LEU E 209 16.09 -6.12 -46.91
N ILE E 210 15.85 -6.64 -45.69
CA ILE E 210 14.93 -6.00 -44.76
C ILE E 210 15.39 -4.60 -44.42
N LEU E 211 16.67 -4.46 -44.12
CA LEU E 211 17.15 -3.17 -43.68
C LEU E 211 17.33 -2.20 -44.83
N THR E 212 17.66 -2.70 -46.02
CA THR E 212 18.10 -1.84 -47.10
C THR E 212 17.11 -1.52 -48.22
N ASP E 213 16.09 -2.34 -48.50
CA ASP E 213 15.10 -1.88 -49.47
C ASP E 213 14.30 -0.65 -49.03
N ALA E 214 14.14 -0.41 -47.72
CA ALA E 214 13.44 0.82 -47.34
C ALA E 214 14.17 2.09 -47.71
N ILE E 215 15.50 2.05 -47.82
CA ILE E 215 16.26 3.21 -48.24
C ILE E 215 16.01 3.53 -49.71
N LYS E 216 16.11 2.51 -50.56
CA LYS E 216 15.94 2.71 -51.99
C LYS E 216 14.53 3.12 -52.39
N ARG E 217 13.49 2.68 -51.68
CA ARG E 217 12.16 3.08 -52.09
C ARG E 217 11.75 4.49 -51.68
N LYS E 218 12.50 5.20 -50.83
CA LYS E 218 12.05 6.53 -50.41
C LYS E 218 10.65 6.42 -49.80
N ALA E 219 10.52 5.50 -48.85
CA ALA E 219 9.24 5.24 -48.20
C ALA E 219 9.03 6.10 -46.97
N SER E 220 7.75 6.46 -46.77
CA SER E 220 7.33 7.26 -45.63
C SER E 220 7.10 6.37 -44.43
N ASP E 221 6.64 5.14 -44.65
CA ASP E 221 6.33 4.21 -43.60
C ASP E 221 6.81 2.88 -44.14
N ILE E 222 7.16 1.98 -43.24
CA ILE E 222 7.61 0.64 -43.63
C ILE E 222 6.69 -0.37 -42.95
N HIS E 223 6.13 -1.29 -43.74
CA HIS E 223 5.23 -2.34 -43.26
C HIS E 223 5.82 -3.71 -43.54
N ILE E 224 6.08 -4.46 -42.49
CA ILE E 224 6.59 -5.82 -42.56
C ILE E 224 5.47 -6.73 -42.07
N GLU E 225 4.83 -7.47 -42.97
CA GLU E 225 3.56 -8.10 -42.64
C GLU E 225 3.59 -9.60 -42.91
N PRO E 226 3.49 -10.45 -41.89
CA PRO E 226 3.29 -11.88 -42.13
C PRO E 226 1.82 -12.24 -42.09
N TYR E 227 1.44 -13.19 -42.94
CA TYR E 227 0.09 -13.72 -42.99
C TYR E 227 0.13 -15.24 -42.99
N GLU E 228 -1.06 -15.82 -43.05
CA GLU E 228 -1.21 -17.27 -42.89
C GLU E 228 -0.51 -18.03 -44.00
N ARG E 229 -0.55 -17.48 -45.20
CA ARG E 229 0.00 -18.12 -46.38
C ARG E 229 1.03 -17.25 -47.09
N SER E 230 1.31 -16.06 -46.57
CA SER E 230 2.21 -15.13 -47.22
C SER E 230 3.00 -14.34 -46.18
N PHE E 231 3.98 -13.61 -46.69
CA PHE E 231 4.87 -12.77 -45.91
C PHE E 231 5.29 -11.71 -46.90
N ARG E 232 4.94 -10.47 -46.60
CA ARG E 232 5.16 -9.38 -47.51
C ARG E 232 5.76 -8.19 -46.80
N VAL E 233 6.39 -7.36 -47.61
CA VAL E 233 6.84 -6.06 -47.18
C VAL E 233 6.13 -5.08 -48.09
N ARG E 234 5.56 -4.05 -47.49
CA ARG E 234 4.85 -3.00 -48.20
C ARG E 234 5.49 -1.69 -47.76
N TYR E 235 5.80 -0.83 -48.69
CA TYR E 235 6.23 0.51 -48.33
C TYR E 235 5.10 1.48 -48.55
N ARG E 236 4.91 2.38 -47.59
CA ARG E 236 3.98 3.49 -47.72
C ARG E 236 4.75 4.71 -48.17
N ILE E 237 4.44 5.19 -49.36
CA ILE E 237 5.15 6.29 -49.98
C ILE E 237 4.11 7.38 -50.16
N ASP E 238 4.29 8.49 -49.45
CA ASP E 238 3.36 9.62 -49.52
C ASP E 238 1.95 9.18 -49.19
N GLY E 239 1.82 8.32 -48.19
CA GLY E 239 0.52 7.92 -47.75
C GLY E 239 0.02 6.68 -48.41
N VAL E 240 0.67 6.24 -49.49
CA VAL E 240 0.22 5.12 -50.27
C VAL E 240 1.16 3.94 -50.10
N LEU E 241 0.58 2.76 -49.96
CA LEU E 241 1.30 1.50 -49.82
C LEU E 241 1.64 0.81 -51.13
N TYR E 242 2.84 0.24 -51.16
CA TYR E 242 3.29 -0.51 -52.32
C TYR E 242 3.87 -1.79 -51.80
N GLU E 243 3.48 -2.91 -52.40
CA GLU E 243 4.08 -4.20 -52.06
C GLU E 243 5.49 -4.22 -52.60
N VAL E 244 6.46 -4.35 -51.71
CA VAL E 244 7.86 -4.28 -52.09
C VAL E 244 8.63 -5.60 -51.93
N MET E 245 8.10 -6.60 -51.22
CA MET E 245 8.89 -7.84 -51.11
C MET E 245 8.01 -8.99 -50.65
N LYS E 246 8.29 -10.20 -51.14
CA LYS E 246 7.61 -11.43 -50.69
C LYS E 246 8.54 -12.59 -50.31
N PRO E 247 9.11 -12.65 -49.10
CA PRO E 247 10.06 -13.77 -48.81
C PRO E 247 9.34 -15.11 -48.70
N PRO E 248 10.02 -16.25 -48.90
CA PRO E 248 9.34 -17.55 -48.77
C PRO E 248 8.94 -17.99 -47.37
N LEU E 249 7.78 -18.65 -47.28
CA LEU E 249 7.33 -19.18 -46.00
C LEU E 249 8.21 -20.35 -45.57
N LYS E 250 8.71 -21.09 -46.56
CA LYS E 250 9.45 -22.31 -46.29
C LYS E 250 10.78 -22.13 -45.60
N LEU E 251 11.34 -20.92 -45.56
CA LEU E 251 12.63 -20.83 -44.92
C LEU E 251 12.52 -20.45 -43.46
N LYS E 252 11.34 -20.05 -43.02
CA LYS E 252 11.22 -19.45 -41.69
C LYS E 252 11.50 -20.40 -40.54
N ASN E 253 11.20 -21.70 -40.67
CA ASN E 253 11.45 -22.59 -39.53
C ASN E 253 12.87 -23.07 -39.29
N ALA E 254 13.60 -23.56 -40.30
CA ALA E 254 14.94 -24.04 -39.95
C ALA E 254 15.93 -22.92 -39.67
N ILE E 255 15.85 -21.86 -40.48
CA ILE E 255 16.60 -20.62 -40.36
C ILE E 255 16.14 -19.79 -39.16
N THR E 256 15.16 -20.28 -38.39
CA THR E 256 14.64 -19.47 -37.30
C THR E 256 15.69 -19.14 -36.27
N SER E 257 16.47 -20.13 -35.85
CA SER E 257 17.46 -19.78 -34.86
C SER E 257 18.49 -18.87 -35.47
N ARG E 258 18.84 -19.16 -36.72
CA ARG E 258 19.84 -18.35 -37.38
C ARG E 258 19.39 -16.92 -37.59
N ILE E 259 18.15 -16.70 -38.03
CA ILE E 259 17.80 -15.30 -38.25
C ILE E 259 17.73 -14.57 -36.93
N LYS E 260 17.17 -15.22 -35.93
CA LYS E 260 17.08 -14.65 -34.60
C LYS E 260 18.48 -14.45 -34.04
N ILE E 261 19.37 -15.39 -34.33
CA ILE E 261 20.73 -15.24 -33.87
C ILE E 261 21.35 -13.99 -34.49
N MET E 262 21.16 -13.79 -35.80
CA MET E 262 21.69 -12.56 -36.37
C MET E 262 21.01 -11.31 -35.83
N ALA E 263 19.70 -11.35 -35.64
CA ALA E 263 19.00 -10.20 -35.07
C ALA E 263 19.13 -10.13 -33.57
N GLU E 264 19.84 -11.09 -32.97
CA GLU E 264 20.00 -11.20 -31.52
C GLU E 264 18.65 -11.26 -30.84
N LEU E 265 17.73 -11.96 -31.48
CA LEU E 265 16.41 -12.25 -30.96
C LEU E 265 16.37 -13.58 -30.20
N ASP E 266 15.21 -13.81 -29.60
CA ASP E 266 14.90 -14.99 -28.81
C ASP E 266 14.46 -15.98 -29.88
N ILE E 267 15.27 -17.01 -30.13
CA ILE E 267 14.92 -17.90 -31.23
C ILE E 267 13.66 -18.68 -30.97
N ALA E 268 13.23 -18.79 -29.72
CA ALA E 268 11.95 -19.41 -29.44
C ALA E 268 10.76 -18.49 -29.73
N GLU E 269 10.91 -17.18 -29.48
CA GLU E 269 9.83 -16.19 -29.60
C GLU E 269 9.55 -15.58 -30.96
N ARG E 270 8.33 -15.81 -31.46
CA ARG E 270 7.83 -15.27 -32.72
C ARG E 270 6.47 -14.57 -32.58
N ARG E 271 5.87 -14.58 -31.38
CA ARG E 271 4.49 -14.12 -31.14
C ARG E 271 4.18 -12.82 -30.37
N LEU E 272 5.13 -12.05 -29.81
CA LEU E 272 4.71 -10.87 -29.00
C LEU E 272 5.14 -9.48 -29.49
N PRO E 273 4.32 -8.44 -29.18
CA PRO E 273 4.63 -7.05 -29.57
C PRO E 273 5.88 -6.47 -28.92
N GLN E 274 6.49 -5.53 -29.65
CA GLN E 274 7.71 -4.87 -29.22
C GLN E 274 7.57 -3.40 -29.61
N ASP E 275 8.21 -2.52 -28.85
CA ASP E 275 8.12 -1.09 -29.13
C ASP E 275 9.51 -0.53 -28.97
N GLY E 276 9.92 0.28 -29.93
CA GLY E 276 11.23 0.86 -29.88
C GLY E 276 11.38 2.17 -30.60
N ARG E 277 12.64 2.43 -30.87
CA ARG E 277 13.09 3.62 -31.56
C ARG E 277 14.26 3.16 -32.42
N ILE E 278 14.43 3.80 -33.56
CA ILE E 278 15.50 3.54 -34.50
C ILE E 278 16.11 4.90 -34.75
N LYS E 279 17.42 4.98 -34.81
CA LYS E 279 18.09 6.21 -35.21
C LYS E 279 19.10 5.99 -36.31
N ILE E 280 18.94 6.76 -37.37
CA ILE E 280 19.88 6.81 -38.46
C ILE E 280 20.59 8.14 -38.30
N LYS E 281 21.74 8.11 -37.66
CA LYS E 281 22.47 9.33 -37.34
C LYS E 281 22.88 10.02 -38.63
N LEU E 282 22.68 11.34 -38.65
CA LEU E 282 22.95 12.17 -39.83
C LEU E 282 24.30 12.85 -39.73
N GLY E 283 25.26 12.21 -39.06
CA GLY E 283 26.53 12.80 -38.70
C GLY E 283 26.58 13.10 -37.23
N GLY E 284 27.59 12.58 -36.52
CA GLY E 284 27.60 12.65 -35.08
C GLY E 284 26.37 11.93 -34.54
N GLY E 285 25.53 12.63 -33.79
CA GLY E 285 24.28 12.08 -33.32
C GLY E 285 23.09 12.99 -33.55
N GLN E 286 23.30 14.16 -34.12
CA GLN E 286 22.19 14.93 -34.68
C GLN E 286 21.62 14.12 -35.84
N ASP E 287 20.43 13.58 -35.65
CA ASP E 287 20.06 12.32 -36.26
C ASP E 287 18.69 12.39 -36.90
N MET E 288 18.36 11.33 -37.62
CA MET E 288 17.03 11.09 -38.13
C MET E 288 16.40 9.97 -37.32
N ASP E 289 15.25 10.25 -36.74
CA ASP E 289 14.62 9.37 -35.78
C ASP E 289 13.49 8.59 -36.44
N TYR E 290 13.29 7.37 -35.99
CA TYR E 290 12.19 6.57 -36.49
C TYR E 290 11.62 5.97 -35.23
N ARG E 291 10.30 5.87 -35.18
CA ARG E 291 9.61 5.08 -34.17
C ARG E 291 9.15 3.73 -34.70
N VAL E 292 9.54 2.63 -34.02
CA VAL E 292 9.28 1.27 -34.48
C VAL E 292 8.21 0.64 -33.60
N SER E 293 7.24 -0.04 -34.22
CA SER E 293 6.17 -0.74 -33.53
C SER E 293 5.93 -2.13 -34.07
N VAL E 294 5.98 -3.14 -33.20
CA VAL E 294 5.76 -4.51 -33.58
C VAL E 294 4.47 -4.93 -32.89
N LEU E 295 3.60 -5.57 -33.65
CA LEU E 295 2.24 -5.96 -33.29
C LEU E 295 2.02 -7.44 -33.61
N PRO E 296 1.50 -8.24 -32.66
CA PRO E 296 1.32 -9.66 -32.94
C PRO E 296 0.14 -9.94 -33.86
N THR E 297 0.39 -10.04 -35.15
CA THR E 297 -0.70 -10.39 -36.05
C THR E 297 -0.90 -11.89 -35.89
N LEU E 298 -2.08 -12.36 -36.26
CA LEU E 298 -2.44 -13.76 -36.08
C LEU E 298 -1.48 -14.75 -36.71
N PHE E 299 -0.71 -14.33 -37.69
CA PHE E 299 0.19 -15.24 -38.41
C PHE E 299 1.64 -14.78 -38.35
N GLY E 300 2.06 -14.15 -37.23
CA GLY E 300 3.42 -13.67 -37.08
C GLY E 300 3.46 -12.28 -36.49
N GLU E 301 4.61 -11.62 -36.56
CA GLU E 301 4.77 -10.27 -36.03
C GLU E 301 4.80 -9.27 -37.18
N LYS E 302 3.90 -8.28 -37.12
CA LYS E 302 3.92 -7.16 -38.05
C LYS E 302 4.76 -6.04 -37.48
N VAL E 303 5.64 -5.45 -38.29
CA VAL E 303 6.49 -4.34 -37.83
C VAL E 303 6.12 -3.13 -38.69
N VAL E 304 5.88 -2.01 -38.02
CA VAL E 304 5.62 -0.72 -38.67
C VAL E 304 6.66 0.31 -38.23
N LEU E 305 7.28 0.99 -39.19
CA LEU E 305 8.23 2.07 -38.88
C LEU E 305 7.78 3.41 -39.44
N ARG E 306 7.66 4.42 -38.55
CA ARG E 306 7.43 5.83 -38.90
C ARG E 306 8.69 6.69 -38.88
N LEU E 307 8.95 7.38 -40.00
CA LEU E 307 10.06 8.31 -40.05
C LEU E 307 9.71 9.60 -39.30
N LEU E 308 10.62 10.07 -38.45
CA LEU E 308 10.48 11.31 -37.67
C LEU E 308 11.75 12.11 -37.96
N ASP E 309 11.61 13.41 -38.14
CA ASP E 309 12.62 14.17 -38.84
C ASP E 309 13.54 14.94 -37.89
N LYS E 310 14.74 15.23 -38.38
CA LYS E 310 15.62 16.21 -37.75
C LYS E 310 15.19 17.65 -38.02
N SER E 311 14.01 17.85 -38.61
CA SER E 311 13.29 19.11 -38.51
C SER E 311 12.12 19.02 -37.54
N ASN E 312 11.84 17.83 -37.02
CA ASN E 312 11.23 17.74 -35.72
C ASN E 312 12.27 18.13 -34.67
N LEU E 313 13.53 17.86 -34.97
CA LEU E 313 14.63 18.49 -34.25
C LEU E 313 14.79 19.92 -34.73
N GLN E 314 14.66 20.84 -33.79
CA GLN E 314 15.18 22.18 -33.96
C GLN E 314 15.51 22.64 -32.56
N LEU E 315 16.80 22.77 -32.29
CA LEU E 315 17.28 22.94 -30.94
C LEU E 315 17.29 24.44 -30.65
N ASP E 316 16.10 25.02 -30.70
CA ASP E 316 15.86 26.42 -30.39
C ASP E 316 14.62 26.39 -29.51
N MET E 317 14.83 26.72 -28.23
CA MET E 317 13.80 26.61 -27.21
C MET E 317 12.64 27.57 -27.42
N THR E 318 12.85 28.67 -28.12
CA THR E 318 11.77 29.59 -28.40
C THR E 318 10.89 29.12 -29.55
N LYS E 319 11.30 28.08 -30.26
CA LYS E 319 10.54 27.53 -31.37
C LYS E 319 9.89 26.22 -31.00
N LEU E 320 9.95 25.85 -29.72
CA LEU E 320 9.39 24.58 -29.31
C LEU E 320 7.91 24.68 -28.96
N GLY E 321 7.38 25.90 -28.81
CA GLY E 321 5.97 26.08 -28.55
C GLY E 321 5.64 26.38 -27.12
N TYR E 322 6.61 26.77 -26.31
CA TYR E 322 6.31 27.12 -24.93
C TYR E 322 5.57 28.46 -24.87
N GLU E 323 4.70 28.58 -23.88
CA GLU E 323 4.10 29.86 -23.54
C GLU E 323 5.19 30.81 -23.02
N PRO E 324 4.99 32.14 -23.10
CA PRO E 324 6.09 33.04 -22.67
C PRO E 324 6.54 32.84 -21.24
N ASP E 325 5.63 32.70 -20.29
CA ASP E 325 6.06 32.51 -18.91
C ASP E 325 6.37 31.06 -18.66
N ALA E 326 5.74 30.15 -19.40
CA ALA E 326 6.16 28.76 -19.38
C ALA E 326 7.59 28.62 -19.89
N LEU E 327 7.91 29.32 -20.98
CA LEU E 327 9.27 29.27 -21.48
C LEU E 327 10.20 29.93 -20.47
N HIS E 328 9.73 30.98 -19.79
CA HIS E 328 10.55 31.64 -18.79
C HIS E 328 10.89 30.69 -17.66
N TYR E 329 9.90 29.95 -17.20
CA TYR E 329 10.14 28.99 -16.14
C TYR E 329 11.03 27.86 -16.64
N PHE E 330 10.85 27.46 -17.90
CA PHE E 330 11.66 26.38 -18.46
C PHE E 330 13.12 26.78 -18.56
N LYS E 331 13.38 28.02 -19.01
CA LYS E 331 14.77 28.48 -19.07
C LYS E 331 15.30 28.72 -17.68
N GLU E 332 14.45 29.16 -16.76
CA GLU E 332 14.86 29.38 -15.39
C GLU E 332 15.25 28.07 -14.74
N ALA E 333 14.48 27.02 -15.02
CA ALA E 333 14.71 25.72 -14.40
C ALA E 333 15.95 25.05 -14.96
N ILE E 334 16.17 25.11 -16.27
CA ILE E 334 17.34 24.43 -16.79
C ILE E 334 18.61 25.19 -16.50
N HIS E 335 18.51 26.47 -16.15
CA HIS E 335 19.67 27.25 -15.79
C HIS E 335 19.88 27.29 -14.29
N LYS E 336 19.05 26.59 -13.54
CA LYS E 336 19.34 26.49 -12.13
C LYS E 336 20.51 25.53 -11.90
N PRO E 337 21.31 25.74 -10.85
CA PRO E 337 22.45 24.84 -10.63
C PRO E 337 22.02 23.48 -10.14
N PHE E 338 20.78 23.35 -9.68
CA PHE E 338 20.29 22.07 -9.17
C PHE E 338 18.79 21.98 -9.39
N GLY E 339 18.22 20.90 -8.88
CA GLY E 339 16.81 20.59 -9.02
C GLY E 339 16.58 19.56 -10.12
N MET E 340 15.32 19.11 -10.22
CA MET E 340 14.94 18.10 -11.20
C MET E 340 13.95 18.72 -12.17
N VAL E 341 14.17 18.43 -13.44
CA VAL E 341 13.27 18.82 -14.52
C VAL E 341 12.81 17.57 -15.22
N LEU E 342 11.51 17.39 -15.32
CA LEU E 342 10.94 16.20 -15.93
C LEU E 342 10.28 16.66 -17.21
N VAL E 343 10.64 16.00 -18.30
CA VAL E 343 10.00 16.24 -19.59
C VAL E 343 9.14 15.03 -19.84
N THR E 344 7.85 15.22 -19.68
CA THR E 344 6.86 14.17 -19.69
C THR E 344 6.10 14.21 -21.01
N GLY E 345 5.53 13.07 -21.39
CA GLY E 345 4.79 12.97 -22.64
C GLY E 345 4.94 11.58 -23.22
N PRO E 346 4.10 11.23 -24.18
CA PRO E 346 4.26 9.93 -24.83
C PRO E 346 5.51 9.91 -25.69
N THR E 347 5.89 8.72 -26.09
CA THR E 347 7.01 8.56 -27.00
C THR E 347 6.63 9.16 -28.35
N GLY E 348 7.59 9.80 -29.00
CA GLY E 348 7.27 10.49 -30.22
C GLY E 348 6.59 11.80 -30.01
N SER E 349 6.78 12.43 -28.84
CA SER E 349 6.16 13.71 -28.52
C SER E 349 7.16 14.87 -28.49
N GLY E 350 8.37 14.69 -29.02
CA GLY E 350 9.31 15.79 -29.03
C GLY E 350 10.08 15.94 -27.75
N LYS E 351 10.13 14.88 -26.96
CA LYS E 351 10.73 14.95 -25.64
C LYS E 351 12.23 15.22 -25.71
N THR E 352 12.93 14.48 -26.58
CA THR E 352 14.37 14.65 -26.62
C THR E 352 14.79 15.95 -27.28
N VAL E 353 13.94 16.55 -28.13
CA VAL E 353 14.26 17.87 -28.66
C VAL E 353 14.19 18.93 -27.58
N SER E 354 13.18 18.88 -26.71
CA SER E 354 13.13 19.84 -25.61
C SER E 354 14.29 19.68 -24.65
N LEU E 355 14.70 18.44 -24.38
CA LEU E 355 15.83 18.28 -23.48
C LEU E 355 17.13 18.74 -24.14
N TYR E 356 17.34 18.36 -25.41
CA TYR E 356 18.52 18.79 -26.13
C TYR E 356 18.53 20.30 -26.31
N SER E 357 17.38 20.92 -26.51
CA SER E 357 17.34 22.37 -26.60
C SER E 357 17.79 22.98 -25.29
N ALA E 358 17.41 22.33 -24.18
CA ALA E 358 17.86 22.85 -22.89
C ALA E 358 19.37 22.67 -22.73
N LEU E 359 19.90 21.51 -23.12
CA LEU E 359 21.36 21.34 -23.05
C LEU E 359 22.06 22.32 -23.96
N GLY E 360 21.43 22.67 -25.08
CA GLY E 360 22.01 23.64 -25.97
C GLY E 360 22.15 24.96 -25.27
N GLU E 361 21.12 25.34 -24.51
CA GLU E 361 21.22 26.57 -23.76
C GLU E 361 22.21 26.46 -22.61
N LEU E 362 22.49 25.25 -22.13
CA LEU E 362 23.41 25.06 -21.01
C LEU E 362 24.81 24.64 -21.44
N ASN E 363 25.02 24.31 -22.71
CA ASN E 363 26.32 23.78 -23.11
C ASN E 363 27.31 24.95 -23.16
N LYS E 364 28.05 25.15 -22.07
CA LYS E 364 29.06 26.19 -22.00
C LYS E 364 30.35 25.67 -21.42
N THR E 365 31.46 26.31 -21.80
CA THR E 365 32.80 25.89 -21.38
C THR E 365 33.02 26.09 -19.90
N THR E 366 32.16 26.86 -19.23
CA THR E 366 32.32 27.14 -17.82
C THR E 366 31.81 26.00 -16.95
N GLU E 367 31.07 25.06 -17.51
CA GLU E 367 30.47 23.96 -16.77
C GLU E 367 30.80 22.64 -17.44
N ASN E 368 30.93 21.58 -16.64
CA ASN E 368 31.20 20.24 -17.13
C ASN E 368 29.87 19.52 -17.23
N ILE E 369 29.52 19.08 -18.44
CA ILE E 369 28.26 18.37 -18.67
C ILE E 369 28.54 16.91 -18.96
N SER E 370 28.02 16.05 -18.10
CA SER E 370 28.09 14.61 -18.26
C SER E 370 26.66 14.14 -18.41
N THR E 371 26.45 13.11 -19.22
CA THR E 371 25.10 12.73 -19.62
C THR E 371 25.09 11.21 -19.68
N ALA E 372 24.08 10.59 -19.09
CA ALA E 372 23.93 9.14 -19.13
C ALA E 372 22.57 8.80 -19.73
N GLU E 373 22.58 8.20 -20.91
CA GLU E 373 21.36 7.92 -21.65
C GLU E 373 21.38 6.45 -22.05
N ASP E 374 20.18 5.91 -22.26
CA ASP E 374 20.01 4.51 -22.64
C ASP E 374 18.95 4.59 -23.74
N PRO E 375 19.35 4.91 -24.98
CA PRO E 375 20.71 5.26 -25.43
C PRO E 375 20.92 6.75 -25.55
N VAL E 376 22.13 7.11 -25.95
CA VAL E 376 22.47 8.50 -26.27
C VAL E 376 21.83 8.84 -27.59
N GLU E 377 20.98 9.87 -27.58
CA GLU E 377 20.26 10.22 -28.78
C GLU E 377 21.14 11.07 -29.70
N PHE E 378 21.67 12.18 -29.21
CA PHE E 378 22.60 12.97 -30.00
C PHE E 378 23.91 13.10 -29.24
N ASN E 379 25.02 13.10 -29.97
CA ASN E 379 26.34 13.30 -29.40
C ASN E 379 26.87 14.67 -29.77
N PHE E 380 27.52 15.31 -28.81
CA PHE E 380 28.07 16.64 -28.98
C PHE E 380 29.54 16.64 -28.56
N ALA E 381 30.41 17.18 -29.41
CA ALA E 381 31.80 17.32 -29.01
C ALA E 381 31.83 18.30 -27.84
N GLY E 382 32.62 18.00 -26.82
CA GLY E 382 32.68 18.83 -25.63
C GLY E 382 31.71 18.42 -24.53
N ILE E 383 30.69 17.63 -24.87
CA ILE E 383 29.72 17.12 -23.91
C ILE E 383 30.14 15.69 -23.64
N ASN E 384 30.24 15.30 -22.36
CA ASN E 384 30.71 13.96 -22.04
C ASN E 384 29.48 13.06 -21.98
N GLN E 385 29.28 12.30 -23.04
CA GLN E 385 28.05 11.54 -23.18
C GLN E 385 28.35 10.05 -23.06
N VAL E 386 27.58 9.38 -22.22
CA VAL E 386 27.71 7.96 -21.96
C VAL E 386 26.42 7.25 -22.35
N GLN E 387 26.56 6.19 -23.14
CA GLN E 387 25.43 5.36 -23.56
C GLN E 387 25.42 4.19 -22.59
N MET E 388 24.23 3.85 -22.09
CA MET E 388 24.21 2.80 -21.09
C MET E 388 24.51 1.49 -21.77
N HIS E 389 25.18 0.64 -21.04
CA HIS E 389 25.56 -0.68 -21.50
C HIS E 389 25.34 -1.53 -20.27
N GLU E 390 24.07 -1.79 -20.05
CA GLU E 390 23.60 -2.48 -18.87
C GLU E 390 24.09 -3.90 -18.83
N ASP E 391 24.45 -4.44 -20.00
CA ASP E 391 24.96 -5.80 -20.07
C ASP E 391 26.29 -5.92 -19.33
N ILE E 392 27.05 -4.83 -19.24
CA ILE E 392 28.32 -4.80 -18.52
C ILE E 392 28.18 -4.04 -17.22
N GLY E 393 26.96 -3.70 -16.80
CA GLY E 393 26.72 -3.07 -15.53
C GLY E 393 26.55 -1.58 -15.65
N LEU E 394 26.60 -1.04 -16.87
CA LEU E 394 26.49 0.39 -17.09
C LEU E 394 25.04 0.74 -17.35
N ASN E 395 24.31 0.95 -16.27
CA ASN E 395 22.92 1.38 -16.27
C ASN E 395 22.91 2.82 -15.79
N PHE E 396 21.71 3.38 -15.69
CA PHE E 396 21.59 4.77 -15.28
C PHE E 396 22.21 4.98 -13.90
N ALA E 397 22.05 4.00 -13.01
CA ALA E 397 22.56 4.16 -11.65
C ALA E 397 24.08 4.15 -11.62
N ALA E 398 24.70 3.17 -12.28
CA ALA E 398 26.16 3.09 -12.31
C ALA E 398 26.77 4.28 -13.03
N ALA E 399 26.12 4.75 -14.10
CA ALA E 399 26.65 5.91 -14.80
C ALA E 399 26.52 7.18 -13.97
N LEU E 400 25.43 7.32 -13.22
CA LEU E 400 25.30 8.52 -12.39
C LEU E 400 26.35 8.49 -11.32
N ARG E 401 26.54 7.35 -10.66
CA ARG E 401 27.54 7.29 -9.62
C ARG E 401 28.92 7.56 -10.17
N SER E 402 29.19 7.14 -11.41
CA SER E 402 30.48 7.49 -11.98
C SER E 402 30.55 8.99 -12.23
N PHE E 403 29.47 9.58 -12.73
CA PHE E 403 29.45 11.02 -12.92
C PHE E 403 29.78 11.71 -11.60
N LEU E 404 29.17 11.23 -10.52
CA LEU E 404 29.42 11.78 -9.20
C LEU E 404 30.85 11.55 -8.77
N ARG E 405 31.52 10.55 -9.34
CA ARG E 405 32.93 10.36 -9.11
C ARG E 405 33.78 11.11 -10.13
N GLN E 406 33.14 11.86 -11.03
CA GLN E 406 33.81 12.59 -12.10
C GLN E 406 33.82 14.09 -11.86
N ASP E 407 33.44 14.55 -10.66
CA ASP E 407 33.37 15.97 -10.31
C ASP E 407 32.55 16.74 -11.34
N PRO E 408 31.22 16.48 -11.42
CA PRO E 408 30.40 17.14 -12.44
C PRO E 408 29.68 18.34 -11.85
N ASP E 409 29.11 19.20 -12.70
CA ASP E 409 28.21 20.26 -12.26
C ASP E 409 26.77 20.04 -12.68
N ILE E 410 26.53 19.62 -13.92
CA ILE E 410 25.19 19.35 -14.43
C ILE E 410 25.23 17.90 -14.91
N ILE E 411 24.22 17.12 -14.54
CA ILE E 411 24.14 15.70 -14.86
C ILE E 411 22.81 15.45 -15.56
N MET E 412 22.85 14.73 -16.68
CA MET E 412 21.65 14.35 -17.42
C MET E 412 21.54 12.84 -17.42
N ILE E 413 20.38 12.34 -16.99
CA ILE E 413 20.07 10.92 -16.96
C ILE E 413 18.97 10.64 -17.97
N GLY E 414 19.16 9.59 -18.76
CA GLY E 414 18.20 9.25 -19.79
C GLY E 414 16.82 8.99 -19.22
N GLU E 415 16.75 8.23 -18.12
CA GLU E 415 15.46 7.97 -17.50
C GLU E 415 15.64 7.56 -16.05
N ILE E 416 14.72 8.05 -15.24
CA ILE E 416 14.63 7.65 -13.85
C ILE E 416 13.60 6.53 -13.85
N ARG E 417 14.07 5.30 -13.66
CA ARG E 417 13.24 4.13 -13.90
C ARG E 417 12.71 3.46 -12.64
N ASP E 418 13.30 3.73 -11.47
CA ASP E 418 12.88 3.09 -10.23
C ASP E 418 13.23 4.02 -9.07
N PHE E 419 12.78 3.64 -7.87
CA PHE E 419 13.01 4.50 -6.72
C PHE E 419 14.50 4.55 -6.37
N GLU E 420 15.22 3.43 -6.52
CA GLU E 420 16.66 3.40 -6.20
C GLU E 420 17.45 4.36 -7.10
N THR E 421 17.16 4.34 -8.40
CA THR E 421 17.87 5.22 -9.32
C THR E 421 17.38 6.63 -9.12
N ALA E 422 16.09 6.77 -8.84
CA ALA E 422 15.56 8.09 -8.53
C ALA E 422 16.30 8.64 -7.33
N GLU E 423 16.54 7.79 -6.34
CA GLU E 423 17.28 8.18 -5.15
C GLU E 423 18.66 8.68 -5.53
N ILE E 424 19.36 7.93 -6.38
CA ILE E 424 20.71 8.34 -6.76
C ILE E 424 20.61 9.68 -7.49
N ALA E 425 19.58 9.83 -8.30
CA ALA E 425 19.36 11.06 -9.04
C ALA E 425 19.05 12.18 -8.08
N ILE E 426 18.31 11.87 -7.02
CA ILE E 426 17.98 12.84 -6.00
C ILE E 426 19.24 13.30 -5.30
N LYS E 427 20.10 12.37 -4.91
CA LYS E 427 21.31 12.77 -4.21
C LYS E 427 22.20 13.59 -5.13
N ALA E 428 22.24 13.23 -6.42
CA ALA E 428 23.00 14.02 -7.36
C ALA E 428 22.43 15.43 -7.44
N ALA E 429 21.10 15.54 -7.41
CA ALA E 429 20.48 16.86 -7.41
C ALA E 429 20.70 17.60 -6.10
N LEU E 430 20.95 16.89 -5.02
CA LEU E 430 21.19 17.42 -3.69
C LEU E 430 22.64 17.74 -3.40
N THR E 431 23.56 17.34 -4.28
CA THR E 431 25.00 17.51 -4.08
C THR E 431 25.55 18.43 -5.15
N GLY E 432 24.75 19.45 -5.50
CA GLY E 432 25.20 20.51 -6.36
C GLY E 432 25.04 20.28 -7.84
N HIS E 433 24.17 19.36 -8.26
CA HIS E 433 23.96 19.11 -9.68
C HIS E 433 22.52 19.39 -10.08
N LEU E 434 22.39 19.88 -11.31
CA LEU E 434 21.10 20.01 -11.96
C LEU E 434 20.90 18.71 -12.69
N VAL E 435 19.76 18.07 -12.46
CA VAL E 435 19.49 16.77 -13.02
C VAL E 435 18.27 16.91 -13.90
N LEU E 436 18.42 16.46 -15.14
CA LEU E 436 17.39 16.46 -16.15
C LEU E 436 17.16 15.03 -16.61
N SER E 437 15.93 14.55 -16.52
CA SER E 437 15.60 13.20 -16.90
C SER E 437 14.21 13.19 -17.51
N THR E 438 13.78 11.99 -17.88
CA THR E 438 12.52 11.81 -18.55
C THR E 438 11.66 10.73 -17.91
N LEU E 439 10.35 10.90 -18.10
CA LEU E 439 9.37 9.88 -17.82
C LEU E 439 8.45 9.83 -19.04
N HIS E 440 7.69 8.75 -19.15
CA HIS E 440 6.60 8.67 -20.13
C HIS E 440 5.26 8.68 -19.38
N THR E 441 4.55 9.81 -19.41
CA THR E 441 3.25 9.93 -18.75
C THR E 441 2.28 10.67 -19.66
N ASN E 442 1.00 10.65 -19.26
CA ASN E 442 -0.02 11.32 -20.04
C ASN E 442 0.19 12.82 -20.00
N ASP E 443 0.45 13.35 -18.82
CA ASP E 443 0.69 14.77 -18.67
C ASP E 443 1.58 15.01 -17.46
N ALA E 444 1.81 16.28 -17.13
CA ALA E 444 2.66 16.66 -16.00
C ALA E 444 2.15 16.22 -14.63
N PRO E 445 0.88 16.42 -14.27
CA PRO E 445 0.47 16.00 -12.92
C PRO E 445 0.54 14.52 -12.64
N ALA E 446 0.29 13.65 -13.62
CA ALA E 446 0.37 12.23 -13.30
C ALA E 446 1.77 11.76 -13.02
N THR E 447 2.77 12.50 -13.50
CA THR E 447 4.14 12.11 -13.22
C THR E 447 4.38 12.15 -11.72
N ILE E 448 3.68 13.05 -11.01
CA ILE E 448 3.85 13.10 -9.56
C ILE E 448 3.37 11.83 -8.93
N ASN E 449 2.20 11.41 -9.38
CA ASN E 449 1.60 10.22 -8.81
C ASN E 449 2.45 9.01 -9.12
N ARG E 450 3.09 8.97 -10.30
CA ARG E 450 3.93 7.82 -10.58
C ARG E 450 5.02 7.70 -9.55
N LEU E 451 5.72 8.80 -9.30
CA LEU E 451 6.76 8.78 -8.27
C LEU E 451 6.15 8.52 -6.91
N LEU E 452 4.95 9.04 -6.68
CA LEU E 452 4.29 8.74 -5.42
C LEU E 452 4.01 7.25 -5.39
N ASN E 453 3.48 6.74 -6.49
CA ASN E 453 3.22 5.32 -6.59
C ASN E 453 4.52 4.53 -6.59
N MET E 454 5.61 5.14 -7.07
CA MET E 454 6.90 4.46 -7.03
C MET E 454 7.41 4.30 -5.61
N GLY E 455 7.01 5.17 -4.71
CA GLY E 455 7.39 5.09 -3.32
C GLY E 455 8.17 6.31 -2.88
N VAL E 456 8.26 7.31 -3.73
CA VAL E 456 8.97 8.53 -3.36
C VAL E 456 8.08 9.35 -2.45
N GLU E 457 8.67 9.89 -1.41
CA GLU E 457 7.90 10.69 -0.49
C GLU E 457 7.41 11.95 -1.21
N PRO E 458 6.17 12.38 -0.99
CA PRO E 458 5.69 13.59 -1.66
C PRO E 458 6.56 14.78 -1.34
N PHE E 459 7.05 14.79 -0.12
CA PHE E 459 7.89 15.88 0.37
C PHE E 459 9.20 15.91 -0.41
N LEU E 460 9.74 14.75 -0.73
CA LEU E 460 10.97 14.73 -1.52
C LEU E 460 10.70 15.20 -2.93
N VAL E 461 9.54 14.85 -3.44
CA VAL E 461 9.10 15.33 -4.75
C VAL E 461 9.00 16.84 -4.73
N ALA E 462 8.41 17.39 -3.66
CA ALA E 462 8.25 18.82 -3.54
C ALA E 462 9.59 19.52 -3.41
N SER E 463 10.59 18.81 -2.92
CA SER E 463 11.87 19.46 -2.68
C SER E 463 12.80 19.37 -3.87
N ALA E 464 12.75 18.29 -4.63
CA ALA E 464 13.75 18.09 -5.66
C ALA E 464 13.33 18.59 -7.03
N VAL E 465 12.04 18.58 -7.35
CA VAL E 465 11.57 18.90 -8.70
C VAL E 465 11.28 20.38 -8.79
N ASN E 466 11.95 21.04 -9.73
CA ASN E 466 11.70 22.45 -9.98
C ASN E 466 10.51 22.63 -10.91
N LEU E 467 10.35 21.75 -11.90
CA LEU E 467 9.37 21.95 -12.95
C LEU E 467 9.17 20.67 -13.74
N ILE E 468 7.93 20.48 -14.19
CA ILE E 468 7.55 19.32 -14.98
C ILE E 468 6.80 19.81 -16.20
N THR E 469 7.24 19.40 -17.37
CA THR E 469 6.51 19.66 -18.61
C THR E 469 5.88 18.37 -19.08
N ALA E 470 4.80 18.52 -19.82
CA ALA E 470 4.15 17.46 -20.56
C ALA E 470 3.96 17.93 -21.97
N GLN E 471 4.16 17.02 -22.93
CA GLN E 471 4.05 17.45 -24.30
C GLN E 471 3.55 16.34 -25.20
N ARG E 472 3.15 16.76 -26.39
CA ARG E 472 2.70 15.89 -27.45
C ARG E 472 3.30 16.36 -28.76
N LEU E 473 3.44 15.46 -29.72
CA LEU E 473 3.50 15.83 -31.14
C LEU E 473 2.22 15.44 -31.84
N ALA E 474 1.53 16.44 -32.36
CA ALA E 474 0.38 16.24 -33.23
C ALA E 474 0.79 16.65 -34.62
N ARG E 475 0.18 16.06 -35.63
CA ARG E 475 0.55 16.45 -36.97
C ARG E 475 -0.09 17.81 -37.28
N ARG E 476 0.71 18.61 -37.97
CA ARG E 476 0.45 19.98 -38.35
C ARG E 476 -0.34 20.00 -39.65
N VAL E 477 -1.37 20.85 -39.75
CA VAL E 477 -2.20 20.85 -40.94
C VAL E 477 -1.37 21.22 -42.15
N CYS E 478 -1.55 20.42 -43.18
CA CYS E 478 -0.87 20.57 -44.44
C CYS E 478 -1.19 21.87 -45.10
N SER E 479 -0.14 22.57 -45.50
CA SER E 479 -0.32 23.87 -46.10
C SER E 479 -0.87 23.74 -47.50
N GLU E 480 -0.74 22.56 -48.11
CA GLU E 480 -1.15 22.44 -49.49
C GLU E 480 -2.64 22.17 -49.58
N CYS E 481 -3.17 21.39 -48.65
CA CYS E 481 -4.58 21.06 -48.65
C CYS E 481 -5.32 21.67 -47.46
N LYS E 482 -4.74 22.68 -46.81
CA LYS E 482 -5.39 23.28 -45.66
C LYS E 482 -6.55 24.16 -46.07
N GLN E 483 -7.67 23.97 -45.40
CA GLN E 483 -8.87 24.76 -45.61
C GLN E 483 -9.39 25.15 -44.25
N PRO E 484 -10.08 26.28 -44.13
CA PRO E 484 -10.74 26.59 -42.85
C PRO E 484 -11.82 25.57 -42.58
N GLU E 485 -12.04 25.27 -41.30
CA GLU E 485 -13.06 24.32 -40.90
C GLU E 485 -14.03 24.99 -39.93
N GLU E 486 -15.32 24.82 -40.20
CA GLU E 486 -16.39 25.47 -39.44
C GLU E 486 -16.74 24.66 -38.18
N ILE E 487 -15.95 24.85 -37.13
CA ILE E 487 -16.27 24.28 -35.83
C ILE E 487 -17.12 25.17 -34.93
N PRO E 488 -18.24 24.69 -34.38
CA PRO E 488 -19.04 25.53 -33.49
C PRO E 488 -18.23 25.88 -32.25
N ILE E 489 -18.44 27.09 -31.73
CA ILE E 489 -17.71 27.57 -30.56
C ILE E 489 -17.93 26.64 -29.37
N GLN E 490 -19.14 26.09 -29.23
CA GLN E 490 -19.44 25.24 -28.08
C GLN E 490 -18.59 23.96 -28.07
N ALA E 491 -18.31 23.36 -29.22
CA ALA E 491 -17.45 22.18 -29.20
C ALA E 491 -16.05 22.50 -28.69
N LEU E 492 -15.52 23.67 -29.05
CA LEU E 492 -14.23 24.06 -28.51
C LEU E 492 -14.32 24.29 -27.00
N ILE E 493 -15.39 24.93 -26.53
CA ILE E 493 -15.51 25.20 -25.10
C ILE E 493 -15.63 23.90 -24.33
N ASP E 494 -16.41 22.96 -24.85
CA ASP E 494 -16.57 21.66 -24.22
C ASP E 494 -15.27 20.87 -24.23
N ALA E 495 -14.48 21.02 -25.29
CA ALA E 495 -13.22 20.30 -25.40
C ALA E 495 -12.09 20.76 -24.48
N GLY E 496 -12.11 21.98 -23.93
CA GLY E 496 -11.03 22.35 -23.01
C GLY E 496 -10.33 23.66 -23.29
N VAL E 497 -10.78 24.41 -24.30
CA VAL E 497 -10.16 25.68 -24.66
C VAL E 497 -10.38 26.76 -23.62
N SER E 498 -9.31 27.51 -23.36
CA SER E 498 -9.40 28.64 -22.48
C SER E 498 -10.41 29.60 -23.12
N PRO E 499 -11.36 30.15 -22.36
CA PRO E 499 -12.28 31.14 -22.94
C PRO E 499 -11.65 32.33 -23.64
N ASP E 500 -10.57 32.87 -23.09
CA ASP E 500 -9.88 33.97 -23.77
C ASP E 500 -9.39 33.60 -25.15
N GLU E 501 -9.02 32.35 -25.37
CA GLU E 501 -8.53 32.00 -26.69
C GLU E 501 -9.65 31.76 -27.69
N ALA E 502 -10.88 31.53 -27.21
CA ALA E 502 -11.87 30.91 -28.06
C ALA E 502 -12.49 31.71 -29.18
N PRO E 503 -12.79 32.99 -28.97
CA PRO E 503 -13.30 33.83 -30.07
C PRO E 503 -12.37 33.92 -31.28
N SER E 504 -11.08 33.76 -31.03
CA SER E 504 -10.01 33.99 -31.98
C SER E 504 -9.79 32.88 -33.01
N TYR E 505 -10.07 31.63 -32.64
CA TYR E 505 -9.62 30.48 -33.41
C TYR E 505 -10.13 30.39 -34.84
N VAL E 506 -9.20 30.05 -35.74
CA VAL E 506 -9.49 29.77 -37.14
C VAL E 506 -8.93 28.37 -37.32
N CYS E 507 -9.79 27.36 -37.25
CA CYS E 507 -9.30 26.01 -37.44
C CYS E 507 -9.09 25.67 -38.90
N TYR E 508 -7.95 25.05 -39.19
CA TYR E 508 -7.61 24.61 -40.53
C TYR E 508 -7.54 23.10 -40.52
N LYS E 509 -7.72 22.54 -41.70
CA LYS E 509 -7.58 21.12 -41.84
C LYS E 509 -7.15 20.84 -43.26
N GLY E 510 -6.46 19.73 -43.43
CA GLY E 510 -5.95 19.34 -44.71
C GLY E 510 -6.91 18.38 -45.38
N THR E 511 -7.25 18.69 -46.61
CA THR E 511 -8.13 17.80 -47.32
C THR E 511 -7.37 16.56 -47.79
N GLY E 512 -6.03 16.60 -47.76
CA GLY E 512 -5.17 15.52 -48.16
C GLY E 512 -4.49 15.52 -49.52
N CYS E 513 -3.18 15.24 -49.46
CA CYS E 513 -2.34 15.17 -50.63
C CYS E 513 -1.12 14.30 -50.29
N VAL E 514 -0.15 14.24 -51.21
CA VAL E 514 1.05 13.42 -51.01
C VAL E 514 1.95 14.04 -49.95
N LYS E 515 1.91 15.37 -49.80
CA LYS E 515 2.80 16.06 -48.88
C LYS E 515 2.37 15.81 -47.46
N CYS E 516 1.19 15.25 -47.27
CA CYS E 516 0.61 14.98 -45.97
C CYS E 516 0.23 13.52 -45.87
N ASN E 517 0.75 12.68 -46.79
CA ASN E 517 0.42 11.27 -46.83
C ASN E 517 -1.08 11.08 -46.88
N ASN E 518 -1.75 11.97 -47.62
CA ASN E 518 -3.18 11.92 -47.85
C ASN E 518 -3.95 12.09 -46.55
N THR E 519 -3.27 12.53 -45.50
CA THR E 519 -3.78 12.70 -44.16
C THR E 519 -4.30 14.09 -43.88
N GLY E 520 -4.02 15.05 -44.76
CA GLY E 520 -4.38 16.41 -44.44
C GLY E 520 -3.49 17.09 -43.43
N TYR E 521 -2.41 16.45 -42.99
CA TYR E 521 -1.50 17.09 -42.06
C TYR E 521 -0.09 16.90 -42.65
N LYS E 522 0.79 17.84 -42.34
CA LYS E 522 2.18 17.82 -42.82
C LYS E 522 3.08 18.54 -41.83
N GLY E 523 4.08 17.82 -41.35
CA GLY E 523 4.91 18.33 -40.29
C GLY E 523 4.15 18.17 -39.02
N ARG E 524 4.76 18.61 -37.93
CA ARG E 524 4.14 18.43 -36.64
C ARG E 524 4.26 19.68 -35.80
N VAL E 525 3.44 19.69 -34.76
CA VAL E 525 3.34 20.80 -33.84
C VAL E 525 3.30 20.22 -32.44
N GLY E 526 3.97 20.89 -31.50
CA GLY E 526 4.03 20.38 -30.14
C GLY E 526 2.90 20.98 -29.33
N PHE E 527 2.24 20.15 -28.53
CA PHE E 527 1.27 20.63 -27.55
C PHE E 527 1.81 20.53 -26.12
N TYR E 528 1.96 21.66 -25.41
CA TYR E 528 2.62 21.73 -24.09
C TYR E 528 1.75 22.10 -22.89
N GLN E 529 2.03 21.43 -21.77
CA GLN E 529 1.60 21.87 -20.45
C GLN E 529 2.86 21.97 -19.60
N VAL E 530 3.20 23.17 -19.17
CA VAL E 530 4.44 23.43 -18.42
C VAL E 530 4.08 23.90 -17.01
N MET E 531 4.39 23.07 -16.01
CA MET E 531 4.03 23.31 -14.62
C MET E 531 5.26 23.50 -13.76
N PRO E 532 5.66 24.71 -13.41
CA PRO E 532 6.74 24.81 -12.43
C PRO E 532 6.30 24.45 -11.02
N MET E 533 7.26 23.88 -10.28
CA MET E 533 7.10 23.50 -8.87
C MET E 533 7.32 24.76 -8.04
N LEU E 534 6.35 25.64 -8.02
CA LEU E 534 6.56 26.85 -7.24
C LEU E 534 6.57 26.53 -5.74
N GLU E 535 7.15 27.44 -4.96
CA GLU E 535 7.35 27.19 -3.53
C GLU E 535 6.03 26.99 -2.79
N GLU E 536 5.03 27.78 -3.13
CA GLU E 536 3.72 27.61 -2.50
C GLU E 536 3.17 26.23 -2.83
N ILE E 537 3.39 25.80 -4.08
CA ILE E 537 2.96 24.49 -4.53
C ILE E 537 3.75 23.41 -3.80
N ARG E 538 5.05 23.64 -3.63
CA ARG E 538 5.86 22.70 -2.88
C ARG E 538 5.35 22.57 -1.46
N GLU E 539 4.97 23.71 -0.87
CA GLU E 539 4.43 23.71 0.48
C GLU E 539 3.11 22.96 0.54
N LEU E 540 2.32 23.08 -0.51
CA LEU E 540 1.08 22.32 -0.56
C LEU E 540 1.38 20.84 -0.60
N ILE E 541 2.47 20.44 -1.27
CA ILE E 541 2.81 19.02 -1.29
C ILE E 541 3.17 18.60 0.11
N LEU E 542 3.88 19.47 0.84
CA LEU E 542 4.23 19.18 2.21
C LEU E 542 2.99 19.14 3.09
N ASN E 543 1.87 19.65 2.57
CA ASN E 543 0.58 19.66 3.20
C ASN E 543 -0.29 18.56 2.58
N GLY E 544 0.31 17.68 1.78
CA GLY E 544 -0.30 16.51 1.17
C GLY E 544 -1.30 16.68 0.05
N ALA E 545 -1.12 17.66 -0.83
CA ALA E 545 -2.05 17.79 -1.94
C ALA E 545 -1.83 16.66 -2.95
N ASN E 546 -2.92 16.18 -3.54
CA ASN E 546 -2.87 15.12 -4.53
C ASN E 546 -2.56 15.67 -5.92
N THR E 547 -2.47 14.74 -6.87
CA THR E 547 -2.17 15.09 -8.25
C THR E 547 -3.28 15.93 -8.86
N ALA E 548 -4.52 15.65 -8.49
CA ALA E 548 -5.64 16.39 -9.03
C ALA E 548 -5.51 17.85 -8.62
N GLU E 549 -5.09 18.05 -7.38
CA GLU E 549 -4.87 19.38 -6.86
C GLU E 549 -3.72 20.02 -7.59
N ILE E 550 -2.69 19.23 -7.89
CA ILE E 550 -1.55 19.75 -8.63
C ILE E 550 -1.97 20.23 -10.01
N LYS E 551 -2.85 19.48 -10.67
CA LYS E 551 -3.35 19.91 -11.97
C LYS E 551 -4.20 21.17 -11.85
N ARG E 552 -5.08 21.20 -10.86
CA ARG E 552 -5.94 22.36 -10.64
C ARG E 552 -5.11 23.58 -10.34
N GLU E 553 -4.06 23.40 -9.57
CA GLU E 553 -3.19 24.52 -9.23
C GLU E 553 -2.45 25.02 -10.45
N SER E 554 -1.91 24.11 -11.27
CA SER E 554 -1.20 24.55 -12.46
C SER E 554 -2.10 25.32 -13.41
N MET E 555 -3.34 24.86 -13.58
CA MET E 555 -4.26 25.64 -14.41
C MET E 555 -4.55 26.96 -13.74
N ARG E 556 -4.68 26.93 -12.42
CA ARG E 556 -4.86 28.13 -11.62
C ARG E 556 -3.66 29.04 -11.76
N LEU E 557 -2.47 28.48 -11.96
CA LEU E 557 -1.30 29.30 -12.15
C LEU E 557 -1.18 29.86 -13.55
N GLY E 558 -2.16 29.61 -14.42
CA GLY E 558 -2.11 30.20 -15.73
C GLY E 558 -1.37 29.30 -16.69
N ILE E 559 -1.26 28.01 -16.39
CA ILE E 559 -0.54 27.07 -17.21
C ILE E 559 -1.50 26.46 -18.21
N LYS E 560 -1.29 26.74 -19.49
CA LYS E 560 -2.18 26.18 -20.48
C LYS E 560 -1.85 24.71 -20.49
N THR E 561 -2.88 23.91 -20.55
CA THR E 561 -2.66 22.50 -20.63
C THR E 561 -2.27 22.15 -22.05
N MET E 562 -1.93 20.89 -22.23
CA MET E 562 -1.59 20.45 -23.56
C MET E 562 -2.83 20.50 -24.42
N ARG E 563 -3.99 20.23 -23.83
CA ARG E 563 -5.22 20.41 -24.59
C ARG E 563 -5.38 21.87 -24.98
N GLN E 564 -5.19 22.77 -24.02
CA GLN E 564 -5.25 24.20 -24.32
C GLN E 564 -4.14 24.63 -25.25
N SER E 565 -2.94 24.08 -25.08
CA SER E 565 -1.87 24.40 -26.01
C SER E 565 -2.16 23.91 -27.41
N GLY E 566 -2.77 22.73 -27.54
CA GLY E 566 -3.15 22.27 -28.86
C GLY E 566 -4.24 23.11 -29.43
N LEU E 567 -5.12 23.60 -28.58
CA LEU E 567 -6.15 24.51 -29.02
C LEU E 567 -5.50 25.82 -29.43
N THR E 568 -4.46 26.23 -28.72
CA THR E 568 -3.70 27.40 -29.13
C THR E 568 -3.10 27.18 -30.52
N LYS E 569 -2.62 25.97 -30.78
CA LYS E 569 -2.12 25.67 -32.11
C LYS E 569 -3.25 25.66 -33.12
N LEU E 570 -4.42 25.21 -32.70
CA LEU E 570 -5.62 25.27 -33.53
C LEU E 570 -5.94 26.72 -33.82
N LYS E 571 -5.71 27.59 -32.84
CA LYS E 571 -5.89 29.02 -33.00
C LYS E 571 -4.90 29.53 -34.02
N GLU E 572 -3.68 28.99 -33.97
CA GLU E 572 -2.67 29.35 -34.95
C GLU E 572 -2.98 28.81 -36.32
N GLY E 573 -3.93 27.88 -36.43
CA GLY E 573 -4.29 27.37 -37.73
C GLY E 573 -3.27 26.37 -38.22
N VAL E 574 -2.43 25.83 -37.31
CA VAL E 574 -1.43 24.84 -37.69
C VAL E 574 -1.91 23.42 -37.44
N THR E 575 -2.94 23.25 -36.62
CA THR E 575 -3.52 21.95 -36.35
C THR E 575 -5.02 22.09 -36.39
N SER E 576 -5.70 20.96 -36.43
CA SER E 576 -7.15 20.93 -36.53
C SER E 576 -7.72 20.59 -35.15
N PHE E 577 -9.00 20.85 -34.97
CA PHE E 577 -9.60 20.59 -33.67
C PHE E 577 -9.61 19.11 -33.38
N GLU E 578 -9.84 18.33 -34.42
CA GLU E 578 -9.86 16.90 -34.25
C GLU E 578 -8.46 16.41 -33.93
N GLU E 579 -7.42 17.11 -34.42
CA GLU E 579 -6.06 16.73 -34.09
C GLU E 579 -5.73 17.02 -32.64
N VAL E 580 -6.25 18.15 -32.14
CA VAL E 580 -6.05 18.50 -30.74
C VAL E 580 -6.66 17.41 -29.87
N LEU E 581 -7.91 17.06 -30.14
CA LEU E 581 -8.54 16.02 -29.33
C LEU E 581 -7.95 14.65 -29.61
N ARG E 582 -7.27 14.51 -30.73
CA ARG E 582 -6.76 13.22 -31.16
C ARG E 582 -5.51 12.85 -30.40
N VAL E 583 -4.61 13.80 -30.17
CA VAL E 583 -3.30 13.50 -29.59
C VAL E 583 -3.18 13.99 -28.14
N THR E 584 -4.17 14.73 -27.66
CA THR E 584 -4.26 15.28 -26.32
C THR E 584 -5.56 14.80 -25.70
N VAL E 585 -5.66 14.89 -24.38
CA VAL E 585 -6.89 14.54 -23.70
C VAL E 585 -7.46 15.82 -23.12
N ALA E 586 -8.74 15.76 -22.82
CA ALA E 586 -9.45 16.95 -22.36
C ALA E 586 -9.15 17.31 -20.92
N ASP E 587 -9.11 18.61 -20.68
CA ASP E 587 -8.90 19.18 -19.36
C ASP E 587 -10.18 19.16 -18.53
N ASP E 588 -11.33 19.02 -19.17
CA ASP E 588 -12.62 19.23 -18.52
C ASP E 588 -13.15 17.92 -17.95
N PRO F 202 55.59 12.65 -26.43
CA PRO F 202 54.59 13.73 -26.51
C PRO F 202 53.35 13.51 -25.65
N VAL F 203 52.88 12.29 -25.44
CA VAL F 203 51.71 12.16 -24.58
C VAL F 203 52.08 12.24 -23.10
N VAL F 204 53.18 11.62 -22.66
CA VAL F 204 53.60 11.76 -21.26
C VAL F 204 53.92 13.22 -20.92
N LYS F 205 54.63 13.92 -21.80
CA LYS F 205 54.94 15.33 -21.55
C LYS F 205 53.68 16.15 -21.54
N LEU F 206 52.77 15.86 -22.45
CA LEU F 206 51.54 16.60 -22.52
C LEU F 206 50.73 16.34 -21.26
N VAL F 207 50.71 15.10 -20.78
CA VAL F 207 49.97 14.76 -19.57
C VAL F 207 50.57 15.51 -18.40
N ASN F 208 51.89 15.58 -18.36
CA ASN F 208 52.53 16.34 -17.32
C ASN F 208 52.16 17.81 -17.43
N LEU F 209 52.03 18.31 -18.65
CA LEU F 209 51.61 19.70 -18.78
C LEU F 209 50.19 19.87 -18.30
N ILE F 210 49.37 18.85 -18.51
CA ILE F 210 47.99 18.87 -18.04
C ILE F 210 47.93 18.91 -16.53
N LEU F 211 48.83 18.19 -15.86
CA LEU F 211 48.77 18.16 -14.40
C LEU F 211 49.47 19.36 -13.77
N THR F 212 50.52 19.86 -14.42
CA THR F 212 51.35 20.93 -13.89
C THR F 212 50.80 22.31 -14.18
N ASP F 213 50.21 22.53 -15.35
CA ASP F 213 49.63 23.85 -15.60
C ASP F 213 48.47 24.08 -14.66
N ALA F 214 47.82 23.01 -14.21
CA ALA F 214 46.79 23.18 -13.20
C ALA F 214 47.41 23.69 -11.92
N ILE F 215 48.64 23.29 -11.64
CA ILE F 215 49.32 23.77 -10.46
C ILE F 215 49.69 25.23 -10.69
N LYS F 216 50.19 25.54 -11.88
CA LYS F 216 50.58 26.90 -12.16
C LYS F 216 49.34 27.77 -12.32
N ARG F 217 48.26 27.19 -12.83
CA ARG F 217 46.98 27.88 -12.91
C ARG F 217 46.19 27.80 -11.62
N LYS F 218 46.65 27.03 -10.63
CA LYS F 218 45.94 26.89 -9.36
C LYS F 218 44.54 26.36 -9.60
N ALA F 219 44.46 25.28 -10.39
CA ALA F 219 43.19 24.62 -10.65
C ALA F 219 42.81 23.62 -9.56
N SER F 220 41.50 23.48 -9.37
CA SER F 220 40.94 22.55 -8.39
C SER F 220 40.71 21.17 -8.97
N ASP F 221 40.42 21.10 -10.27
CA ASP F 221 40.07 19.86 -10.93
C ASP F 221 40.65 19.90 -12.33
N ILE F 222 40.98 18.72 -12.85
CA ILE F 222 41.44 18.56 -14.22
C ILE F 222 40.51 17.57 -14.91
N HIS F 223 39.97 17.95 -16.06
CA HIS F 223 39.09 17.11 -16.85
C HIS F 223 39.77 16.83 -18.18
N ILE F 224 40.06 15.57 -18.46
CA ILE F 224 40.67 15.14 -19.72
C ILE F 224 39.61 14.36 -20.45
N GLU F 225 39.07 14.98 -21.49
CA GLU F 225 37.86 14.53 -22.11
C GLU F 225 38.12 14.20 -23.57
N PRO F 226 38.01 12.93 -23.98
CA PRO F 226 38.09 12.61 -25.40
C PRO F 226 36.71 12.66 -26.03
N TYR F 227 36.64 13.14 -27.27
CA TYR F 227 35.38 13.16 -28.00
C TYR F 227 35.55 12.59 -29.39
N GLU F 228 34.41 12.52 -30.08
CA GLU F 228 34.39 11.95 -31.42
C GLU F 228 35.28 12.79 -32.32
N ARG F 229 35.11 14.12 -32.22
CA ARG F 229 35.77 15.09 -33.09
C ARG F 229 36.65 16.05 -32.32
N SER F 230 36.92 15.79 -31.04
CA SER F 230 37.77 16.68 -30.28
C SER F 230 38.38 15.93 -29.11
N PHE F 231 39.23 16.63 -28.38
CA PHE F 231 39.95 16.10 -27.23
C PHE F 231 40.42 17.33 -26.47
N ARG F 232 40.03 17.45 -25.20
CA ARG F 232 40.32 18.68 -24.48
C ARG F 232 40.75 18.41 -23.05
N VAL F 233 41.41 19.41 -22.48
CA VAL F 233 41.76 19.45 -21.07
C VAL F 233 41.15 20.71 -20.48
N ARG F 234 40.44 20.57 -19.37
CA ARG F 234 39.79 21.69 -18.71
C ARG F 234 40.26 21.78 -17.26
N TYR F 235 40.57 22.99 -16.82
CA TYR F 235 40.85 23.27 -15.40
C TYR F 235 39.67 23.96 -14.73
N ARG F 236 39.39 23.59 -13.49
CA ARG F 236 38.45 24.32 -12.64
C ARG F 236 39.20 25.28 -11.70
N ILE F 237 39.00 26.59 -11.92
CA ILE F 237 39.64 27.65 -11.15
C ILE F 237 38.54 28.45 -10.46
N ASP F 238 38.51 28.40 -9.12
CA ASP F 238 37.53 29.09 -8.30
C ASP F 238 36.11 28.69 -8.66
N GLY F 239 35.93 27.42 -8.99
CA GLY F 239 34.61 26.90 -9.23
C GLY F 239 34.15 27.02 -10.67
N VAL F 240 34.95 27.65 -11.54
CA VAL F 240 34.56 27.85 -12.94
C VAL F 240 35.56 27.14 -13.83
N LEU F 241 35.06 26.43 -14.83
CA LEU F 241 35.88 25.70 -15.79
C LEU F 241 36.36 26.52 -16.99
N TYR F 242 37.61 26.29 -17.39
CA TYR F 242 38.23 26.92 -18.55
C TYR F 242 39.03 25.86 -19.30
N GLU F 243 38.94 25.91 -20.63
CA GLU F 243 39.74 25.06 -21.50
C GLU F 243 41.18 25.55 -21.52
N VAL F 244 42.13 24.69 -21.13
CA VAL F 244 43.54 25.08 -21.05
C VAL F 244 44.41 24.36 -22.07
N MET F 245 43.91 23.32 -22.73
CA MET F 245 44.71 22.53 -23.64
C MET F 245 43.72 21.73 -24.47
N LYS F 246 44.01 21.56 -25.76
CA LYS F 246 43.23 20.72 -26.65
C LYS F 246 44.26 19.76 -27.22
N PRO F 247 44.62 18.74 -26.46
CA PRO F 247 45.68 17.84 -26.89
C PRO F 247 45.26 17.02 -28.10
N PRO F 248 46.21 16.38 -28.78
CA PRO F 248 45.87 15.61 -29.98
C PRO F 248 44.91 14.46 -29.72
N LEU F 249 43.90 14.37 -30.59
CA LEU F 249 42.86 13.36 -30.47
C LEU F 249 43.39 11.95 -30.62
N LYS F 250 44.55 11.74 -31.23
CA LYS F 250 45.08 10.39 -31.27
C LYS F 250 45.41 9.94 -29.86
N LEU F 251 45.79 10.89 -29.02
CA LEU F 251 46.10 10.66 -27.63
C LEU F 251 44.86 10.74 -26.76
N LYS F 252 43.67 10.77 -27.37
CA LYS F 252 42.45 10.95 -26.59
C LYS F 252 42.36 9.86 -25.54
N ASN F 253 42.45 8.62 -25.97
CA ASN F 253 42.42 7.52 -25.04
C ASN F 253 43.78 7.39 -24.35
N ALA F 254 44.85 7.82 -25.04
CA ALA F 254 46.19 7.63 -24.52
C ALA F 254 46.44 8.49 -23.30
N ILE F 255 45.96 9.72 -23.30
CA ILE F 255 46.19 10.55 -22.12
C ILE F 255 45.37 9.97 -20.98
N THR F 256 44.11 9.67 -21.26
CA THR F 256 43.26 9.18 -20.19
C THR F 256 43.67 7.79 -19.72
N SER F 257 44.17 6.97 -20.63
CA SER F 257 44.64 5.64 -20.26
C SER F 257 45.93 5.79 -19.46
N ARG F 258 46.71 6.82 -19.81
CA ARG F 258 47.96 7.10 -19.11
C ARG F 258 47.68 7.39 -17.66
N ILE F 259 46.60 8.12 -17.36
CA ILE F 259 46.33 8.44 -15.97
C ILE F 259 45.98 7.20 -15.17
N LYS F 260 45.33 6.21 -15.78
CA LYS F 260 45.11 4.95 -15.08
C LYS F 260 46.44 4.36 -14.66
N ILE F 261 47.40 4.39 -15.58
CA ILE F 261 48.72 3.85 -15.29
C ILE F 261 49.33 4.66 -14.16
N MET F 262 49.08 5.98 -14.19
CA MET F 262 49.53 6.85 -13.13
C MET F 262 48.79 6.54 -11.83
N ALA F 263 47.54 6.10 -11.93
CA ALA F 263 46.69 5.76 -10.78
C ALA F 263 46.82 4.32 -10.31
N GLU F 264 47.71 3.52 -10.89
CA GLU F 264 47.86 2.12 -10.51
C GLU F 264 46.52 1.39 -10.71
N LEU F 265 45.83 1.77 -11.77
CA LEU F 265 44.54 1.22 -12.17
C LEU F 265 44.70 0.18 -13.26
N ASP F 266 43.59 -0.51 -13.56
CA ASP F 266 43.58 -1.65 -14.45
C ASP F 266 43.46 -1.17 -15.89
N ILE F 267 44.55 -1.32 -16.64
CA ILE F 267 44.60 -0.95 -18.05
C ILE F 267 43.83 -1.94 -18.94
N ALA F 268 43.71 -3.20 -18.53
CA ALA F 268 43.00 -4.17 -19.34
C ALA F 268 41.53 -3.82 -19.50
N GLU F 269 40.93 -3.17 -18.49
CA GLU F 269 39.53 -2.79 -18.56
C GLU F 269 39.47 -1.37 -19.11
N ARG F 270 38.75 -1.20 -20.22
CA ARG F 270 38.51 0.11 -20.81
C ARG F 270 37.04 0.33 -21.14
N ARG F 271 36.18 -0.58 -20.71
CA ARG F 271 34.75 -0.57 -20.95
C ARG F 271 33.92 -0.16 -19.74
N LEU F 272 34.52 -0.10 -18.56
CA LEU F 272 33.82 0.07 -17.30
C LEU F 272 34.37 1.27 -16.55
N PRO F 273 33.56 1.94 -15.73
CA PRO F 273 34.13 3.04 -14.95
C PRO F 273 35.08 2.46 -13.93
N GLN F 274 36.19 3.14 -13.74
CA GLN F 274 37.19 2.72 -12.77
C GLN F 274 37.58 3.92 -11.95
N ASP F 275 38.01 3.67 -10.72
CA ASP F 275 38.34 4.76 -9.81
C ASP F 275 39.57 4.35 -9.04
N GLY F 276 40.52 5.28 -8.94
CA GLY F 276 41.75 5.05 -8.24
C GLY F 276 42.36 6.32 -7.71
N ARG F 277 43.61 6.23 -7.27
CA ARG F 277 44.31 7.38 -6.73
C ARG F 277 45.74 7.43 -7.24
N ILE F 278 46.21 8.66 -7.35
CA ILE F 278 47.54 9.02 -7.83
C ILE F 278 48.21 9.86 -6.76
N LYS F 279 49.49 9.60 -6.51
CA LYS F 279 50.26 10.50 -5.67
C LYS F 279 51.37 11.03 -6.55
N ILE F 280 51.32 12.34 -6.78
CA ILE F 280 52.28 13.07 -7.57
C ILE F 280 53.01 14.01 -6.63
N LYS F 281 54.28 14.26 -6.92
CA LYS F 281 55.12 15.08 -6.07
C LYS F 281 55.56 16.30 -6.88
N LEU F 282 54.68 17.33 -6.89
CA LEU F 282 54.92 18.59 -7.59
C LEU F 282 54.75 19.80 -6.66
N GLY F 283 54.34 19.59 -5.42
CA GLY F 283 54.45 20.60 -4.39
C GLY F 283 53.13 20.99 -3.77
N GLY F 284 53.10 22.27 -3.37
CA GLY F 284 52.04 22.78 -2.52
C GLY F 284 52.47 22.74 -1.07
N GLY F 285 51.53 22.39 -0.18
CA GLY F 285 51.87 22.12 1.21
C GLY F 285 51.75 20.64 1.49
N GLN F 286 50.74 20.02 0.89
CA GLN F 286 50.59 18.57 0.84
C GLN F 286 50.99 18.09 -0.55
N ASP F 287 51.26 16.79 -0.65
CA ASP F 287 51.60 16.22 -1.94
C ASP F 287 50.47 16.42 -2.93
N MET F 288 50.83 16.50 -4.20
CA MET F 288 49.84 16.61 -5.26
C MET F 288 49.20 15.24 -5.43
N ASP F 289 48.37 14.87 -4.49
CA ASP F 289 47.59 13.66 -4.63
C ASP F 289 46.37 13.97 -5.47
N TYR F 290 45.99 13.03 -6.29
CA TYR F 290 44.82 13.12 -7.15
C TYR F 290 43.92 11.93 -6.96
N ARG F 291 42.63 12.20 -6.89
CA ARG F 291 41.67 11.10 -7.00
C ARG F 291 41.25 11.03 -8.44
N VAL F 292 41.33 9.84 -9.01
CA VAL F 292 41.18 9.61 -10.43
C VAL F 292 39.88 8.86 -10.65
N SER F 293 39.14 9.28 -11.67
CA SER F 293 37.91 8.64 -12.06
C SER F 293 37.92 8.50 -13.57
N VAL F 294 37.79 7.27 -14.02
CA VAL F 294 37.82 6.92 -15.43
C VAL F 294 36.39 6.57 -15.81
N LEU F 295 35.89 7.22 -16.86
CA LEU F 295 34.55 7.03 -17.35
C LEU F 295 34.61 6.62 -18.81
N PRO F 296 34.01 5.48 -19.20
CA PRO F 296 34.10 5.11 -20.62
C PRO F 296 32.98 5.79 -21.38
N THR F 297 33.25 6.96 -21.97
CA THR F 297 32.23 7.58 -22.77
C THR F 297 32.23 6.94 -24.15
N LEU F 298 31.31 7.40 -24.97
CA LEU F 298 31.11 6.80 -26.27
C LEU F 298 32.22 7.14 -27.25
N PHE F 299 33.13 8.03 -26.88
CA PHE F 299 34.21 8.44 -27.77
C PHE F 299 35.54 8.34 -27.07
N GLY F 300 35.68 7.39 -26.14
CA GLY F 300 36.93 7.22 -25.42
C GLY F 300 36.72 7.32 -23.92
N GLU F 301 37.82 7.28 -23.20
CA GLU F 301 37.76 7.33 -21.75
C GLU F 301 38.04 8.75 -21.31
N LYS F 302 37.13 9.34 -20.55
CA LYS F 302 37.37 10.62 -19.91
C LYS F 302 37.92 10.36 -18.51
N VAL F 303 38.99 11.06 -18.15
CA VAL F 303 39.58 10.91 -16.83
C VAL F 303 39.47 12.26 -16.13
N VAL F 304 39.01 12.21 -14.89
CA VAL F 304 38.95 13.39 -14.03
C VAL F 304 39.84 13.18 -12.83
N LEU F 305 40.67 14.16 -12.55
CA LEU F 305 41.60 14.15 -11.44
C LEU F 305 41.30 15.30 -10.50
N ARG F 306 41.09 14.97 -9.24
CA ARG F 306 40.78 15.92 -8.19
C ARG F 306 42.06 16.17 -7.39
N LEU F 307 42.50 17.42 -7.41
CA LEU F 307 43.69 17.90 -6.72
C LEU F 307 43.42 17.93 -5.23
N LEU F 308 44.33 17.33 -4.46
CA LEU F 308 44.18 17.20 -3.02
C LEU F 308 45.37 17.85 -2.31
N ASP F 309 45.06 18.86 -1.50
CA ASP F 309 46.08 19.60 -0.74
C ASP F 309 45.38 20.35 0.38
N LYS F 310 45.71 20.00 1.63
CA LYS F 310 45.20 20.77 2.77
C LYS F 310 45.58 22.22 2.68
N SER F 311 46.79 22.53 2.22
CA SER F 311 47.27 23.90 2.11
C SER F 311 46.53 24.71 1.05
N ASN F 312 45.68 24.07 0.24
CA ASN F 312 44.75 24.78 -0.62
C ASN F 312 43.65 25.47 0.18
N LEU F 313 43.57 25.21 1.49
CA LEU F 313 42.63 25.90 2.35
C LEU F 313 43.32 26.14 3.69
N GLN F 314 43.05 27.28 4.31
CA GLN F 314 43.65 27.61 5.59
C GLN F 314 42.93 26.85 6.70
N LEU F 315 43.69 26.28 7.62
CA LEU F 315 43.14 25.56 8.75
C LEU F 315 42.98 26.42 10.00
N ASP F 316 43.52 27.64 10.02
CA ASP F 316 43.29 28.56 11.12
C ASP F 316 41.86 29.10 11.08
N MET F 317 41.14 28.97 12.20
CA MET F 317 39.74 29.34 12.18
C MET F 317 39.51 30.83 11.94
N THR F 318 40.41 31.67 12.41
CA THR F 318 40.25 33.10 12.19
C THR F 318 40.57 33.52 10.77
N LYS F 319 41.02 32.58 9.94
CA LYS F 319 41.35 32.84 8.55
C LYS F 319 40.45 32.05 7.63
N LEU F 320 39.34 31.58 8.17
CA LEU F 320 38.36 30.87 7.39
C LEU F 320 37.32 31.84 6.87
N GLY F 321 37.37 33.09 7.33
CA GLY F 321 36.46 34.12 6.89
C GLY F 321 35.38 34.40 7.91
N TYR F 322 35.48 33.84 9.12
CA TYR F 322 34.47 34.14 10.11
C TYR F 322 34.59 35.57 10.59
N GLU F 323 33.44 36.24 10.73
CA GLU F 323 33.40 37.52 11.40
C GLU F 323 33.67 37.31 12.88
N PRO F 324 34.23 38.31 13.56
CA PRO F 324 34.70 38.06 14.94
C PRO F 324 33.60 37.59 15.88
N ASP F 325 32.39 38.15 15.79
CA ASP F 325 31.32 37.68 16.66
C ASP F 325 30.90 36.28 16.28
N ALA F 326 30.86 36.01 14.98
CA ALA F 326 30.53 34.67 14.53
C ALA F 326 31.62 33.68 14.89
N LEU F 327 32.87 34.08 14.74
CA LEU F 327 33.96 33.19 15.10
C LEU F 327 33.89 32.88 16.59
N HIS F 328 33.49 33.89 17.39
CA HIS F 328 33.37 33.72 18.83
C HIS F 328 32.27 32.75 19.19
N TYR F 329 31.16 32.84 18.47
CA TYR F 329 30.05 31.98 18.80
C TYR F 329 30.34 30.58 18.32
N PHE F 330 31.07 30.45 17.21
CA PHE F 330 31.43 29.13 16.73
C PHE F 330 32.38 28.45 17.71
N LYS F 331 33.37 29.19 18.20
CA LYS F 331 34.30 28.61 19.16
C LYS F 331 33.59 28.24 20.45
N GLU F 332 32.68 29.12 20.87
CA GLU F 332 31.90 28.86 22.07
C GLU F 332 31.08 27.61 21.85
N ALA F 333 30.63 27.42 20.62
CA ALA F 333 29.81 26.29 20.26
C ALA F 333 30.64 25.02 20.31
N ILE F 334 31.88 25.08 19.81
CA ILE F 334 32.66 23.85 19.77
C ILE F 334 33.19 23.50 21.13
N HIS F 335 33.15 24.42 22.09
CA HIS F 335 33.61 24.12 23.43
C HIS F 335 32.52 23.83 24.45
N LYS F 336 31.24 23.83 24.10
CA LYS F 336 30.28 23.30 25.04
C LYS F 336 30.39 21.78 25.13
N PRO F 337 30.13 21.20 26.30
CA PRO F 337 30.32 19.75 26.45
C PRO F 337 29.37 18.91 25.62
N PHE F 338 28.21 19.42 25.21
CA PHE F 338 27.28 18.58 24.45
C PHE F 338 26.35 19.46 23.65
N GLY F 339 25.63 18.81 22.76
CA GLY F 339 24.70 19.45 21.86
C GLY F 339 25.09 19.24 20.41
N MET F 340 24.25 19.76 19.53
CA MET F 340 24.45 19.59 18.10
C MET F 340 24.66 20.94 17.47
N VAL F 341 25.66 20.99 16.60
CA VAL F 341 25.95 22.14 15.76
C VAL F 341 26.03 21.68 14.31
N LEU F 342 25.25 22.30 13.43
CA LEU F 342 25.22 21.91 12.04
C LEU F 342 25.81 23.02 11.19
N VAL F 343 26.79 22.64 10.36
CA VAL F 343 27.43 23.51 9.38
C VAL F 343 26.99 23.10 7.99
N THR F 344 26.20 23.97 7.36
CA THR F 344 25.56 23.65 6.10
C THR F 344 26.28 24.42 4.99
N GLY F 345 26.25 23.85 3.80
CA GLY F 345 26.92 24.41 2.65
C GLY F 345 27.37 23.25 1.80
N PRO F 346 27.71 23.49 0.54
CA PRO F 346 28.20 22.38 -0.27
C PRO F 346 29.62 22.02 0.15
N THR F 347 30.05 20.86 -0.33
CA THR F 347 31.42 20.43 -0.07
C THR F 347 32.36 21.34 -0.85
N GLY F 348 33.47 21.69 -0.22
CA GLY F 348 34.37 22.66 -0.80
C GLY F 348 34.07 24.10 -0.47
N SER F 349 33.23 24.33 0.54
CA SER F 349 32.90 25.67 1.02
C SER F 349 33.62 25.91 2.34
N GLY F 350 34.67 25.12 2.58
CA GLY F 350 35.50 25.19 3.75
C GLY F 350 34.87 24.56 4.96
N LYS F 351 33.84 23.74 4.77
CA LYS F 351 33.18 23.15 5.91
C LYS F 351 34.08 22.16 6.66
N THR F 352 34.77 21.29 5.91
CA THR F 352 35.61 20.28 6.55
C THR F 352 36.79 20.90 7.28
N VAL F 353 37.34 21.97 6.73
CA VAL F 353 38.44 22.67 7.39
C VAL F 353 37.96 23.35 8.65
N SER F 354 36.76 23.93 8.62
CA SER F 354 36.19 24.52 9.83
C SER F 354 36.06 23.47 10.90
N LEU F 355 35.64 22.28 10.50
CA LEU F 355 35.51 21.16 11.42
C LEU F 355 36.86 20.74 11.95
N TYR F 356 37.83 20.57 11.04
CA TYR F 356 39.18 20.21 11.42
C TYR F 356 39.83 21.24 12.33
N SER F 357 39.53 22.51 12.10
CA SER F 357 40.02 23.57 12.98
C SER F 357 39.42 23.37 14.36
N ALA F 358 38.14 23.02 14.40
CA ALA F 358 37.49 22.76 15.67
C ALA F 358 38.12 21.54 16.33
N LEU F 359 38.40 20.52 15.53
CA LEU F 359 39.00 19.31 16.06
C LEU F 359 40.36 19.56 16.63
N GLY F 360 41.16 20.36 15.94
CA GLY F 360 42.44 20.75 16.46
C GLY F 360 42.28 21.52 17.74
N GLU F 361 41.19 22.30 17.85
CA GLU F 361 40.94 22.99 19.09
C GLU F 361 40.46 22.03 20.17
N LEU F 362 39.94 20.89 19.76
CA LEU F 362 39.42 19.91 20.69
C LEU F 362 40.33 18.70 20.77
N ASN F 363 41.39 18.66 19.95
CA ASN F 363 42.21 17.45 19.90
C ASN F 363 43.10 17.52 21.12
N LYS F 364 42.52 17.12 22.24
CA LYS F 364 43.23 16.97 23.49
C LYS F 364 43.30 15.50 23.85
N THR F 365 44.25 15.18 24.71
CA THR F 365 44.35 13.83 25.18
C THR F 365 43.27 13.51 26.19
N THR F 366 42.52 14.53 26.65
CA THR F 366 41.44 14.42 27.64
C THR F 366 40.09 14.03 27.07
N GLU F 367 39.89 14.08 25.76
CA GLU F 367 38.60 13.79 25.16
C GLU F 367 38.74 12.59 24.24
N ASN F 368 37.65 11.82 24.13
CA ASN F 368 37.58 10.75 23.13
C ASN F 368 36.80 11.38 22.00
N ILE F 369 37.46 11.51 20.86
CA ILE F 369 36.87 12.10 19.68
C ILE F 369 36.67 10.97 18.69
N SER F 370 35.46 10.84 18.18
CA SER F 370 35.15 9.80 17.20
C SER F 370 34.52 10.51 16.02
N THR F 371 34.95 10.16 14.81
CA THR F 371 34.39 10.80 13.63
C THR F 371 33.96 9.74 12.65
N ALA F 372 32.90 10.02 11.92
CA ALA F 372 32.47 9.17 10.83
C ALA F 372 32.44 10.05 9.60
N GLU F 373 33.32 9.76 8.69
CA GLU F 373 33.56 10.58 7.52
C GLU F 373 33.54 9.63 6.33
N ASP F 374 33.16 10.14 5.18
CA ASP F 374 33.08 9.32 3.98
C ASP F 374 33.65 10.15 2.85
N PRO F 375 35.00 10.23 2.73
CA PRO F 375 36.04 9.65 3.60
C PRO F 375 36.58 10.67 4.61
N VAL F 376 37.61 10.28 5.35
CA VAL F 376 38.36 11.18 6.23
C VAL F 376 39.34 11.98 5.38
N GLU F 377 39.17 13.30 5.37
CA GLU F 377 40.03 14.16 4.56
C GLU F 377 41.42 14.30 5.18
N PHE F 378 41.50 14.69 6.45
CA PHE F 378 42.76 14.82 7.16
C PHE F 378 42.65 14.01 8.44
N ASN F 379 43.79 13.47 8.86
CA ASN F 379 43.90 12.67 10.07
C ASN F 379 44.59 13.45 11.17
N PHE F 380 44.07 13.31 12.39
CA PHE F 380 44.61 14.03 13.54
C PHE F 380 44.94 13.02 14.62
N ALA F 381 46.14 13.10 15.17
CA ALA F 381 46.50 12.23 16.28
C ALA F 381 45.61 12.56 17.46
N GLY F 382 45.20 11.54 18.18
CA GLY F 382 44.31 11.70 19.29
C GLY F 382 42.84 11.72 18.91
N ILE F 383 42.54 11.93 17.63
CA ILE F 383 41.18 11.97 17.15
C ILE F 383 40.97 10.63 16.46
N ASN F 384 39.96 9.90 16.90
CA ASN F 384 39.68 8.59 16.35
C ASN F 384 38.78 8.75 15.15
N GLN F 385 39.35 8.57 13.97
CA GLN F 385 38.63 8.87 12.74
C GLN F 385 38.28 7.58 12.02
N VAL F 386 37.04 7.54 11.53
CA VAL F 386 36.48 6.41 10.83
C VAL F 386 36.04 6.82 9.44
N GLN F 387 36.51 6.11 8.44
CA GLN F 387 36.10 6.30 7.06
C GLN F 387 34.96 5.34 6.80
N MET F 388 33.88 5.81 6.20
CA MET F 388 32.75 4.90 6.03
C MET F 388 33.10 3.91 4.93
N HIS F 389 32.68 2.65 5.14
CA HIS F 389 32.94 1.56 4.22
C HIS F 389 31.67 0.70 4.13
N GLU F 390 30.66 1.21 3.43
CA GLU F 390 29.35 0.56 3.45
C GLU F 390 29.35 -0.82 2.81
N ASP F 391 30.35 -1.13 1.98
CA ASP F 391 30.44 -2.45 1.36
C ASP F 391 30.63 -3.55 2.39
N ILE F 392 31.20 -3.21 3.54
CA ILE F 392 31.44 -4.12 4.64
C ILE F 392 30.51 -3.84 5.81
N GLY F 393 29.48 -3.01 5.61
CA GLY F 393 28.49 -2.74 6.63
C GLY F 393 28.71 -1.45 7.39
N LEU F 394 29.75 -0.70 7.03
CA LEU F 394 30.09 0.55 7.71
C LEU F 394 29.45 1.74 7.02
N ASN F 395 28.17 1.97 7.32
CA ASN F 395 27.48 3.14 6.81
C ASN F 395 27.42 4.18 7.92
N PHE F 396 26.79 5.31 7.61
CA PHE F 396 26.74 6.41 8.56
C PHE F 396 25.96 6.02 9.82
N ALA F 397 24.86 5.28 9.67
CA ALA F 397 24.05 4.91 10.83
C ALA F 397 24.78 3.96 11.76
N ALA F 398 25.43 2.94 11.18
CA ALA F 398 26.16 1.96 11.95
C ALA F 398 27.33 2.59 12.68
N ALA F 399 27.98 3.57 12.04
CA ALA F 399 29.10 4.23 12.70
C ALA F 399 28.65 5.16 13.81
N LEU F 400 27.49 5.80 13.70
CA LEU F 400 27.05 6.62 14.83
C LEU F 400 26.75 5.75 16.04
N ARG F 401 25.94 4.72 15.82
CA ARG F 401 25.61 3.82 16.90
C ARG F 401 26.84 3.14 17.46
N SER F 402 27.84 2.91 16.61
CA SER F 402 29.07 2.33 17.10
C SER F 402 29.89 3.32 17.90
N PHE F 403 29.89 4.59 17.51
CA PHE F 403 30.60 5.57 18.31
C PHE F 403 29.96 5.60 19.68
N LEU F 404 28.64 5.49 19.69
CA LEU F 404 27.89 5.48 20.93
C LEU F 404 28.23 4.25 21.75
N ARG F 405 28.74 3.19 21.10
CA ARG F 405 29.19 2.03 21.86
C ARG F 405 30.68 2.12 22.15
N GLN F 406 31.34 3.20 21.71
CA GLN F 406 32.77 3.38 21.87
C GLN F 406 33.12 4.33 23.00
N ASP F 407 32.15 4.67 23.85
CA ASP F 407 32.34 5.64 24.92
C ASP F 407 32.87 6.95 24.35
N PRO F 408 32.06 7.65 23.56
CA PRO F 408 32.53 8.85 22.88
C PRO F 408 32.30 10.06 23.78
N ASP F 409 33.02 11.13 23.48
CA ASP F 409 32.79 12.44 24.07
C ASP F 409 32.36 13.46 23.05
N ILE F 410 33.02 13.49 21.90
CA ILE F 410 32.72 14.42 20.83
C ILE F 410 32.57 13.53 19.61
N ILE F 411 31.49 13.70 18.87
CA ILE F 411 31.16 12.85 17.74
C ILE F 411 30.97 13.67 16.45
N MET F 412 31.64 13.24 15.39
CA MET F 412 31.53 13.80 14.04
C MET F 412 30.93 12.80 13.07
N ILE F 413 29.89 13.24 12.37
CA ILE F 413 29.22 12.43 11.37
C ILE F 413 29.28 13.03 9.97
N GLY F 414 29.65 12.18 9.01
CA GLY F 414 29.81 12.62 7.63
C GLY F 414 28.53 13.16 7.00
N GLU F 415 27.42 12.44 7.18
CA GLU F 415 26.12 12.85 6.61
C GLU F 415 24.92 12.29 7.37
N ILE F 416 23.87 13.11 7.44
CA ILE F 416 22.57 12.78 8.03
C ILE F 416 21.63 12.27 6.94
N ARG F 417 21.31 10.97 6.95
CA ARG F 417 20.60 10.42 5.82
C ARG F 417 19.14 10.13 6.09
N ASP F 418 18.68 10.13 7.32
CA ASP F 418 17.28 9.82 7.56
C ASP F 418 16.85 10.32 8.93
N PHE F 419 15.58 10.10 9.22
CA PHE F 419 15.02 10.50 10.50
C PHE F 419 15.59 9.64 11.61
N GLU F 420 15.79 8.36 11.30
CA GLU F 420 16.28 7.40 12.28
C GLU F 420 17.66 7.80 12.77
N THR F 421 18.52 8.13 11.82
CA THR F 421 19.87 8.54 12.15
C THR F 421 19.81 9.90 12.80
N ALA F 422 18.89 10.75 12.34
CA ALA F 422 18.70 12.05 12.95
C ALA F 422 18.34 11.91 14.43
N GLU F 423 17.50 10.93 14.76
CA GLU F 423 17.10 10.70 16.15
C GLU F 423 18.27 10.21 16.99
N ILE F 424 19.05 9.28 16.44
CA ILE F 424 20.21 8.78 17.16
C ILE F 424 21.18 9.93 17.41
N ALA F 425 21.28 10.82 16.43
CA ALA F 425 22.17 11.96 16.53
C ALA F 425 21.67 12.92 17.60
N ILE F 426 20.38 13.20 17.59
CA ILE F 426 19.80 14.11 18.57
C ILE F 426 20.04 13.58 19.95
N LYS F 427 19.82 12.30 20.15
CA LYS F 427 19.97 11.80 21.50
C LYS F 427 21.43 11.68 21.88
N ALA F 428 22.33 11.56 20.89
CA ALA F 428 23.73 11.64 21.23
C ALA F 428 24.15 13.05 21.60
N ALA F 429 23.56 14.07 20.97
CA ALA F 429 23.87 15.43 21.38
C ALA F 429 23.22 15.77 22.71
N LEU F 430 22.16 15.05 23.07
CA LEU F 430 21.44 15.19 24.33
C LEU F 430 21.97 14.32 25.46
N THR F 431 22.78 13.31 25.15
CA THR F 431 23.23 12.35 26.16
C THR F 431 24.71 12.58 26.49
N GLY F 432 25.13 13.83 26.44
CA GLY F 432 26.44 14.23 26.89
C GLY F 432 27.54 14.20 25.86
N HIS F 433 27.20 14.23 24.58
CA HIS F 433 28.22 14.25 23.53
C HIS F 433 28.07 15.54 22.76
N LEU F 434 29.20 16.05 22.30
CA LEU F 434 29.19 17.18 21.40
C LEU F 434 29.13 16.57 20.02
N VAL F 435 28.11 16.94 19.25
CA VAL F 435 27.87 16.30 17.96
C VAL F 435 27.94 17.34 16.85
N LEU F 436 28.81 17.09 15.89
CA LEU F 436 28.97 17.90 14.69
C LEU F 436 28.65 17.10 13.45
N SER F 437 27.84 17.67 12.57
CA SER F 437 27.51 16.98 11.34
C SER F 437 27.04 18.01 10.33
N THR F 438 26.70 17.53 9.13
CA THR F 438 26.30 18.42 8.06
C THR F 438 25.08 17.91 7.29
N LEU F 439 24.39 18.88 6.70
CA LEU F 439 23.42 18.66 5.65
C LEU F 439 23.62 19.84 4.72
N HIS F 440 23.09 19.75 3.51
CA HIS F 440 23.10 20.87 2.58
C HIS F 440 21.67 21.40 2.51
N THR F 441 21.42 22.55 3.15
CA THR F 441 20.10 23.18 3.12
C THR F 441 20.29 24.62 2.71
N ASN F 442 19.17 25.30 2.40
CA ASN F 442 19.29 26.67 1.91
C ASN F 442 19.63 27.65 3.03
N ASP F 443 19.14 27.44 4.25
CA ASP F 443 19.52 28.30 5.34
C ASP F 443 19.20 27.62 6.67
N ALA F 444 19.49 28.34 7.77
CA ALA F 444 19.19 27.79 9.09
C ALA F 444 17.70 27.68 9.36
N PRO F 445 16.87 28.71 9.09
CA PRO F 445 15.44 28.52 9.37
C PRO F 445 14.83 27.42 8.55
N ALA F 446 15.25 27.23 7.30
CA ALA F 446 14.62 26.14 6.62
C ALA F 446 15.20 24.83 7.06
N THR F 447 16.40 24.82 7.63
CA THR F 447 16.89 23.58 8.18
C THR F 447 16.09 23.21 9.40
N ILE F 448 15.63 24.24 10.11
CA ILE F 448 14.75 24.02 11.24
C ILE F 448 13.46 23.42 10.79
N ASN F 449 12.83 24.05 9.81
CA ASN F 449 11.58 23.55 9.32
C ASN F 449 11.76 22.18 8.71
N ARG F 450 12.92 21.92 8.13
CA ARG F 450 13.24 20.63 7.55
C ARG F 450 13.25 19.54 8.59
N LEU F 451 13.95 19.78 9.68
CA LEU F 451 13.98 18.82 10.77
C LEU F 451 12.63 18.66 11.44
N LEU F 452 11.91 19.77 11.61
CA LEU F 452 10.58 19.66 12.18
C LEU F 452 9.73 18.78 11.29
N ASN F 453 9.84 18.98 9.99
CA ASN F 453 9.14 18.16 9.04
C ASN F 453 9.65 16.73 9.07
N MET F 454 10.94 16.55 9.34
CA MET F 454 11.50 15.21 9.49
C MET F 454 10.86 14.46 10.63
N GLY F 455 10.56 15.16 11.74
CA GLY F 455 9.86 14.53 12.85
C GLY F 455 10.46 14.72 14.23
N VAL F 456 11.58 15.44 14.35
CA VAL F 456 12.19 15.59 15.67
C VAL F 456 11.32 16.49 16.54
N GLU F 457 11.20 16.09 17.79
CA GLU F 457 10.41 16.82 18.76
C GLU F 457 11.02 18.20 19.03
N PRO F 458 10.20 19.25 19.16
CA PRO F 458 10.76 20.57 19.42
C PRO F 458 11.63 20.62 20.66
N PHE F 459 11.23 19.93 21.73
CA PHE F 459 12.05 20.02 22.94
C PHE F 459 13.41 19.36 22.74
N LEU F 460 13.49 18.29 21.96
CA LEU F 460 14.81 17.71 21.71
C LEU F 460 15.64 18.62 20.84
N VAL F 461 14.98 19.28 19.91
CA VAL F 461 15.64 20.22 19.03
C VAL F 461 16.20 21.37 19.84
N ALA F 462 15.37 21.96 20.69
CA ALA F 462 15.78 23.06 21.53
C ALA F 462 16.87 22.67 22.51
N SER F 463 16.86 21.42 22.96
CA SER F 463 17.82 21.01 23.96
C SER F 463 19.14 20.60 23.37
N ALA F 464 19.12 20.06 22.16
CA ALA F 464 20.35 19.49 21.62
C ALA F 464 21.07 20.51 20.79
N VAL F 465 20.35 21.35 20.08
CA VAL F 465 21.03 22.25 19.18
C VAL F 465 21.51 23.47 19.94
N ASN F 466 22.79 23.73 19.83
CA ASN F 466 23.35 24.95 20.38
C ASN F 466 23.43 26.07 19.34
N LEU F 467 23.63 25.71 18.07
CA LEU F 467 23.97 26.67 17.03
C LEU F 467 23.88 26.06 15.65
N ILE F 468 23.43 26.84 14.66
CA ILE F 468 23.40 26.40 13.28
C ILE F 468 24.16 27.41 12.45
N THR F 469 25.12 26.95 11.65
CA THR F 469 25.80 27.80 10.68
C THR F 469 25.51 27.33 9.27
N ALA F 470 25.54 28.28 8.35
CA ALA F 470 25.50 28.03 6.91
C ALA F 470 26.71 28.74 6.33
N GLN F 471 27.37 28.10 5.37
CA GLN F 471 28.57 28.70 4.83
C GLN F 471 28.77 28.35 3.37
N ARG F 472 29.15 29.37 2.61
CA ARG F 472 29.56 29.23 1.22
C ARG F 472 30.93 29.86 1.06
N LEU F 473 31.63 29.47 0.01
CA LEU F 473 32.79 30.20 -0.51
C LEU F 473 32.37 30.94 -1.77
N ALA F 474 32.48 32.27 -1.73
CA ALA F 474 32.25 33.15 -2.85
C ALA F 474 33.58 33.70 -3.35
N ARG F 475 33.62 34.10 -4.62
CA ARG F 475 34.89 34.58 -5.16
C ARG F 475 35.18 36.01 -4.74
N ARG F 476 36.46 36.27 -4.53
CA ARG F 476 36.99 37.51 -4.01
C ARG F 476 37.41 38.40 -5.18
N VAL F 477 36.95 39.66 -5.21
CA VAL F 477 37.29 40.52 -6.34
C VAL F 477 38.78 40.72 -6.39
N CYS F 478 39.32 40.61 -7.61
CA CYS F 478 40.73 40.82 -7.79
C CYS F 478 41.13 42.26 -7.49
N SER F 479 42.15 42.39 -6.66
CA SER F 479 42.67 43.67 -6.18
C SER F 479 43.41 44.45 -7.24
N GLU F 480 43.89 43.79 -8.28
CA GLU F 480 44.74 44.50 -9.22
C GLU F 480 43.85 45.23 -10.19
N CYS F 481 42.80 44.56 -10.68
CA CYS F 481 41.89 45.22 -11.56
C CYS F 481 40.69 45.75 -10.78
N LYS F 482 40.81 45.82 -9.45
CA LYS F 482 39.76 46.32 -8.60
C LYS F 482 39.58 47.80 -8.83
N GLN F 483 38.34 48.21 -9.03
CA GLN F 483 38.02 49.60 -9.23
C GLN F 483 36.73 49.81 -8.47
N PRO F 484 36.51 50.98 -7.86
CA PRO F 484 35.24 51.19 -7.17
C PRO F 484 34.13 51.21 -8.20
N GLU F 485 33.05 50.51 -7.89
CA GLU F 485 31.92 50.46 -8.79
C GLU F 485 30.78 51.25 -8.17
N GLU F 486 30.20 52.16 -8.96
CA GLU F 486 29.14 53.04 -8.46
C GLU F 486 27.83 52.26 -8.54
N ILE F 487 27.72 51.31 -7.63
CA ILE F 487 26.48 50.53 -7.49
C ILE F 487 25.45 51.38 -6.75
N PRO F 488 24.24 51.55 -7.29
CA PRO F 488 23.26 52.38 -6.59
C PRO F 488 22.91 51.78 -5.23
N ILE F 489 22.70 52.67 -4.27
CA ILE F 489 22.43 52.27 -2.88
C ILE F 489 21.17 51.40 -2.83
N GLN F 490 20.20 51.74 -3.67
CA GLN F 490 18.93 51.01 -3.68
C GLN F 490 19.10 49.55 -4.10
N ALA F 491 20.06 49.25 -4.99
CA ALA F 491 20.28 47.85 -5.33
C ALA F 491 20.77 47.07 -4.12
N LEU F 492 21.60 47.71 -3.30
CA LEU F 492 22.08 47.09 -2.09
C LEU F 492 20.95 46.92 -1.06
N ILE F 493 20.08 47.92 -0.90
CA ILE F 493 18.96 47.78 0.04
C ILE F 493 18.03 46.67 -0.42
N ASP F 494 17.83 46.59 -1.74
CA ASP F 494 17.03 45.52 -2.31
C ASP F 494 17.70 44.19 -2.03
N ALA F 495 19.03 44.18 -2.00
CA ALA F 495 19.78 42.97 -1.74
C ALA F 495 19.65 42.50 -0.29
N GLY F 496 19.29 43.38 0.65
CA GLY F 496 19.02 42.99 2.03
C GLY F 496 19.58 43.76 3.20
N VAL F 497 20.32 44.81 2.93
CA VAL F 497 20.86 45.66 3.98
C VAL F 497 19.74 46.55 4.49
N SER F 498 19.76 46.81 5.78
CA SER F 498 18.77 47.72 6.33
C SER F 498 18.97 49.08 5.67
N PRO F 499 17.90 49.83 5.39
CA PRO F 499 18.01 51.14 4.72
C PRO F 499 18.91 52.18 5.38
N ASP F 500 19.11 52.15 6.69
CA ASP F 500 19.98 53.12 7.34
C ASP F 500 21.46 52.92 7.04
N GLU F 501 21.87 51.71 6.66
CA GLU F 501 23.25 51.41 6.30
C GLU F 501 23.59 51.71 4.84
N ALA F 502 22.58 51.78 3.97
CA ALA F 502 22.73 51.92 2.54
C ALA F 502 23.72 52.93 1.97
N PRO F 503 23.60 54.20 2.34
CA PRO F 503 24.52 55.23 1.79
C PRO F 503 25.99 54.97 2.04
N SER F 504 26.33 54.25 3.10
CA SER F 504 27.72 53.98 3.45
C SER F 504 28.41 52.89 2.61
N TYR F 505 27.67 52.09 1.84
CA TYR F 505 28.32 51.03 1.07
C TYR F 505 29.19 51.57 -0.06
N VAL F 506 30.41 51.03 -0.16
CA VAL F 506 31.37 51.31 -1.23
C VAL F 506 31.61 50.01 -1.99
N CYS F 507 30.90 49.84 -3.08
CA CYS F 507 31.03 48.66 -3.92
C CYS F 507 32.23 48.69 -4.85
N TYR F 508 32.89 47.54 -4.97
CA TYR F 508 34.10 47.33 -5.76
C TYR F 508 33.90 46.26 -6.82
N LYS F 509 34.70 46.35 -7.88
CA LYS F 509 34.75 45.29 -8.89
C LYS F 509 36.07 45.22 -9.60
N GLY F 510 36.41 44.01 -10.01
CA GLY F 510 37.65 43.77 -10.68
C GLY F 510 37.34 43.96 -12.15
N THR F 511 38.19 44.70 -12.82
CA THR F 511 38.02 44.87 -14.26
C THR F 511 38.57 43.68 -15.05
N GLY F 512 39.31 42.78 -14.39
CA GLY F 512 39.87 41.59 -15.02
C GLY F 512 41.32 41.61 -15.45
N CYS F 513 42.06 40.58 -15.01
CA CYS F 513 43.47 40.41 -15.35
C CYS F 513 43.78 38.91 -15.28
N VAL F 514 45.04 38.57 -15.57
CA VAL F 514 45.44 37.16 -15.63
C VAL F 514 45.34 36.50 -14.29
N LYS F 515 45.51 37.26 -13.21
CA LYS F 515 45.50 36.63 -11.90
C LYS F 515 44.11 36.13 -11.60
N CYS F 516 43.10 36.75 -12.21
CA CYS F 516 41.71 36.45 -11.98
C CYS F 516 41.07 35.87 -13.21
N ASN F 517 41.86 35.26 -14.10
CA ASN F 517 41.35 34.67 -15.33
C ASN F 517 40.56 35.70 -16.14
N ASN F 518 40.93 36.97 -15.99
CA ASN F 518 40.23 38.07 -16.65
C ASN F 518 38.77 38.10 -16.23
N THR F 519 38.50 37.64 -15.03
CA THR F 519 37.17 37.62 -14.43
C THR F 519 36.95 38.79 -13.50
N GLY F 520 38.02 39.40 -12.99
CA GLY F 520 37.88 40.38 -11.95
C GLY F 520 37.83 39.77 -10.56
N TYR F 521 37.86 38.43 -10.45
CA TYR F 521 37.79 37.80 -9.15
C TYR F 521 38.91 36.77 -9.06
N LYS F 522 39.45 36.59 -7.85
CA LYS F 522 40.53 35.61 -7.69
C LYS F 522 40.56 35.03 -6.28
N GLY F 523 40.22 33.75 -6.15
CA GLY F 523 40.19 33.12 -4.87
C GLY F 523 38.85 33.26 -4.24
N ARG F 524 38.74 32.76 -3.00
CA ARG F 524 37.47 32.76 -2.31
C ARG F 524 37.58 33.27 -0.89
N VAL F 525 36.45 33.81 -0.45
CA VAL F 525 36.17 34.27 0.89
C VAL F 525 34.92 33.52 1.29
N GLY F 526 34.74 33.26 2.58
CA GLY F 526 33.59 32.51 3.04
C GLY F 526 32.54 33.45 3.58
N PHE F 527 31.30 33.25 3.09
CA PHE F 527 30.10 33.89 3.57
C PHE F 527 29.33 33.00 4.53
N TYR F 528 29.23 33.44 5.78
CA TYR F 528 28.68 32.68 6.89
C TYR F 528 27.37 33.35 7.32
N GLN F 529 26.41 32.53 7.75
CA GLN F 529 25.22 32.99 8.45
C GLN F 529 25.05 32.09 9.67
N VAL F 530 25.24 32.69 10.84
CA VAL F 530 25.28 32.00 12.14
C VAL F 530 24.07 32.30 13.02
N MET F 531 23.20 31.30 13.24
CA MET F 531 21.99 31.43 14.04
C MET F 531 22.27 30.61 15.28
N PRO F 532 22.64 31.22 16.40
CA PRO F 532 22.76 30.44 17.62
C PRO F 532 21.39 30.02 18.05
N MET F 533 21.33 28.88 18.73
CA MET F 533 20.08 28.40 19.26
C MET F 533 19.78 29.23 20.51
N LEU F 534 19.41 30.47 20.25
CA LEU F 534 19.08 31.44 21.27
C LEU F 534 17.83 31.00 22.01
N GLU F 535 17.68 31.49 23.24
CA GLU F 535 16.49 31.13 23.99
C GLU F 535 15.26 31.63 23.27
N GLU F 536 15.37 32.77 22.60
CA GLU F 536 14.25 33.27 21.80
C GLU F 536 13.98 32.29 20.67
N ILE F 537 15.07 31.78 20.08
CA ILE F 537 14.95 30.82 19.00
C ILE F 537 14.43 29.50 19.57
N ARG F 538 14.93 29.11 20.74
CA ARG F 538 14.44 27.90 21.39
C ARG F 538 12.95 27.97 21.65
N GLU F 539 12.48 29.11 22.17
CA GLU F 539 11.06 29.27 22.44
C GLU F 539 10.27 29.21 21.14
N LEU F 540 10.88 29.67 20.06
CA LEU F 540 10.24 29.51 18.75
C LEU F 540 10.11 28.03 18.42
N ILE F 541 11.14 27.23 18.75
CA ILE F 541 11.06 25.80 18.45
C ILE F 541 9.91 25.19 19.20
N LEU F 542 9.85 25.49 20.48
CA LEU F 542 8.86 24.89 21.36
C LEU F 542 7.44 25.30 21.02
N ASN F 543 7.27 26.34 20.19
CA ASN F 543 5.94 26.73 19.72
C ASN F 543 5.77 26.38 18.25
N GLY F 544 6.57 25.45 17.73
CA GLY F 544 6.35 24.96 16.38
C GLY F 544 6.59 26.00 15.32
N ALA F 545 7.52 26.92 15.54
CA ALA F 545 7.79 27.95 14.56
C ALA F 545 8.40 27.42 13.26
N ASN F 546 8.01 28.08 12.19
CA ASN F 546 8.42 27.82 10.81
C ASN F 546 9.64 28.64 10.46
N THR F 547 10.03 28.54 9.20
CA THR F 547 11.23 29.20 8.72
C THR F 547 11.08 30.72 8.76
N ALA F 548 9.92 31.23 8.35
CA ALA F 548 9.75 32.67 8.23
C ALA F 548 9.81 33.44 9.54
N GLU F 549 9.14 32.96 10.59
CA GLU F 549 9.17 33.69 11.86
C GLU F 549 10.47 33.50 12.58
N ILE F 550 11.16 32.40 12.29
CA ILE F 550 12.49 32.21 12.84
C ILE F 550 13.44 33.13 12.14
N LYS F 551 13.25 33.31 10.86
CA LYS F 551 14.04 34.24 10.09
C LYS F 551 13.79 35.68 10.53
N ARG F 552 12.52 36.03 10.76
CA ARG F 552 12.20 37.37 11.23
C ARG F 552 12.79 37.63 12.60
N GLU F 553 12.72 36.64 13.47
CA GLU F 553 13.27 36.77 14.80
C GLU F 553 14.78 36.85 14.75
N SER F 554 15.37 36.09 13.84
CA SER F 554 16.81 36.07 13.73
C SER F 554 17.32 37.41 13.22
N MET F 555 16.63 38.02 12.25
CA MET F 555 17.05 39.35 11.88
C MET F 555 16.77 40.33 13.01
N ARG F 556 15.67 40.13 13.74
CA ARG F 556 15.39 40.99 14.88
C ARG F 556 16.49 40.87 15.91
N LEU F 557 17.03 39.68 16.06
CA LEU F 557 18.02 39.36 17.08
C LEU F 557 19.45 39.42 16.57
N GLY F 558 19.70 39.98 15.40
CA GLY F 558 21.08 40.17 15.02
C GLY F 558 21.70 39.01 14.26
N ILE F 559 20.91 38.11 13.69
CA ILE F 559 21.48 36.97 12.98
C ILE F 559 21.75 37.38 11.54
N LYS F 560 23.04 37.50 11.21
CA LYS F 560 23.45 37.93 9.88
C LYS F 560 23.26 36.85 8.83
N THR F 561 22.78 37.25 7.66
CA THR F 561 22.68 36.34 6.55
C THR F 561 24.02 36.25 5.83
N MET F 562 24.12 35.30 4.90
CA MET F 562 25.34 35.20 4.12
C MET F 562 25.40 36.39 3.17
N ARG F 563 24.22 36.85 2.75
CA ARG F 563 24.09 38.06 1.94
C ARG F 563 24.51 39.31 2.71
N GLN F 564 24.11 39.44 3.97
CA GLN F 564 24.57 40.59 4.74
C GLN F 564 26.07 40.54 4.96
N SER F 565 26.62 39.35 5.20
CA SER F 565 28.06 39.22 5.33
C SER F 565 28.77 39.49 4.00
N GLY F 566 28.15 39.13 2.89
CA GLY F 566 28.74 39.43 1.60
C GLY F 566 28.72 40.91 1.31
N LEU F 567 27.62 41.58 1.62
CA LEU F 567 27.56 43.02 1.41
C LEU F 567 28.55 43.71 2.32
N THR F 568 28.79 43.14 3.49
CA THR F 568 29.85 43.65 4.35
C THR F 568 31.19 43.53 3.65
N LYS F 569 31.44 42.39 3.00
CA LYS F 569 32.67 42.22 2.26
C LYS F 569 32.73 43.13 1.04
N LEU F 570 31.57 43.48 0.51
CA LEU F 570 31.50 44.45 -0.56
C LEU F 570 31.88 45.80 -0.05
N LYS F 571 31.39 46.12 1.13
CA LYS F 571 31.74 47.39 1.74
C LYS F 571 33.23 47.40 2.01
N GLU F 572 33.78 46.26 2.41
CA GLU F 572 35.20 46.13 2.65
C GLU F 572 35.96 46.01 1.34
N GLY F 573 35.26 45.84 0.23
CA GLY F 573 35.87 45.83 -1.06
C GLY F 573 36.57 44.55 -1.43
N VAL F 574 36.31 43.44 -0.75
CA VAL F 574 37.00 42.21 -1.12
C VAL F 574 36.19 41.39 -2.10
N THR F 575 34.89 41.61 -2.18
CA THR F 575 34.06 40.91 -3.13
C THR F 575 33.14 41.95 -3.78
N SER F 576 32.54 41.58 -4.90
CA SER F 576 31.69 42.52 -5.62
C SER F 576 30.23 42.22 -5.34
N PHE F 577 29.37 43.18 -5.69
CA PHE F 577 27.94 43.02 -5.47
C PHE F 577 27.34 41.97 -6.39
N GLU F 578 27.83 41.91 -7.62
CA GLU F 578 27.26 40.98 -8.58
C GLU F 578 27.61 39.53 -8.27
N GLU F 579 28.77 39.26 -7.68
CA GLU F 579 29.04 37.87 -7.31
C GLU F 579 28.08 37.48 -6.20
N VAL F 580 27.77 38.46 -5.36
CA VAL F 580 26.85 38.26 -4.25
C VAL F 580 25.47 38.01 -4.82
N LEU F 581 25.08 38.79 -5.81
CA LEU F 581 23.79 38.63 -6.43
C LEU F 581 23.76 37.35 -7.25
N ARG F 582 24.92 36.88 -7.70
CA ARG F 582 24.98 35.68 -8.53
C ARG F 582 24.76 34.44 -7.71
N VAL F 583 25.41 34.39 -6.54
CA VAL F 583 25.44 33.19 -5.74
C VAL F 583 24.56 33.27 -4.50
N THR F 584 23.97 34.43 -4.23
CA THR F 584 23.08 34.64 -3.09
C THR F 584 21.80 35.30 -3.56
N VAL F 585 20.74 35.14 -2.78
CA VAL F 585 19.47 35.79 -3.05
C VAL F 585 19.28 36.83 -1.96
N ALA F 586 18.54 37.89 -2.29
CA ALA F 586 18.29 39.00 -1.38
C ALA F 586 17.38 38.69 -0.19
N ASP F 587 17.63 39.42 0.91
CA ASP F 587 16.92 39.31 2.17
C ASP F 587 15.67 40.16 2.17
N ASP F 588 15.83 41.45 1.85
CA ASP F 588 14.80 42.46 2.05
C ASP F 588 13.99 42.62 0.78
#